data_8JQI
#
_entry.id   8JQI
#
_cell.length_a   1.00
_cell.length_b   1.00
_cell.length_c   1.00
_cell.angle_alpha   90.00
_cell.angle_beta   90.00
_cell.angle_gamma   90.00
#
_symmetry.space_group_name_H-M   'P 1'
#
loop_
_entity.id
_entity.type
_entity.pdbx_description
1 polymer '1-phosphatidylinositol 4,5-bisphosphate phosphodiesterase gamma-2'
2 polymer 'Fibroblast growth factor receptor 1'
#
loop_
_entity_poly.entity_id
_entity_poly.type
_entity_poly.pdbx_seq_one_letter_code
_entity_poly.pdbx_strand_id
1 'polypeptide(L)'
;MSTTVNVDSLAEYEKSQIKRALELGTVMTVFSFRKSTPERRTVQVIMETRQVAWSKTADKIEGFLDIMEIKEIRPGKNSK
DFERAKAVRQKEDCCFTILYGTQFVLSTLSLAADSKEDAVNWLSGLKILHQEAMNASTPTIIESWLRKQIYSVDQTRRNS
ISLRELKTILPLINFKVSSAKFLKDKFVEIGAHKDELSFEQFHLFYKKLMFEQQKSILDEFKKDSSVFILGNTDRPDASA
VYLHDFQRFLIHEQQEHWAQDLNKVRERMTKFIDDTMRETAEPFLFVDEFLTYLFSRENSIWDEKYDAVDMQDMNNPLSH
YWISSSHNTYLTGDQLRSESSPEAYIRCLRMGCRCIELDCWDGPDGKPVIYHGWTRTTKIKFDDVVQAIKDHAFVTSSFP
VILSIEEHCSVEQQRHMAKAFKEVFGDLLLTKPTEASADQLPSPSQLREKIIIKHKKLGPRGDVDVNMEDKKDEHKQQGE
LYMWDSIDQKWTRHYCAIADAKLSFSDDIEQTMEEEVPQDIPPTELHFGEKWFHKKVEKRTSAEKLLQEYCMETGGKDGT
FLVRESETFPNDYTLSFWRSGRVQHCRIRSTMEGGTLKYYLTDNLTFSSIYALIQHYRETHLRCAEFELRLTDPVPNPNP
HESKPWYYDSLSRGEAEDMLMRIPRDGAFLIRKREGSDSYAITFRARGKVKHCRINRDGRHFVLGTSAYFESLVELVSYY
EKHSLYRKMRLRYPVTPELLERYNMERDINSLYDVSRMYVDPSEINPSMPQRTVKALYDYKAKRSDELSFCRGALIHNVS
KEPGGWWKGDYGTRIQQYFPSNYVEDISTADFEELEKQIIEDNPLGSLCRGILDLNTYNVVKAPQGKNQKSFVFILEPKQ
QGDPPVEFATDRVEELFEWFQSIREITWKIDTKENNMKYWEKNQSIAIELSDLVVYCKPTSKTKDNLENPDFREIRSFVE
TKADSIIRQKPVDLLKYNQKGLTRVYPKGQRVDSSNYDPFRLWLCGSQMVALNFQTADKYMQMNHALFSLNGRTGYVLQP
ESMRTEKYDPMPPESQRKILMTLTVKVLGARHLPKLGRSIACPFVEVEICGAEYDNNKFKTTVVNDNGLSPIWAPTQEKV
TFEIYDPNLAFLRFVVYEEDMFSDPNFLAHATYPIKAVKSGFRSVPLKNGYSEDIELASLLVFCEMRPVLESEEELYSSC
RQLRRRQEELNNQLFLYDTHQNLRNANRDALVKEFSVNENQLQLYQEKCNKRLREKRVSNSKFYS
;
A
2 'polypeptide(L)'
;MWSWKCLLFWAVLVTATLCTARPSPTLPEQAQPWGAPVEVESFLVHPGDLLQLRCRLRDDVQSINWLRDGVQLAESNRTR
ITGEEVEVQDSVPADSGLYACVTSSPSGSDTTYFSVNVSDALPSSEDDDDDDDSSSEEKETDNTKPNRMPVAPYWTSPEK
MEKKLHAVPAAKTVKFKCPSSGTPNPTLRWLKNGKEFKPDHRIGGYKVRYATWSIIMDSVVPSDKGNYTCIVENEYGSIN
HTYQLDVVERSPHRPILQAGLPANKTVALGSNVEFMCKVYSDPQPHIQWLKHIEVNGSKIGPDNLPYVQILKTAGVNTTD
KEMEVLHLRNVSFEDAGEYTCLAGNSIGLSHHSAWLTVLEALEERPAVMTSPLYLEIIIYCTGAFLISCMVGSVIVYKMK
SGTKKSDFHSQMAVHKLAKSIPLRRQVTVSADSSASMNSGVLLVRPSRLSSSGTPMLAGVSEYELPEDPRWELPRDRLVL
GKPLGEGCFGQVVLAEAIGLDKDKPNRVTKVAVKMLKSDATEKDLSDLISEMEMMKMIGKHKNIINLLGACTQDGPLYVI
VEYASKGNLREYLQARRPPGLEYCYNPSHNPEEQLSSKDLVSCAYQVARGMEYLASKKCIHRDLAARNVLVTEDNVMKIA
DFGLARDIHHIDYYKKTTNGRLPVKWMAPEALFDRIYTHQSDVWSFGVLLWEIFTLGGSPYPGVPVEELFKLLKEGHRMD
KPSNCTNELYMMMRDCWHAVPSQRPTFKQLVEDLDRIVALTSNQEYLDLSMPLDQYSPSFPDTRSSTCSSGEDSVFSHEP
LPEEPCLPRHPAQLANGGLKRR
;
B
#
# COMPACT_ATOMS: atom_id res chain seq x y z
N LEU A 10 22.74 -23.10 34.35
CA LEU A 10 23.76 -23.29 33.34
C LEU A 10 24.99 -22.44 33.61
N ALA A 11 26.16 -22.92 33.20
CA ALA A 11 27.38 -22.18 33.40
C ALA A 11 27.53 -21.09 32.35
N GLU A 12 28.37 -20.10 32.63
CA GLU A 12 28.50 -19.00 31.70
C GLU A 12 29.45 -19.32 30.58
N TYR A 13 30.50 -20.09 30.86
CA TYR A 13 31.37 -20.51 29.77
C TYR A 13 30.49 -21.21 28.76
N GLU A 14 29.50 -21.94 29.23
CA GLU A 14 28.59 -22.64 28.34
C GLU A 14 27.82 -21.66 27.48
N LYS A 15 27.35 -20.58 28.09
CA LYS A 15 26.58 -19.58 27.35
C LYS A 15 27.36 -19.09 26.15
N SER A 16 28.67 -18.97 26.30
CA SER A 16 29.49 -18.48 25.20
C SER A 16 29.25 -19.29 23.95
N GLN A 17 29.32 -20.61 24.08
CA GLN A 17 29.11 -21.48 22.92
C GLN A 17 27.68 -21.38 22.42
N ILE A 18 26.73 -21.31 23.36
CA ILE A 18 25.33 -21.23 22.97
C ILE A 18 25.07 -20.02 22.11
N LYS A 19 25.52 -18.85 22.58
CA LYS A 19 25.29 -17.62 21.83
C LYS A 19 26.06 -17.58 20.52
N ARG A 20 27.34 -17.95 20.57
CA ARG A 20 28.16 -17.91 19.36
C ARG A 20 27.57 -18.83 18.30
N ALA A 21 27.09 -20.00 18.74
CA ALA A 21 26.46 -20.91 17.80
C ALA A 21 25.24 -20.23 17.21
N LEU A 22 24.42 -19.63 18.07
CA LEU A 22 23.26 -18.91 17.58
C LEU A 22 23.70 -17.79 16.65
N GLU A 23 24.87 -17.23 16.92
CA GLU A 23 25.38 -16.14 16.07
C GLU A 23 25.87 -16.66 14.74
N LEU A 24 26.56 -17.79 14.73
CA LEU A 24 27.00 -18.37 13.45
C LEU A 24 25.80 -18.80 12.61
N GLY A 25 24.76 -19.34 13.26
CA GLY A 25 23.57 -19.76 12.56
C GLY A 25 23.72 -21.13 11.92
N THR A 26 22.61 -21.61 11.36
CA THR A 26 22.60 -22.90 10.69
C THR A 26 21.49 -22.93 9.67
N VAL A 27 21.63 -23.72 8.61
CA VAL A 27 20.54 -23.92 7.67
C VAL A 27 19.39 -24.56 8.44
N MET A 28 18.20 -24.00 8.33
CA MET A 28 17.09 -24.34 9.20
C MET A 28 15.83 -24.28 8.36
N THR A 29 15.02 -25.34 8.42
CA THR A 29 13.87 -25.46 7.54
C THR A 29 12.77 -24.51 7.99
N VAL A 30 12.34 -23.63 7.11
CA VAL A 30 11.35 -22.61 7.43
C VAL A 30 10.02 -23.02 6.81
N PHE A 31 8.98 -22.97 7.63
CA PHE A 31 7.60 -23.18 7.20
C PHE A 31 6.82 -21.89 7.40
N SER A 32 5.84 -21.67 6.53
CA SER A 32 4.84 -20.64 6.74
C SER A 32 3.63 -20.98 5.88
N PHE A 33 2.49 -20.38 6.21
CA PHE A 33 1.27 -20.71 5.49
C PHE A 33 1.34 -20.30 4.02
N ARG A 34 2.21 -19.35 3.67
CA ARG A 34 2.19 -18.79 2.32
C ARG A 34 2.78 -19.77 1.31
N LYS A 35 3.62 -20.69 1.75
CA LYS A 35 4.30 -21.64 0.86
C LYS A 35 4.03 -23.06 1.32
N SER A 36 3.42 -23.84 0.44
CA SER A 36 3.14 -25.24 0.78
C SER A 36 4.44 -26.01 0.93
N THR A 37 5.43 -25.72 0.10
CA THR A 37 6.73 -26.38 0.18
C THR A 37 7.65 -25.58 1.10
N PRO A 38 8.30 -26.20 2.08
CA PRO A 38 9.14 -25.44 3.00
C PRO A 38 10.43 -25.00 2.33
N GLU A 39 11.05 -23.95 2.88
CA GLU A 39 12.29 -23.43 2.32
C GLU A 39 13.45 -23.63 3.27
N ARG A 40 14.53 -24.21 2.74
CA ARG A 40 15.78 -24.37 3.48
C ARG A 40 16.47 -23.01 3.49
N ARG A 41 16.57 -22.39 4.65
CA ARG A 41 17.16 -21.08 4.76
C ARG A 41 18.01 -21.00 6.04
N THR A 42 19.16 -20.35 5.95
CA THR A 42 20.00 -20.24 7.13
C THR A 42 19.39 -19.27 8.11
N VAL A 43 19.31 -19.68 9.37
CA VAL A 43 18.80 -18.86 10.45
C VAL A 43 19.96 -18.56 11.39
N GLN A 44 20.17 -17.28 11.71
CA GLN A 44 21.20 -16.90 12.65
C GLN A 44 20.71 -15.72 13.48
N VAL A 45 21.15 -15.67 14.72
CA VAL A 45 20.82 -14.57 15.61
C VAL A 45 21.86 -13.48 15.45
N ILE A 46 21.46 -12.23 15.61
CA ILE A 46 22.35 -11.09 15.47
C ILE A 46 22.25 -10.26 16.74
N MET A 47 23.29 -10.32 17.57
CA MET A 47 23.33 -9.50 18.77
C MET A 47 23.21 -8.03 18.45
N GLU A 48 23.90 -7.58 17.42
CA GLU A 48 23.99 -6.15 17.16
C GLU A 48 22.62 -5.57 16.89
N THR A 49 21.81 -6.29 16.13
CA THR A 49 20.41 -5.97 15.96
C THR A 49 19.51 -6.69 16.95
N ARG A 50 20.03 -7.68 17.65
CA ARG A 50 19.22 -8.57 18.47
C ARG A 50 18.03 -9.08 17.67
N GLN A 51 18.30 -9.51 16.45
CA GLN A 51 17.27 -10.02 15.56
C GLN A 51 17.67 -11.41 15.09
N VAL A 52 16.72 -12.35 15.11
CA VAL A 52 17.01 -13.67 14.57
C VAL A 52 16.57 -13.66 13.12
N ALA A 53 17.51 -13.55 12.20
CA ALA A 53 17.21 -13.37 10.78
C ALA A 53 17.46 -14.66 10.02
N TRP A 54 16.62 -14.91 9.01
CA TRP A 54 16.69 -16.10 8.17
C TRP A 54 16.76 -15.67 6.71
N SER A 55 17.77 -16.18 6.00
CA SER A 55 18.02 -15.79 4.62
C SER A 55 18.81 -16.86 3.91
N LYS A 56 19.04 -16.65 2.62
CA LYS A 56 19.86 -17.55 1.82
C LYS A 56 21.31 -17.06 1.71
N THR A 57 21.51 -15.87 1.17
CA THR A 57 22.85 -15.33 1.00
C THR A 57 23.27 -14.60 2.27
N ALA A 58 24.53 -14.81 2.66
CA ALA A 58 25.01 -14.23 3.90
C ALA A 58 25.13 -12.72 3.82
N ASP A 59 25.19 -12.17 2.60
CA ASP A 59 25.35 -10.73 2.46
C ASP A 59 24.09 -9.99 2.90
N LYS A 60 22.92 -10.48 2.52
CA LYS A 60 21.66 -9.83 2.82
C LYS A 60 20.80 -10.74 3.68
N ILE A 61 20.20 -10.17 4.71
CA ILE A 61 19.30 -10.93 5.57
C ILE A 61 17.87 -10.74 5.09
N GLU A 62 17.19 -11.84 4.85
CA GLU A 62 15.90 -11.85 4.18
C GLU A 62 14.76 -11.47 5.11
N GLY A 63 14.60 -12.19 6.22
CA GLY A 63 13.51 -11.94 7.14
C GLY A 63 13.99 -11.35 8.46
N PHE A 64 13.20 -10.41 8.97
CA PHE A 64 13.50 -9.73 10.22
C PHE A 64 12.70 -10.40 11.32
N LEU A 65 13.21 -10.35 12.54
CA LEU A 65 12.47 -10.90 13.67
C LEU A 65 13.01 -10.27 14.94
N ASP A 66 12.27 -9.28 15.45
CA ASP A 66 12.68 -8.60 16.67
C ASP A 66 12.59 -9.57 17.84
N ILE A 67 13.69 -9.71 18.59
CA ILE A 67 13.70 -10.70 19.65
C ILE A 67 12.75 -10.28 20.77
N MET A 68 12.60 -8.97 20.99
CA MET A 68 11.77 -8.49 22.08
C MET A 68 10.30 -8.80 21.87
N GLU A 69 9.79 -8.67 20.65
CA GLU A 69 8.39 -8.91 20.36
C GLU A 69 8.06 -10.40 20.34
N ILE A 70 9.05 -11.26 20.54
CA ILE A 70 8.80 -12.68 20.69
C ILE A 70 8.06 -12.88 22.01
N LYS A 71 6.82 -13.38 21.93
CA LYS A 71 6.04 -13.50 23.14
C LYS A 71 6.17 -14.87 23.79
N GLU A 72 6.43 -15.92 23.02
CA GLU A 72 6.75 -17.19 23.64
C GLU A 72 7.42 -18.09 22.62
N ILE A 73 8.15 -19.08 23.12
CA ILE A 73 8.79 -20.10 22.30
C ILE A 73 8.22 -21.45 22.71
N ARG A 74 7.70 -22.19 21.74
CA ARG A 74 7.13 -23.47 22.09
C ARG A 74 7.75 -24.57 21.26
N PRO A 75 7.91 -25.75 21.84
CA PRO A 75 8.52 -26.86 21.09
C PRO A 75 7.47 -27.60 20.30
N GLY A 76 7.88 -28.70 19.67
CA GLY A 76 6.95 -29.54 18.96
C GLY A 76 6.43 -28.86 17.69
N LYS A 77 5.32 -29.39 17.20
CA LYS A 77 4.66 -28.87 16.02
C LYS A 77 3.31 -28.24 16.35
N ASN A 78 3.17 -27.65 17.52
CA ASN A 78 1.87 -27.12 17.95
C ASN A 78 1.73 -25.68 17.48
N SER A 79 1.64 -25.51 16.16
CA SER A 79 1.38 -24.20 15.60
C SER A 79 0.65 -24.36 14.28
N LYS A 80 -0.06 -23.30 13.89
CA LYS A 80 -0.92 -23.36 12.72
C LYS A 80 -0.14 -23.64 11.46
N ASP A 81 1.15 -23.39 11.48
CA ASP A 81 1.96 -23.55 10.29
C ASP A 81 2.11 -25.02 9.91
N PHE A 82 2.37 -25.87 10.90
CA PHE A 82 2.71 -27.25 10.62
C PHE A 82 1.47 -28.08 10.34
N GLU A 83 0.65 -27.62 9.41
CA GLU A 83 -0.51 -28.37 8.95
C GLU A 83 -0.38 -28.70 7.47
N ARG A 84 0.76 -28.38 6.88
CA ARG A 84 0.98 -28.66 5.46
C ARG A 84 1.42 -30.10 5.30
N ALA A 85 1.53 -30.82 6.42
CA ALA A 85 1.98 -32.21 6.36
C ALA A 85 3.35 -32.31 5.71
N LYS A 86 4.21 -31.35 5.98
CA LYS A 86 5.56 -31.37 5.43
C LYS A 86 6.59 -31.63 6.51
N ALA A 87 6.42 -30.98 7.66
CA ALA A 87 7.35 -31.16 8.77
C ALA A 87 7.14 -32.52 9.43
N VAL A 88 6.12 -33.25 8.99
CA VAL A 88 5.86 -34.57 9.54
C VAL A 88 7.13 -35.40 9.47
N ARG A 89 7.86 -35.26 8.37
CA ARG A 89 9.10 -36.00 8.22
C ARG A 89 10.03 -35.64 9.36
N GLN A 90 10.13 -34.35 9.66
CA GLN A 90 10.98 -33.91 10.76
C GLN A 90 10.44 -34.42 12.08
N LYS A 91 11.32 -34.85 12.96
CA LYS A 91 10.89 -35.40 14.25
C LYS A 91 10.15 -34.36 15.08
N GLU A 92 9.32 -34.82 16.01
CA GLU A 92 8.58 -33.90 16.86
C GLU A 92 9.54 -33.00 17.65
N ASP A 93 10.58 -33.60 18.23
CA ASP A 93 11.46 -32.84 19.11
C ASP A 93 12.15 -31.71 18.37
N CYS A 94 12.68 -31.98 17.18
CA CYS A 94 13.46 -30.96 16.48
C CYS A 94 12.58 -29.78 16.10
N CYS A 95 11.36 -30.04 15.68
CA CYS A 95 10.49 -28.96 15.24
C CYS A 95 10.16 -28.03 16.39
N PHE A 96 10.01 -26.75 16.07
CA PHE A 96 9.38 -25.84 16.99
C PHE A 96 8.82 -24.67 16.20
N THR A 97 8.36 -23.65 16.93
CA THR A 97 7.83 -22.46 16.31
C THR A 97 7.92 -21.31 17.31
N ILE A 98 8.05 -20.09 16.79
CA ILE A 98 8.16 -18.89 17.60
C ILE A 98 7.00 -17.97 17.24
N LEU A 99 6.36 -17.39 18.25
CA LEU A 99 5.23 -16.50 18.07
C LEU A 99 5.62 -15.09 18.47
N TYR A 100 5.23 -14.10 17.66
CA TYR A 100 5.77 -12.77 17.88
C TYR A 100 4.86 -11.73 17.24
N GLY A 101 5.18 -10.47 17.53
CA GLY A 101 4.49 -9.35 16.92
C GLY A 101 3.77 -8.49 17.94
N THR A 102 3.06 -7.46 17.48
CA THR A 102 2.23 -6.64 18.33
C THR A 102 0.77 -6.66 17.91
N GLN A 103 0.27 -7.82 17.47
CA GLN A 103 -1.12 -7.99 17.13
C GLN A 103 -1.71 -9.19 17.88
N PHE A 104 -3.04 -9.16 18.04
CA PHE A 104 -3.71 -10.24 18.75
C PHE A 104 -3.47 -11.57 18.07
N VAL A 105 -3.50 -11.59 16.74
CA VAL A 105 -2.94 -12.71 16.01
C VAL A 105 -1.43 -12.54 16.06
N LEU A 106 -0.73 -13.61 16.39
CA LEU A 106 0.72 -13.53 16.53
C LEU A 106 1.36 -14.13 15.29
N SER A 107 2.07 -13.31 14.54
CA SER A 107 2.73 -13.81 13.36
C SER A 107 3.83 -14.79 13.78
N THR A 108 3.92 -15.89 13.04
CA THR A 108 4.61 -17.09 13.48
C THR A 108 5.80 -17.38 12.57
N LEU A 109 6.86 -17.93 13.15
CA LEU A 109 8.02 -18.43 12.40
C LEU A 109 8.24 -19.87 12.82
N SER A 110 7.97 -20.80 11.93
CA SER A 110 7.98 -22.21 12.25
C SER A 110 9.22 -22.86 11.66
N LEU A 111 9.93 -23.61 12.49
CA LEU A 111 11.21 -24.15 12.07
C LEU A 111 11.29 -25.64 12.33
N ALA A 112 12.04 -26.31 11.45
CA ALA A 112 12.28 -27.75 11.51
C ALA A 112 13.78 -27.96 11.53
N ALA A 113 14.28 -28.68 12.52
CA ALA A 113 15.72 -28.81 12.71
C ALA A 113 16.27 -30.04 12.01
N ASP A 114 17.59 -30.19 12.08
CA ASP A 114 18.23 -31.33 11.45
C ASP A 114 18.69 -32.37 12.47
N SER A 115 19.04 -31.93 13.68
CA SER A 115 19.40 -32.82 14.78
C SER A 115 18.84 -32.25 16.09
N LYS A 116 18.53 -33.13 17.04
CA LYS A 116 17.82 -32.72 18.24
C LYS A 116 18.62 -31.71 19.05
N GLU A 117 19.88 -32.03 19.36
CA GLU A 117 20.68 -31.18 20.23
C GLU A 117 20.69 -29.75 19.71
N ASP A 118 20.69 -29.60 18.38
CA ASP A 118 20.59 -28.28 17.80
C ASP A 118 19.26 -27.63 18.17
N ALA A 119 18.17 -28.39 18.12
CA ALA A 119 16.89 -27.80 18.45
C ALA A 119 16.86 -27.35 19.91
N VAL A 120 17.37 -28.19 20.80
CA VAL A 120 17.38 -27.84 22.21
C VAL A 120 18.21 -26.59 22.44
N ASN A 121 19.37 -26.52 21.79
CA ASN A 121 20.18 -25.32 21.94
C ASN A 121 19.48 -24.12 21.34
N TRP A 122 18.75 -24.31 20.24
CA TRP A 122 17.99 -23.21 19.67
C TRP A 122 17.02 -22.63 20.69
N LEU A 123 16.17 -23.48 21.25
CA LEU A 123 15.16 -22.97 22.16
C LEU A 123 15.82 -22.36 23.39
N SER A 124 16.88 -23.00 23.89
CA SER A 124 17.57 -22.47 25.06
C SER A 124 18.13 -21.08 24.80
N GLY A 125 18.83 -20.93 23.68
CA GLY A 125 19.43 -19.65 23.37
C GLY A 125 18.39 -18.57 23.15
N LEU A 126 17.32 -18.89 22.44
CA LEU A 126 16.26 -17.91 22.25
C LEU A 126 15.66 -17.49 23.57
N LYS A 127 15.45 -18.46 24.47
CA LYS A 127 14.92 -18.10 25.78
C LYS A 127 15.85 -17.14 26.50
N ILE A 128 17.13 -17.51 26.61
CA ILE A 128 18.07 -16.72 27.40
C ILE A 128 18.22 -15.32 26.81
N LEU A 129 18.29 -15.26 25.48
CA LEU A 129 18.32 -13.97 24.81
C LEU A 129 17.07 -13.17 25.13
N HIS A 130 15.92 -13.84 25.23
CA HIS A 130 14.71 -13.13 25.58
C HIS A 130 14.81 -12.52 26.96
N GLN A 131 15.29 -13.28 27.94
CA GLN A 131 15.35 -12.70 29.28
C GLN A 131 16.35 -11.56 29.34
N GLU A 132 17.50 -11.71 28.69
CA GLU A 132 18.47 -10.62 28.72
C GLU A 132 17.93 -9.39 28.02
N ALA A 133 17.24 -9.57 26.89
CA ALA A 133 16.67 -8.44 26.18
C ALA A 133 15.62 -7.75 27.02
N MET A 134 14.77 -8.53 27.70
CA MET A 134 13.84 -7.94 28.64
C MET A 134 14.57 -7.22 29.76
N ASN A 135 15.74 -7.71 30.15
CA ASN A 135 16.56 -7.08 31.18
C ASN A 135 17.51 -6.06 30.61
N ALA A 136 17.57 -5.93 29.29
CA ALA A 136 18.59 -5.11 28.66
C ALA A 136 18.43 -3.64 29.03
N SER A 137 19.55 -2.98 29.21
CA SER A 137 19.53 -1.56 29.55
C SER A 137 19.11 -0.73 28.35
N THR A 138 18.56 0.44 28.64
CA THR A 138 18.04 1.30 27.57
C THR A 138 19.10 1.76 26.59
N PRO A 139 20.28 2.25 26.99
CA PRO A 139 21.27 2.64 25.98
C PRO A 139 21.68 1.49 25.08
N THR A 140 21.77 0.29 25.62
CA THR A 140 22.12 -0.85 24.78
C THR A 140 21.05 -1.10 23.73
N ILE A 141 19.78 -0.97 24.13
CA ILE A 141 18.73 -1.22 23.14
C ILE A 141 18.63 -0.06 22.16
N ILE A 142 19.02 1.15 22.59
CA ILE A 142 19.13 2.25 21.66
C ILE A 142 20.17 1.95 20.61
N GLU A 143 21.31 1.41 21.04
CA GLU A 143 22.33 0.98 20.10
C GLU A 143 21.77 -0.06 19.15
N SER A 144 21.05 -1.05 19.67
CA SER A 144 20.49 -2.08 18.81
C SER A 144 19.52 -1.48 17.80
N TRP A 145 18.75 -0.47 18.22
CA TRP A 145 17.75 0.13 17.34
C TRP A 145 18.40 0.97 16.25
N LEU A 146 19.45 1.73 16.60
CA LEU A 146 20.21 2.44 15.59
C LEU A 146 20.81 1.47 14.60
N ARG A 147 21.33 0.35 15.10
CA ARG A 147 21.84 -0.68 14.22
C ARG A 147 20.75 -1.25 13.34
N LYS A 148 19.54 -1.39 13.86
CA LYS A 148 18.42 -1.86 13.04
C LYS A 148 18.15 -0.89 11.92
N GLN A 149 18.18 0.41 12.21
CA GLN A 149 17.99 1.41 11.18
C GLN A 149 19.07 1.31 10.11
N ILE A 150 20.31 1.11 10.55
CA ILE A 150 21.42 0.95 9.61
C ILE A 150 21.20 -0.29 8.72
N TYR A 151 20.82 -1.41 9.34
CA TYR A 151 20.51 -2.61 8.58
C TYR A 151 19.35 -2.38 7.62
N SER A 152 18.46 -1.46 7.94
CA SER A 152 17.32 -1.23 7.08
C SER A 152 17.69 -0.38 5.87
N VAL A 153 18.58 0.58 6.04
CA VAL A 153 18.80 1.56 4.97
C VAL A 153 19.28 0.88 3.69
N ASP A 154 20.05 -0.20 3.83
CA ASP A 154 20.34 -1.08 2.72
C ASP A 154 20.52 -2.48 3.29
N GLN A 155 20.37 -3.49 2.46
CA GLN A 155 20.42 -4.84 3.00
C GLN A 155 21.82 -5.43 2.99
N THR A 156 22.84 -4.62 2.68
CA THR A 156 24.23 -5.06 2.70
C THR A 156 24.81 -5.13 4.11
N ARG A 157 23.98 -4.95 5.14
CA ARG A 157 24.36 -5.03 6.55
C ARG A 157 25.60 -4.21 6.88
N ARG A 158 25.88 -3.18 6.09
CA ARG A 158 27.11 -2.44 6.30
C ARG A 158 27.07 -1.67 7.61
N ASN A 159 28.23 -1.18 8.01
CA ASN A 159 28.38 -0.39 9.23
C ASN A 159 28.69 1.07 8.94
N SER A 160 28.26 1.57 7.78
CA SER A 160 28.53 2.95 7.40
C SER A 160 27.28 3.57 6.79
N ILE A 161 27.17 4.89 6.93
CA ILE A 161 26.07 5.66 6.35
C ILE A 161 26.63 6.90 5.67
N SER A 162 26.03 7.25 4.53
CA SER A 162 26.37 8.47 3.81
C SER A 162 25.34 9.56 4.10
N LEU A 163 25.65 10.77 3.65
CA LEU A 163 24.75 11.90 3.82
C LEU A 163 23.35 11.59 3.32
N ARG A 164 23.26 11.03 2.11
CA ARG A 164 21.96 10.80 1.48
C ARG A 164 21.15 9.77 2.25
N GLU A 165 21.80 8.70 2.72
CA GLU A 165 21.09 7.69 3.49
C GLU A 165 20.55 8.30 4.79
N LEU A 166 21.34 9.17 5.42
CA LEU A 166 20.89 9.88 6.61
C LEU A 166 19.64 10.70 6.34
N LYS A 167 19.68 11.52 5.28
CA LYS A 167 18.53 12.35 4.99
C LYS A 167 17.30 11.52 4.69
N THR A 168 17.46 10.42 3.95
CA THR A 168 16.32 9.54 3.72
C THR A 168 15.96 8.76 4.97
N ILE A 169 16.85 8.76 5.97
CA ILE A 169 16.60 8.03 7.21
C ILE A 169 15.85 8.88 8.24
N LEU A 170 15.92 10.20 8.11
CA LEU A 170 15.20 11.07 9.03
C LEU A 170 13.70 10.76 9.06
N PRO A 171 13.09 10.56 7.88
CA PRO A 171 11.68 10.17 7.89
C PRO A 171 11.49 8.85 8.62
N LEU A 172 12.43 7.92 8.46
CA LEU A 172 12.34 6.64 9.15
C LEU A 172 12.25 6.85 10.64
N ILE A 173 13.05 7.77 11.17
CA ILE A 173 13.02 8.04 12.61
C ILE A 173 11.96 9.09 12.91
N ASN A 174 11.12 9.41 11.93
CA ASN A 174 10.06 10.38 12.13
C ASN A 174 10.59 11.73 12.56
N PHE A 175 11.75 12.10 12.03
CA PHE A 175 12.31 13.41 12.33
C PHE A 175 12.49 14.20 11.05
N LYS A 176 12.08 15.46 11.05
CA LYS A 176 12.19 16.26 9.85
C LYS A 176 13.46 17.09 9.88
N VAL A 177 14.13 17.15 8.74
CA VAL A 177 15.30 18.02 8.64
C VAL A 177 14.71 19.40 8.47
N SER A 178 15.18 20.35 9.26
CA SER A 178 14.60 21.69 9.24
C SER A 178 14.95 22.42 7.94
N SER A 179 16.23 22.49 7.60
CA SER A 179 16.63 23.19 6.39
C SER A 179 17.80 22.54 5.65
N ALA A 180 18.27 21.37 6.11
CA ALA A 180 19.41 20.63 5.55
C ALA A 180 20.73 21.38 5.67
N LYS A 181 20.74 22.60 6.22
CA LYS A 181 21.97 23.35 6.38
C LYS A 181 22.56 23.25 7.79
N PHE A 182 21.74 23.03 8.81
CA PHE A 182 22.31 22.75 10.12
C PHE A 182 22.73 21.29 10.23
N LEU A 183 22.26 20.44 9.32
CA LEU A 183 22.66 19.04 9.34
C LEU A 183 24.14 18.88 9.02
N LYS A 184 24.63 19.59 8.00
CA LYS A 184 26.06 19.57 7.72
C LYS A 184 26.83 20.23 8.87
N ASP A 185 26.23 21.21 9.53
CA ASP A 185 26.87 21.81 10.69
C ASP A 185 27.03 20.78 11.80
N LYS A 186 26.01 19.97 12.03
CA LYS A 186 26.11 18.90 13.00
C LYS A 186 27.15 17.88 12.58
N PHE A 187 27.26 17.63 11.28
CA PHE A 187 28.35 16.79 10.77
C PHE A 187 29.71 17.35 11.17
N VAL A 188 29.89 18.65 10.99
CA VAL A 188 31.17 19.27 11.35
C VAL A 188 31.42 19.10 12.84
N GLU A 189 30.39 19.35 13.65
CA GLU A 189 30.55 19.25 15.10
C GLU A 189 30.91 17.84 15.52
N ILE A 190 30.22 16.83 14.98
CA ILE A 190 30.48 15.46 15.39
C ILE A 190 31.79 14.94 14.84
N GLY A 191 32.42 15.69 13.95
CA GLY A 191 33.72 15.32 13.41
C GLY A 191 33.66 14.44 12.20
N ALA A 192 32.50 13.88 11.88
CA ALA A 192 32.37 13.08 10.68
C ALA A 192 32.61 13.95 9.46
N HIS A 193 33.19 13.35 8.43
CA HIS A 193 33.61 14.07 7.24
C HIS A 193 33.29 13.26 6.01
N LYS A 194 33.50 13.88 4.85
CA LYS A 194 33.36 13.25 3.54
C LYS A 194 32.03 12.51 3.41
N ASP A 195 31.02 13.03 4.10
CA ASP A 195 29.65 12.55 3.98
C ASP A 195 29.57 11.05 4.23
N GLU A 196 30.33 10.59 5.21
CA GLU A 196 30.33 9.19 5.62
C GLU A 196 30.14 9.11 7.13
N LEU A 197 29.52 8.02 7.56
CA LEU A 197 29.19 7.82 8.97
C LEU A 197 29.60 6.44 9.41
N SER A 198 30.66 6.36 10.20
CA SER A 198 30.87 5.17 10.98
C SER A 198 29.73 5.02 11.99
N PHE A 199 29.59 3.82 12.52
CA PHE A 199 28.46 3.52 13.37
C PHE A 199 28.44 4.42 14.60
N GLU A 200 29.59 4.62 15.24
CA GLU A 200 29.66 5.39 16.47
C GLU A 200 29.51 6.88 16.20
N GLN A 201 30.01 7.36 15.06
CA GLN A 201 29.72 8.75 14.69
C GLN A 201 28.22 8.97 14.60
N PHE A 202 27.51 8.02 13.99
CA PHE A 202 26.07 8.13 13.93
C PHE A 202 25.46 8.11 15.32
N HIS A 203 25.99 7.26 16.19
CA HIS A 203 25.44 7.15 17.54
C HIS A 203 25.57 8.49 18.28
N LEU A 204 26.75 9.10 18.17
CA LEU A 204 26.99 10.39 18.82
C LEU A 204 26.13 11.49 18.19
N PHE A 205 26.07 11.51 16.86
CA PHE A 205 25.23 12.48 16.17
C PHE A 205 23.78 12.34 16.61
N TYR A 206 23.34 11.11 16.80
CA TYR A 206 21.99 10.80 17.21
C TYR A 206 21.72 11.42 18.57
N LYS A 207 22.61 11.12 19.52
CA LYS A 207 22.50 11.71 20.86
C LYS A 207 22.47 13.23 20.79
N LYS A 208 23.37 13.81 19.98
CA LYS A 208 23.43 15.26 19.89
C LYS A 208 22.12 15.82 19.37
N LEU A 209 21.52 15.16 18.39
CA LEU A 209 20.24 15.61 17.87
C LEU A 209 19.20 15.67 18.96
N MET A 210 19.02 14.55 19.68
CA MET A 210 18.02 14.59 20.73
C MET A 210 18.34 15.65 21.77
N PHE A 211 19.60 15.75 22.19
CA PHE A 211 19.92 16.63 23.29
C PHE A 211 19.69 18.08 22.91
N GLU A 212 20.18 18.48 21.74
CA GLU A 212 19.98 19.86 21.30
C GLU A 212 18.50 20.15 21.08
N GLN A 213 17.75 19.16 20.58
CA GLN A 213 16.33 19.37 20.35
C GLN A 213 15.58 19.58 21.67
N GLN A 214 15.88 18.78 22.68
CA GLN A 214 14.99 18.68 23.84
C GLN A 214 15.72 18.98 25.13
N LYS A 215 16.74 19.83 25.07
CA LYS A 215 17.40 20.26 26.28
C LYS A 215 16.53 21.15 27.17
N SER A 216 15.50 21.78 26.62
CA SER A 216 14.63 22.58 27.47
C SER A 216 13.91 21.72 28.50
N ILE A 217 13.75 20.43 28.24
CA ILE A 217 13.29 19.51 29.28
C ILE A 217 14.11 19.69 30.53
N LEU A 218 15.42 19.49 30.43
CA LEU A 218 16.28 19.62 31.58
C LEU A 218 16.33 21.05 32.07
N ASP A 219 16.17 22.01 31.15
CA ASP A 219 16.16 23.41 31.55
C ASP A 219 15.05 23.68 32.55
N GLU A 220 13.85 23.14 32.30
CA GLU A 220 12.80 23.22 33.31
C GLU A 220 13.08 22.30 34.48
N PHE A 221 13.69 21.15 34.20
CA PHE A 221 13.93 20.16 35.24
C PHE A 221 14.56 20.75 36.50
N LYS A 222 15.66 21.49 36.33
CA LYS A 222 16.33 22.09 37.47
C LYS A 222 15.41 23.08 38.16
N LYS A 223 14.75 23.94 37.38
CA LYS A 223 13.80 24.88 37.93
C LYS A 223 14.39 25.66 39.11
N ASP A 224 13.63 25.75 40.21
CA ASP A 224 14.09 26.49 41.37
C ASP A 224 13.27 26.12 42.59
N SER A 225 13.60 26.69 43.75
CA SER A 225 12.84 26.42 44.97
C SER A 225 12.86 24.94 45.32
N SER A 226 13.93 24.24 44.94
CA SER A 226 13.97 22.79 45.17
C SER A 226 15.37 22.28 45.47
N VAL A 227 15.47 21.03 45.91
CA VAL A 227 16.77 20.44 46.18
C VAL A 227 17.62 20.48 44.93
N PHE A 228 18.91 20.78 45.09
CA PHE A 228 19.78 20.90 43.93
C PHE A 228 20.00 19.55 43.26
N ILE A 229 19.51 19.41 42.03
CA ILE A 229 19.70 18.17 41.30
C ILE A 229 20.67 18.45 40.17
N LEU A 230 20.39 19.47 39.38
CA LEU A 230 21.31 19.86 38.31
C LEU A 230 21.87 21.25 38.57
N GLY A 231 23.08 21.47 38.06
CA GLY A 231 23.66 22.79 38.04
C GLY A 231 23.34 23.50 36.75
N ASN A 232 24.10 24.54 36.42
CA ASN A 232 23.86 25.33 35.22
C ASN A 232 24.51 24.73 33.99
N THR A 233 25.18 23.60 34.13
CA THR A 233 25.86 22.96 33.01
C THR A 233 24.90 22.03 32.25
N ASP A 234 23.74 22.58 31.91
CA ASP A 234 22.79 21.92 31.03
C ASP A 234 22.98 22.34 29.59
N ARG A 235 24.07 23.04 29.28
CA ARG A 235 24.43 23.43 27.94
C ARG A 235 24.63 22.15 27.13
N PRO A 236 24.49 22.19 25.81
CA PRO A 236 24.84 21.02 25.01
C PRO A 236 26.14 20.33 25.41
N ASP A 237 27.07 21.05 26.04
CA ASP A 237 28.24 20.41 26.61
C ASP A 237 27.84 19.27 27.53
N ALA A 238 28.36 18.09 27.24
CA ALA A 238 28.13 16.96 28.12
C ALA A 238 28.65 17.28 29.51
N SER A 239 27.85 16.96 30.53
CA SER A 239 28.28 17.06 31.91
C SER A 239 27.84 15.81 32.65
N ALA A 240 28.57 15.51 33.71
CA ALA A 240 28.40 14.26 34.43
C ALA A 240 27.31 14.39 35.48
N VAL A 241 26.60 13.29 35.70
CA VAL A 241 25.70 13.14 36.83
C VAL A 241 26.47 12.42 37.92
N TYR A 242 26.55 13.05 39.08
CA TYR A 242 27.30 12.46 40.18
C TYR A 242 26.42 11.56 41.03
N LEU A 243 27.03 10.47 41.50
CA LEU A 243 26.28 9.41 42.18
C LEU A 243 25.61 9.94 43.43
N HIS A 244 26.32 10.75 44.22
CA HIS A 244 25.68 11.37 45.37
C HIS A 244 24.58 12.32 44.95
N ASP A 245 24.84 13.11 43.90
CA ASP A 245 23.79 13.98 43.37
C ASP A 245 22.63 13.14 42.85
N PHE A 246 22.92 12.02 42.19
CA PHE A 246 21.85 11.21 41.64
C PHE A 246 20.99 10.61 42.75
N GLN A 247 21.61 10.09 43.81
CA GLN A 247 20.81 9.54 44.89
C GLN A 247 20.06 10.64 45.62
N ARG A 248 20.64 11.85 45.70
CA ARG A 248 19.87 12.98 46.19
C ARG A 248 18.61 13.17 45.35
N PHE A 249 18.77 13.12 44.03
CA PHE A 249 17.64 13.27 43.13
C PHE A 249 16.58 12.21 43.39
N LEU A 250 16.98 10.94 43.40
CA LEU A 250 16.00 9.88 43.60
C LEU A 250 15.30 10.02 44.95
N ILE A 251 16.05 10.33 46.00
CA ILE A 251 15.45 10.39 47.33
C ILE A 251 14.48 11.55 47.44
N HIS A 252 14.82 12.69 46.85
CA HIS A 252 13.93 13.83 46.95
C HIS A 252 12.90 13.89 45.83
N GLU A 253 13.35 14.04 44.58
CA GLU A 253 12.39 14.26 43.51
C GLU A 253 11.58 13.01 43.22
N GLN A 254 12.23 11.86 43.06
CA GLN A 254 11.50 10.65 42.72
C GLN A 254 11.04 9.86 43.92
N GLN A 255 11.48 10.23 45.12
CA GLN A 255 10.96 9.67 46.36
C GLN A 255 11.00 8.14 46.33
N GLU A 256 12.19 7.61 46.12
CA GLU A 256 12.41 6.17 46.07
C GLU A 256 12.98 5.69 47.38
N HIS A 257 12.29 4.74 48.02
CA HIS A 257 12.76 4.25 49.32
C HIS A 257 14.08 3.51 49.17
N TRP A 258 14.22 2.72 48.10
CA TRP A 258 15.44 1.96 47.91
C TRP A 258 16.58 2.86 47.50
N ALA A 259 16.27 4.11 47.13
CA ALA A 259 17.29 5.09 46.84
C ALA A 259 18.00 5.59 48.09
N GLN A 260 17.52 5.23 49.29
CA GLN A 260 18.24 5.62 50.49
C GLN A 260 19.62 4.98 50.55
N ASP A 261 19.73 3.72 50.15
CA ASP A 261 21.03 3.08 50.07
C ASP A 261 21.80 3.56 48.86
N LEU A 262 23.08 3.90 49.08
CA LEU A 262 23.92 4.33 47.98
C LEU A 262 24.32 3.16 47.09
N ASN A 263 24.54 1.98 47.68
CA ASN A 263 25.02 0.85 46.88
C ASN A 263 23.99 0.46 45.83
N LYS A 264 22.69 0.55 46.17
CA LYS A 264 21.66 0.31 45.16
C LYS A 264 21.79 1.29 44.02
N VAL A 265 22.05 2.56 44.33
CA VAL A 265 22.20 3.57 43.30
C VAL A 265 23.37 3.23 42.38
N ARG A 266 24.49 2.81 42.98
CA ARG A 266 25.65 2.42 42.19
C ARG A 266 25.32 1.24 41.29
N GLU A 267 24.60 0.24 41.82
CA GLU A 267 24.23 -0.90 41.01
C GLU A 267 23.35 -0.47 39.84
N ARG A 268 22.47 0.49 40.09
CA ARG A 268 21.56 0.93 39.03
C ARG A 268 22.29 1.66 37.93
N MET A 269 23.21 2.56 38.29
CA MET A 269 24.06 3.17 37.27
C MET A 269 24.84 2.12 36.50
N THR A 270 25.38 1.14 37.21
CA THR A 270 26.20 0.12 36.55
C THR A 270 25.36 -0.65 35.53
N LYS A 271 24.13 -0.98 35.89
CA LYS A 271 23.26 -1.67 34.93
C LYS A 271 22.92 -0.76 33.76
N PHE A 272 22.55 0.49 34.04
CA PHE A 272 21.96 1.33 33.00
C PHE A 272 23.00 1.75 31.99
N ILE A 273 24.17 2.21 32.45
CA ILE A 273 25.22 2.62 31.53
C ILE A 273 25.77 1.41 30.78
N ASP A 274 26.03 0.32 31.50
CA ASP A 274 26.52 -0.92 30.93
C ASP A 274 27.79 -0.69 30.10
N ASP A 275 28.73 0.04 30.69
CA ASP A 275 29.99 0.33 30.02
C ASP A 275 31.15 -0.22 30.82
N THR A 276 31.92 -1.12 30.21
CA THR A 276 33.03 -1.72 30.92
C THR A 276 34.21 -0.77 31.03
N MET A 277 34.22 0.29 30.22
CA MET A 277 35.18 1.36 30.43
C MET A 277 34.93 2.08 31.74
N ARG A 278 33.67 2.34 32.06
CA ARG A 278 33.32 3.05 33.28
C ARG A 278 33.39 2.12 34.48
N GLU A 279 34.61 1.87 34.97
CA GLU A 279 34.80 1.09 36.19
C GLU A 279 35.18 1.96 37.36
N THR A 280 35.00 3.28 37.24
CA THR A 280 35.31 4.19 38.31
C THR A 280 34.41 3.92 39.52
N ALA A 281 34.97 4.18 40.71
CA ALA A 281 34.24 3.94 41.95
C ALA A 281 32.98 4.79 42.00
N GLU A 282 32.94 5.87 41.22
CA GLU A 282 31.76 6.71 41.11
C GLU A 282 31.38 6.79 39.63
N PRO A 283 30.66 5.82 39.09
CA PRO A 283 30.20 5.93 37.70
C PRO A 283 29.33 7.16 37.53
N PHE A 284 29.48 7.82 36.39
CA PHE A 284 28.83 9.08 36.11
C PHE A 284 28.00 8.98 34.84
N LEU A 285 26.80 9.53 34.89
CA LEU A 285 25.90 9.62 33.75
C LEU A 285 26.05 11.00 33.14
N PHE A 286 26.18 11.05 31.81
CA PHE A 286 26.24 12.34 31.15
C PHE A 286 24.89 13.04 31.21
N VAL A 287 24.90 14.37 31.07
CA VAL A 287 23.64 15.12 31.12
C VAL A 287 22.69 14.60 30.05
N ASP A 288 23.19 14.41 28.84
CA ASP A 288 22.38 13.78 27.81
C ASP A 288 22.03 12.36 28.21
N GLU A 289 22.98 11.64 28.81
CA GLU A 289 22.66 10.31 29.32
C GLU A 289 21.62 10.39 30.42
N PHE A 290 21.62 11.47 31.19
CA PHE A 290 20.56 11.68 32.17
C PHE A 290 19.21 11.85 31.49
N LEU A 291 19.19 12.56 30.36
CA LEU A 291 17.98 12.59 29.54
C LEU A 291 17.53 11.19 29.16
N THR A 292 18.47 10.39 28.64
CA THR A 292 18.12 9.03 28.24
C THR A 292 17.56 8.25 29.41
N TYR A 293 18.13 8.44 30.60
CA TYR A 293 17.56 7.86 31.80
C TYR A 293 16.12 8.31 31.99
N LEU A 294 15.88 9.61 31.95
CA LEU A 294 14.53 10.12 32.20
C LEU A 294 13.53 9.64 31.17
N PHE A 295 13.98 9.21 29.99
CA PHE A 295 13.08 8.58 29.02
C PHE A 295 13.12 7.06 29.07
N SER A 296 13.99 6.49 29.89
CA SER A 296 14.21 5.06 29.84
C SER A 296 13.16 4.31 30.64
N ARG A 297 13.11 2.99 30.48
CA ARG A 297 12.06 2.21 31.12
C ARG A 297 12.16 2.20 32.63
N GLU A 298 13.37 2.10 33.19
CA GLU A 298 13.49 1.91 34.63
C GLU A 298 12.87 3.07 35.39
N ASN A 299 12.71 4.22 34.74
CA ASN A 299 11.96 5.32 35.32
C ASN A 299 10.49 5.31 34.91
N SER A 300 9.92 4.12 34.70
CA SER A 300 8.51 4.04 34.42
C SER A 300 7.69 4.66 35.54
N ILE A 301 6.55 5.24 35.18
CA ILE A 301 5.59 5.65 36.19
C ILE A 301 5.06 4.44 36.94
N TRP A 302 5.13 3.27 36.32
CA TRP A 302 4.48 2.09 36.87
C TRP A 302 5.33 1.49 37.98
N ASP A 303 4.73 1.35 39.15
CA ASP A 303 5.44 0.90 40.35
C ASP A 303 5.72 -0.60 40.24
N GLU A 304 6.97 -0.98 40.50
CA GLU A 304 7.33 -2.38 40.40
C GLU A 304 6.63 -3.24 41.44
N LYS A 305 6.29 -2.67 42.60
CA LYS A 305 5.86 -3.48 43.73
C LYS A 305 4.60 -4.28 43.45
N TYR A 306 3.79 -3.87 42.47
CA TYR A 306 2.61 -4.64 42.13
C TYR A 306 2.88 -5.78 41.17
N ASP A 307 4.08 -5.87 40.62
CA ASP A 307 4.41 -6.96 39.73
C ASP A 307 4.43 -8.30 40.45
N ALA A 308 4.89 -8.29 41.69
CA ALA A 308 4.91 -9.50 42.49
C ALA A 308 3.50 -9.84 42.90
N VAL A 309 2.94 -10.90 42.33
CA VAL A 309 1.58 -11.27 42.66
C VAL A 309 1.43 -11.30 44.17
N ASP A 310 0.48 -10.55 44.70
CA ASP A 310 0.32 -10.47 46.15
C ASP A 310 -0.43 -11.68 46.68
N MET A 311 0.30 -12.59 47.32
CA MET A 311 -0.32 -13.81 47.84
C MET A 311 -1.31 -13.53 48.97
N GLN A 312 -0.93 -12.70 49.94
CA GLN A 312 -1.81 -12.43 51.07
C GLN A 312 -3.13 -11.89 50.55
N ASP A 313 -3.11 -11.24 49.38
CA ASP A 313 -4.35 -10.78 48.79
C ASP A 313 -5.10 -11.87 48.04
N MET A 314 -4.58 -13.09 48.01
CA MET A 314 -5.24 -14.20 47.35
C MET A 314 -5.92 -15.13 48.34
N ASN A 315 -6.10 -14.70 49.58
CA ASN A 315 -6.78 -15.51 50.58
C ASN A 315 -8.28 -15.25 50.64
N ASN A 316 -8.75 -14.16 50.05
CA ASN A 316 -10.16 -13.81 50.16
C ASN A 316 -11.03 -14.77 49.36
N PRO A 317 -12.29 -14.91 49.72
CA PRO A 317 -13.21 -15.70 48.89
C PRO A 317 -13.31 -15.12 47.50
N LEU A 318 -13.49 -16.01 46.51
CA LEU A 318 -13.41 -15.63 45.11
C LEU A 318 -14.41 -14.55 44.75
N SER A 319 -15.47 -14.39 45.53
CA SER A 319 -16.47 -13.37 45.25
C SER A 319 -15.90 -11.97 45.35
N HIS A 320 -14.72 -11.80 45.94
CA HIS A 320 -14.14 -10.49 46.15
C HIS A 320 -13.03 -10.15 45.17
N TYR A 321 -13.06 -10.71 43.97
CA TYR A 321 -12.01 -10.47 42.98
C TYR A 321 -12.61 -10.10 41.63
N TRP A 322 -12.12 -9.01 41.06
CA TRP A 322 -12.29 -8.79 39.63
C TRP A 322 -11.45 -9.81 38.87
N ILE A 323 -12.05 -10.46 37.88
CA ILE A 323 -11.42 -11.57 37.20
C ILE A 323 -11.20 -11.20 35.74
N SER A 324 -10.13 -11.74 35.18
CA SER A 324 -9.88 -11.56 33.76
C SER A 324 -10.72 -12.54 32.96
N SER A 325 -11.74 -12.04 32.28
CA SER A 325 -12.63 -12.86 31.47
C SER A 325 -12.80 -12.22 30.11
N SER A 326 -13.10 -13.04 29.11
CA SER A 326 -13.17 -12.57 27.74
C SER A 326 -14.43 -13.10 27.07
N HIS A 327 -14.92 -12.36 26.08
CA HIS A 327 -16.20 -12.64 25.44
C HIS A 327 -15.96 -13.24 24.05
N ASN A 328 -16.39 -14.48 23.87
CA ASN A 328 -16.24 -15.20 22.61
C ASN A 328 -14.82 -15.04 22.07
N THR A 329 -13.84 -15.54 22.83
CA THR A 329 -12.43 -15.35 22.44
C THR A 329 -12.03 -15.96 21.09
N TYR A 330 -12.68 -17.04 20.69
CA TYR A 330 -12.27 -17.72 19.45
C TYR A 330 -12.16 -16.78 18.26
N LEU A 331 -12.93 -15.70 18.27
CA LEU A 331 -12.91 -14.74 17.16
C LEU A 331 -11.69 -13.84 17.19
N THR A 332 -10.75 -14.04 16.27
CA THR A 332 -9.59 -13.16 16.19
C THR A 332 -9.91 -11.78 15.64
N GLY A 333 -11.16 -11.57 15.20
CA GLY A 333 -11.57 -10.28 14.70
C GLY A 333 -13.03 -10.05 14.99
N ASP A 334 -13.76 -9.51 14.03
CA ASP A 334 -15.20 -9.27 14.21
C ASP A 334 -15.93 -10.56 14.48
N GLN A 335 -16.99 -10.49 15.27
CA GLN A 335 -17.77 -11.68 15.60
C GLN A 335 -18.22 -12.35 14.31
N LEU A 336 -18.24 -11.61 13.22
CA LEU A 336 -18.65 -12.16 11.94
C LEU A 336 -17.48 -12.19 10.97
N ARG A 337 -17.29 -13.32 10.28
CA ARG A 337 -16.23 -13.44 9.29
C ARG A 337 -14.82 -13.24 9.84
N SER A 338 -14.52 -13.83 10.99
CA SER A 338 -13.18 -13.75 11.55
C SER A 338 -12.58 -15.14 11.65
N GLU A 339 -11.31 -15.30 11.28
CA GLU A 339 -10.71 -16.60 11.44
C GLU A 339 -10.64 -16.95 12.92
N SER A 340 -11.02 -18.18 13.26
CA SER A 340 -10.92 -18.65 14.63
C SER A 340 -9.81 -19.68 14.71
N SER A 341 -8.84 -19.44 15.57
CA SER A 341 -7.72 -20.35 15.72
C SER A 341 -7.37 -20.52 17.19
N PRO A 342 -6.89 -21.69 17.59
CA PRO A 342 -6.55 -21.89 19.00
C PRO A 342 -5.52 -20.92 19.49
N GLU A 343 -4.65 -20.43 18.61
CA GLU A 343 -3.66 -19.45 19.03
C GLU A 343 -4.31 -18.23 19.63
N ALA A 344 -5.56 -17.95 19.25
CA ALA A 344 -6.31 -16.92 19.95
C ALA A 344 -6.45 -17.26 21.41
N TYR A 345 -6.82 -18.51 21.73
CA TYR A 345 -6.91 -18.93 23.12
C TYR A 345 -5.55 -18.89 23.80
N ILE A 346 -4.50 -19.32 23.10
CA ILE A 346 -3.17 -19.32 23.70
C ILE A 346 -2.76 -17.92 24.08
N ARG A 347 -2.86 -17.00 23.14
CA ARG A 347 -2.49 -15.62 23.42
C ARG A 347 -3.38 -15.03 24.48
N CYS A 348 -4.65 -15.40 24.49
CA CYS A 348 -5.58 -14.96 25.52
C CYS A 348 -5.08 -15.38 26.90
N LEU A 349 -4.79 -16.67 27.07
CA LEU A 349 -4.35 -17.16 28.37
C LEU A 349 -3.04 -16.52 28.77
N ARG A 350 -2.11 -16.40 27.83
CA ARG A 350 -0.82 -15.79 28.15
C ARG A 350 -0.97 -14.31 28.47
N MET A 351 -2.05 -13.67 28.04
CA MET A 351 -2.31 -12.32 28.54
C MET A 351 -2.47 -12.34 30.05
N GLY A 352 -3.10 -13.38 30.57
CA GLY A 352 -3.45 -13.42 31.97
C GLY A 352 -4.95 -13.47 32.14
N CYS A 353 -5.66 -13.95 31.12
CA CYS A 353 -7.08 -14.17 31.30
C CYS A 353 -7.27 -15.39 32.17
N ARG A 354 -8.39 -15.43 32.88
CA ARG A 354 -8.70 -16.57 33.73
C ARG A 354 -10.15 -17.02 33.58
N CYS A 355 -10.84 -16.52 32.55
CA CYS A 355 -12.17 -17.02 32.22
C CYS A 355 -12.36 -16.87 30.72
N ILE A 356 -12.64 -17.98 30.06
CA ILE A 356 -12.63 -18.05 28.61
C ILE A 356 -13.93 -18.67 28.14
N GLU A 357 -14.40 -18.24 26.97
CA GLU A 357 -15.70 -18.65 26.45
C GLU A 357 -15.53 -19.69 25.34
N LEU A 358 -16.34 -20.74 25.39
CA LEU A 358 -16.44 -21.72 24.31
C LEU A 358 -17.91 -21.81 23.91
N ASP A 359 -18.20 -21.44 22.66
CA ASP A 359 -19.54 -21.62 22.13
C ASP A 359 -19.54 -22.83 21.21
N CYS A 360 -19.51 -24.01 21.83
CA CYS A 360 -19.44 -25.24 21.06
C CYS A 360 -20.74 -25.49 20.31
N TRP A 361 -20.63 -25.99 19.08
CA TRP A 361 -21.79 -26.30 18.25
C TRP A 361 -21.70 -27.76 17.82
N ASP A 362 -22.55 -28.13 16.87
CA ASP A 362 -22.61 -29.50 16.42
C ASP A 362 -21.29 -29.92 15.78
N GLY A 363 -20.93 -31.19 15.97
CA GLY A 363 -19.75 -31.75 15.37
C GLY A 363 -20.07 -32.52 14.12
N PRO A 364 -19.36 -32.23 13.03
CA PRO A 364 -19.67 -32.91 11.76
C PRO A 364 -19.52 -34.41 11.82
N ASP A 365 -18.34 -34.89 12.19
CA ASP A 365 -18.13 -36.31 12.42
C ASP A 365 -18.62 -36.76 13.79
N GLY A 366 -18.94 -35.81 14.67
CA GLY A 366 -19.36 -36.12 16.02
C GLY A 366 -18.58 -35.31 17.04
N LYS A 367 -17.29 -35.16 16.83
CA LYS A 367 -16.49 -34.31 17.70
C LYS A 367 -16.93 -32.86 17.52
N PRO A 368 -17.28 -32.16 18.59
CA PRO A 368 -17.81 -30.81 18.43
C PRO A 368 -16.74 -29.85 17.94
N VAL A 369 -17.18 -28.63 17.64
CA VAL A 369 -16.31 -27.58 17.14
C VAL A 369 -16.76 -26.27 17.77
N ILE A 370 -16.14 -25.18 17.32
CA ILE A 370 -16.47 -23.85 17.79
C ILE A 370 -16.61 -22.93 16.59
N TYR A 371 -17.67 -22.13 16.56
CA TYR A 371 -17.81 -21.04 15.61
C TYR A 371 -18.95 -20.15 16.07
N HIS A 372 -18.80 -18.84 15.88
CA HIS A 372 -19.88 -17.94 16.25
C HIS A 372 -21.14 -18.32 15.50
N GLY A 373 -22.25 -18.35 16.22
CA GLY A 373 -23.48 -18.92 15.72
C GLY A 373 -23.99 -18.34 14.42
N TRP A 374 -24.27 -19.21 13.45
CA TRP A 374 -24.88 -18.81 12.19
C TRP A 374 -24.07 -17.72 11.49
N THR A 375 -22.76 -17.89 11.48
CA THR A 375 -21.89 -16.97 10.76
C THR A 375 -20.93 -17.77 9.89
N ARG A 376 -20.02 -17.06 9.24
CA ARG A 376 -19.06 -17.68 8.33
C ARG A 376 -17.67 -17.76 8.94
N THR A 377 -17.54 -17.51 10.24
CA THR A 377 -16.27 -17.77 10.90
C THR A 377 -15.97 -19.26 10.90
N THR A 378 -14.72 -19.59 10.63
CA THR A 378 -14.35 -20.97 10.36
C THR A 378 -14.51 -21.85 11.59
N LYS A 379 -14.22 -23.13 11.41
CA LYS A 379 -14.36 -24.11 12.48
C LYS A 379 -12.98 -24.69 12.83
N ILE A 380 -12.77 -24.88 14.13
CA ILE A 380 -11.57 -25.49 14.67
C ILE A 380 -11.97 -26.59 15.63
N LYS A 381 -11.33 -27.75 15.52
CA LYS A 381 -11.75 -28.92 16.27
C LYS A 381 -11.56 -28.70 17.77
N PHE A 382 -12.39 -29.37 18.55
CA PHE A 382 -12.45 -29.10 19.99
C PHE A 382 -11.27 -29.73 20.73
N ASP A 383 -10.81 -30.91 20.30
CA ASP A 383 -9.72 -31.56 21.00
C ASP A 383 -8.47 -30.70 20.99
N ASP A 384 -8.17 -30.08 19.85
CA ASP A 384 -7.07 -29.12 19.79
C ASP A 384 -7.31 -27.98 20.78
N VAL A 385 -8.55 -27.52 20.86
CA VAL A 385 -8.84 -26.39 21.74
C VAL A 385 -8.50 -26.75 23.17
N VAL A 386 -9.00 -27.88 23.66
CA VAL A 386 -8.77 -28.22 25.05
C VAL A 386 -7.31 -28.57 25.30
N GLN A 387 -6.66 -29.21 24.32
CA GLN A 387 -5.26 -29.55 24.47
C GLN A 387 -4.43 -28.28 24.65
N ALA A 388 -4.72 -27.25 23.83
CA ALA A 388 -4.04 -25.98 23.96
C ALA A 388 -4.37 -25.31 25.28
N ILE A 389 -5.61 -25.42 25.73
CA ILE A 389 -5.99 -24.85 27.02
C ILE A 389 -5.09 -25.43 28.11
N LYS A 390 -4.97 -26.76 28.14
CA LYS A 390 -4.12 -27.39 29.13
C LYS A 390 -2.67 -26.95 28.99
N ASP A 391 -2.18 -26.95 27.75
CA ASP A 391 -0.76 -26.68 27.53
C ASP A 391 -0.41 -25.23 27.80
N HIS A 392 -1.40 -24.37 28.01
CA HIS A 392 -1.13 -22.98 28.37
C HIS A 392 -2.08 -22.47 29.43
N ALA A 393 -2.63 -23.35 30.26
CA ALA A 393 -3.59 -22.92 31.28
C ALA A 393 -2.92 -22.07 32.36
N PHE A 394 -1.82 -22.57 32.92
CA PHE A 394 -1.24 -21.98 34.11
C PHE A 394 0.19 -21.48 33.91
N VAL A 395 0.70 -21.54 32.69
CA VAL A 395 2.14 -21.32 32.47
C VAL A 395 2.53 -19.90 32.84
N THR A 396 1.73 -18.91 32.45
CA THR A 396 2.01 -17.54 32.86
C THR A 396 1.36 -17.18 34.17
N SER A 397 0.18 -17.70 34.46
CA SER A 397 -0.44 -17.53 35.77
C SER A 397 -1.09 -18.84 36.18
N SER A 398 -0.68 -19.36 37.34
CA SER A 398 -1.13 -20.66 37.79
C SER A 398 -2.43 -20.63 38.57
N PHE A 399 -3.09 -19.48 38.63
CA PHE A 399 -4.35 -19.36 39.34
C PHE A 399 -5.48 -20.02 38.53
N PRO A 400 -6.61 -20.34 39.18
CA PRO A 400 -7.67 -21.09 38.49
C PRO A 400 -8.25 -20.33 37.32
N VAL A 401 -8.71 -21.09 36.33
CA VAL A 401 -9.32 -20.54 35.13
C VAL A 401 -10.76 -21.03 35.07
N ILE A 402 -11.60 -20.26 34.38
CA ILE A 402 -13.03 -20.54 34.28
C ILE A 402 -13.39 -20.64 32.80
N LEU A 403 -13.58 -21.86 32.31
CA LEU A 403 -14.00 -22.02 30.92
C LEU A 403 -15.53 -22.03 30.90
N SER A 404 -16.09 -21.09 30.15
CA SER A 404 -17.53 -20.95 30.04
C SER A 404 -18.02 -21.66 28.79
N ILE A 405 -19.14 -22.37 28.91
CA ILE A 405 -19.65 -23.19 27.84
C ILE A 405 -21.04 -22.71 27.48
N GLU A 406 -21.17 -22.14 26.29
CA GLU A 406 -22.48 -21.86 25.69
C GLU A 406 -22.78 -23.09 24.84
N GLU A 407 -23.19 -24.17 25.51
CA GLU A 407 -23.45 -25.43 24.84
C GLU A 407 -24.51 -25.29 23.77
N HIS A 408 -24.28 -25.94 22.64
CA HIS A 408 -25.29 -25.96 21.58
C HIS A 408 -25.36 -27.29 20.82
N CYS A 409 -24.58 -28.28 21.18
CA CYS A 409 -24.49 -29.49 20.39
C CYS A 409 -25.49 -30.52 20.88
N SER A 410 -25.42 -31.73 20.30
CA SER A 410 -26.29 -32.81 20.69
C SER A 410 -25.75 -33.51 21.93
N VAL A 411 -26.60 -34.36 22.53
CA VAL A 411 -26.27 -34.95 23.82
C VAL A 411 -25.03 -35.83 23.70
N GLU A 412 -24.97 -36.67 22.66
CA GLU A 412 -23.79 -37.50 22.48
C GLU A 412 -22.53 -36.66 22.30
N GLN A 413 -22.67 -35.50 21.65
CA GLN A 413 -21.51 -34.64 21.47
C GLN A 413 -21.09 -33.99 22.78
N GLN A 414 -22.04 -33.62 23.64
CA GLN A 414 -21.65 -33.19 24.97
C GLN A 414 -21.02 -34.32 25.79
N ARG A 415 -21.52 -35.54 25.64
CA ARG A 415 -20.90 -36.67 26.33
C ARG A 415 -19.44 -36.81 25.91
N HIS A 416 -19.19 -36.77 24.60
CA HIS A 416 -17.80 -36.84 24.14
C HIS A 416 -17.00 -35.64 24.61
N MET A 417 -17.61 -34.46 24.64
CA MET A 417 -16.92 -33.26 25.08
C MET A 417 -16.46 -33.40 26.53
N ALA A 418 -17.36 -33.84 27.41
CA ALA A 418 -16.99 -34.01 28.81
C ALA A 418 -15.99 -35.13 29.00
N LYS A 419 -16.15 -36.22 28.24
CA LYS A 419 -15.19 -37.31 28.34
C LYS A 419 -13.80 -36.83 27.96
N ALA A 420 -13.71 -36.04 26.90
CA ALA A 420 -12.42 -35.45 26.54
C ALA A 420 -11.91 -34.54 27.62
N PHE A 421 -12.81 -33.72 28.19
CA PHE A 421 -12.45 -32.89 29.33
C PHE A 421 -11.70 -33.71 30.38
N LYS A 422 -12.35 -34.75 30.86
CA LYS A 422 -11.78 -35.52 31.96
C LYS A 422 -10.50 -36.24 31.53
N GLU A 423 -10.50 -36.82 30.33
CA GLU A 423 -9.34 -37.60 29.90
C GLU A 423 -8.11 -36.72 29.71
N VAL A 424 -8.28 -35.49 29.23
CA VAL A 424 -7.12 -34.64 29.01
C VAL A 424 -6.78 -33.79 30.22
N PHE A 425 -7.68 -33.69 31.20
CA PHE A 425 -7.36 -32.84 32.34
C PHE A 425 -6.96 -33.59 33.59
N GLY A 426 -7.58 -34.73 33.89
CA GLY A 426 -7.20 -35.47 35.08
C GLY A 426 -7.40 -34.61 36.32
N ASP A 427 -6.34 -34.49 37.11
CA ASP A 427 -6.40 -33.72 38.34
C ASP A 427 -6.47 -32.22 38.11
N LEU A 428 -6.06 -31.74 36.94
CA LEU A 428 -6.08 -30.30 36.70
C LEU A 428 -7.50 -29.76 36.74
N LEU A 429 -8.45 -30.52 36.20
CA LEU A 429 -9.85 -30.16 36.26
C LEU A 429 -10.36 -30.20 37.70
N LEU A 430 -11.32 -29.34 38.00
CA LEU A 430 -12.01 -29.37 39.28
C LEU A 430 -13.23 -30.28 39.14
N THR A 431 -13.22 -31.40 39.86
CA THR A 431 -14.33 -32.34 39.82
C THR A 431 -15.01 -32.56 41.16
N LYS A 432 -14.54 -31.91 42.22
CA LYS A 432 -15.14 -32.02 43.54
C LYS A 432 -14.99 -30.69 44.27
N PRO A 433 -16.01 -30.27 45.03
CA PRO A 433 -15.88 -29.02 45.79
C PRO A 433 -14.70 -29.08 46.74
N THR A 434 -13.99 -27.95 46.85
CA THR A 434 -12.83 -27.90 47.73
C THR A 434 -13.22 -27.91 49.20
N GLU A 435 -14.26 -27.17 49.57
CA GLU A 435 -14.76 -27.14 50.94
C GLU A 435 -16.24 -27.48 50.90
N ALA A 436 -16.56 -28.76 51.10
CA ALA A 436 -17.93 -29.23 50.91
C ALA A 436 -18.89 -28.54 51.89
N SER A 437 -18.46 -28.37 53.13
CA SER A 437 -19.31 -27.76 54.15
C SER A 437 -19.30 -26.25 54.10
N ALA A 438 -18.44 -25.64 53.29
CA ALA A 438 -18.40 -24.19 53.21
C ALA A 438 -19.65 -23.65 52.55
N ASP A 439 -20.01 -22.43 52.91
CA ASP A 439 -21.15 -21.74 52.32
C ASP A 439 -20.73 -20.60 51.40
N GLN A 440 -19.48 -20.58 50.94
CA GLN A 440 -18.99 -19.44 50.19
C GLN A 440 -17.95 -19.88 49.17
N LEU A 441 -17.64 -18.96 48.26
CA LEU A 441 -16.62 -19.18 47.26
C LEU A 441 -15.24 -19.26 47.92
N PRO A 442 -14.40 -20.19 47.48
CA PRO A 442 -13.10 -20.35 48.13
C PRO A 442 -12.11 -19.27 47.74
N SER A 443 -10.96 -19.29 48.35
CA SER A 443 -9.92 -18.35 47.98
C SER A 443 -9.26 -18.79 46.67
N PRO A 444 -8.82 -17.84 45.85
CA PRO A 444 -8.16 -18.23 44.61
C PRO A 444 -6.95 -19.10 44.84
N SER A 445 -6.26 -18.88 45.96
CA SER A 445 -5.14 -19.74 46.33
C SER A 445 -5.60 -21.18 46.49
N GLN A 446 -6.74 -21.38 47.15
CA GLN A 446 -7.26 -22.73 47.32
C GLN A 446 -7.58 -23.40 45.99
N LEU A 447 -7.87 -22.61 44.95
CA LEU A 447 -8.22 -23.16 43.65
C LEU A 447 -7.06 -23.11 42.67
N ARG A 448 -5.83 -22.95 43.16
CA ARG A 448 -4.68 -22.86 42.27
C ARG A 448 -4.46 -24.16 41.52
N GLU A 449 -4.03 -24.03 40.26
CA GLU A 449 -3.85 -25.17 39.36
C GLU A 449 -5.12 -25.99 39.21
N LYS A 450 -6.27 -25.32 39.15
CA LYS A 450 -7.54 -26.00 38.98
C LYS A 450 -8.29 -25.34 37.82
N ILE A 451 -9.19 -26.10 37.21
CA ILE A 451 -9.99 -25.62 36.09
C ILE A 451 -11.47 -25.74 36.44
N ILE A 452 -12.18 -24.61 36.38
CA ILE A 452 -13.61 -24.54 36.65
C ILE A 452 -14.36 -24.58 35.34
N ILE A 453 -15.39 -25.40 35.29
CA ILE A 453 -16.25 -25.55 34.14
C ILE A 453 -17.58 -24.88 34.45
N LYS A 454 -17.95 -23.87 33.67
CA LYS A 454 -19.19 -23.15 33.86
C LYS A 454 -20.14 -23.48 32.72
N HIS A 455 -21.35 -23.93 33.07
CA HIS A 455 -22.23 -24.52 32.08
C HIS A 455 -23.57 -24.81 32.74
N LYS A 456 -24.63 -24.73 31.95
CA LYS A 456 -25.97 -25.01 32.44
C LYS A 456 -26.05 -26.41 33.04
N LYS A 457 -26.58 -26.52 34.24
CA LYS A 457 -26.74 -27.83 34.85
C LYS A 457 -28.17 -28.32 34.66
N LEU A 458 -28.51 -29.47 35.24
CA LEU A 458 -29.88 -29.93 35.19
C LEU A 458 -30.80 -29.00 35.97
N GLY A 459 -32.09 -29.12 35.68
CA GLY A 459 -33.08 -28.25 36.28
C GLY A 459 -33.28 -28.57 37.73
N PRO A 460 -34.13 -27.76 38.36
CA PRO A 460 -34.26 -27.85 39.83
C PRO A 460 -34.66 -29.22 40.33
N ARG A 461 -35.41 -29.97 39.52
CA ARG A 461 -35.83 -31.32 39.87
C ARG A 461 -34.95 -32.39 39.26
N GLY A 462 -33.83 -32.01 38.65
CA GLY A 462 -33.00 -32.96 37.96
C GLY A 462 -33.37 -33.19 36.51
N ASP A 463 -34.35 -32.48 35.99
CA ASP A 463 -34.70 -32.49 34.57
C ASP A 463 -34.54 -31.09 34.02
N VAL A 464 -34.02 -31.01 32.79
CA VAL A 464 -33.75 -29.73 32.14
C VAL A 464 -34.98 -28.81 32.16
N LYS A 476 -33.37 -15.88 10.45
CA LYS A 476 -32.30 -14.98 10.06
C LYS A 476 -31.33 -15.68 9.10
N GLN A 477 -31.02 -15.03 7.99
CA GLN A 477 -30.10 -15.56 7.00
C GLN A 477 -28.92 -14.62 6.86
N GLN A 478 -27.71 -15.19 6.89
CA GLN A 478 -26.47 -14.44 6.83
C GLN A 478 -25.50 -15.13 5.88
N GLY A 479 -24.68 -14.35 5.19
CA GLY A 479 -23.62 -14.91 4.37
C GLY A 479 -22.93 -13.87 3.53
N GLU A 480 -21.80 -14.28 2.94
CA GLU A 480 -21.07 -13.42 2.01
C GLU A 480 -21.75 -13.54 0.66
N LEU A 481 -22.26 -12.43 0.15
CA LEU A 481 -23.03 -12.38 -1.08
C LEU A 481 -22.35 -11.45 -2.07
N TYR A 482 -22.88 -11.42 -3.29
CA TYR A 482 -22.26 -10.66 -4.36
C TYR A 482 -23.05 -9.40 -4.71
N MET A 483 -22.31 -8.35 -5.07
CA MET A 483 -22.86 -7.07 -5.50
C MET A 483 -22.40 -6.78 -6.92
N TRP A 484 -23.35 -6.61 -7.83
CA TRP A 484 -23.08 -6.15 -9.18
C TRP A 484 -23.54 -4.71 -9.30
N ASP A 485 -22.63 -3.82 -9.65
CA ASP A 485 -22.94 -2.41 -9.82
C ASP A 485 -22.57 -1.99 -11.24
N SER A 486 -23.48 -1.26 -11.89
CA SER A 486 -23.18 -0.70 -13.20
C SER A 486 -22.06 0.33 -13.12
N ILE A 487 -22.04 1.11 -12.03
CA ILE A 487 -20.95 2.05 -11.81
C ILE A 487 -19.61 1.33 -11.73
N ASP A 488 -19.53 0.29 -10.90
CA ASP A 488 -18.25 -0.36 -10.70
C ASP A 488 -18.00 -1.44 -11.75
N GLN A 489 -19.05 -1.90 -12.41
CA GLN A 489 -18.97 -2.95 -13.43
C GLN A 489 -18.15 -4.14 -12.97
N LYS A 490 -18.15 -4.42 -11.67
CA LYS A 490 -17.50 -5.62 -11.17
C LYS A 490 -18.29 -6.17 -9.98
N TRP A 491 -18.08 -7.46 -9.73
CA TRP A 491 -18.73 -8.14 -8.63
C TRP A 491 -17.90 -8.02 -7.36
N THR A 492 -18.51 -7.48 -6.32
CA THR A 492 -17.86 -7.23 -5.05
C THR A 492 -18.52 -8.06 -3.96
N ARG A 493 -17.71 -8.79 -3.19
CA ARG A 493 -18.24 -9.63 -2.14
C ARG A 493 -18.53 -8.77 -0.91
N HIS A 494 -19.79 -8.71 -0.53
CA HIS A 494 -20.25 -7.96 0.64
C HIS A 494 -20.96 -8.91 1.58
N TYR A 495 -20.75 -8.74 2.87
CA TYR A 495 -21.43 -9.58 3.85
C TYR A 495 -22.86 -9.08 3.97
N CYS A 496 -23.82 -10.00 4.05
CA CYS A 496 -25.22 -9.65 4.03
C CYS A 496 -25.98 -10.43 5.11
N ALA A 497 -26.97 -9.75 5.68
CA ALA A 497 -27.83 -10.31 6.72
C ALA A 497 -29.25 -9.78 6.52
N ILE A 498 -30.23 -10.50 7.06
CA ILE A 498 -31.63 -10.12 6.94
C ILE A 498 -32.24 -10.05 8.33
N ALA A 499 -33.05 -9.01 8.57
CA ALA A 499 -33.77 -8.88 9.82
C ALA A 499 -34.81 -7.78 9.68
N ASP A 500 -35.93 -7.92 10.40
CA ASP A 500 -36.95 -6.88 10.50
C ASP A 500 -37.42 -6.45 9.12
N ALA A 501 -37.66 -7.42 8.24
CA ALA A 501 -38.15 -7.18 6.89
C ALA A 501 -37.25 -6.23 6.12
N LYS A 502 -35.96 -6.24 6.44
CA LYS A 502 -34.96 -5.45 5.73
C LYS A 502 -33.70 -6.29 5.59
N LEU A 503 -32.81 -5.85 4.70
CA LEU A 503 -31.53 -6.53 4.51
C LEU A 503 -30.42 -5.50 4.66
N SER A 504 -29.31 -5.95 5.23
CA SER A 504 -28.13 -5.12 5.41
C SER A 504 -26.94 -5.76 4.73
N PHE A 505 -26.10 -4.95 4.11
CA PHE A 505 -24.86 -5.39 3.52
C PHE A 505 -23.74 -4.44 3.90
N SER A 506 -22.53 -4.99 3.99
CA SER A 506 -21.38 -4.27 4.53
C SER A 506 -20.60 -3.58 3.41
N ASP A 507 -19.37 -3.19 3.72
CA ASP A 507 -18.42 -2.71 2.73
C ASP A 507 -17.91 -3.89 1.90
N ASP A 508 -17.01 -3.61 0.95
CA ASP A 508 -16.43 -4.66 0.16
C ASP A 508 -15.51 -5.52 1.01
N ILE A 509 -15.47 -6.81 0.70
CA ILE A 509 -14.68 -7.75 1.51
C ILE A 509 -13.19 -7.69 1.18
N GLU A 510 -12.83 -7.17 0.01
CA GLU A 510 -11.43 -7.11 -0.41
C GLU A 510 -10.97 -5.67 -0.53
N LEU A 526 8.82 -3.02 -25.21
CA LEU A 526 8.05 -2.40 -24.13
C LEU A 526 8.54 -0.99 -23.91
N HIS A 527 8.89 -0.32 -25.01
CA HIS A 527 9.47 1.01 -24.92
C HIS A 527 8.46 2.01 -24.37
N PHE A 528 7.21 1.95 -24.87
CA PHE A 528 6.27 3.05 -24.64
C PHE A 528 5.92 3.21 -23.17
N GLY A 529 5.65 2.13 -22.46
CA GLY A 529 5.18 2.18 -21.10
C GLY A 529 6.25 2.12 -20.01
N GLU A 530 7.51 2.31 -20.37
CA GLU A 530 8.61 2.16 -19.44
C GLU A 530 9.07 3.54 -18.98
N LYS A 531 9.77 3.58 -17.85
CA LYS A 531 10.14 4.85 -17.23
C LYS A 531 11.14 5.60 -18.08
N TRP A 532 12.15 4.91 -18.62
CA TRP A 532 13.19 5.60 -19.39
C TRP A 532 12.66 6.27 -20.64
N PHE A 533 11.51 5.85 -21.17
CA PHE A 533 11.02 6.43 -22.39
C PHE A 533 10.15 7.64 -22.09
N HIS A 534 10.47 8.75 -22.75
CA HIS A 534 9.92 10.05 -22.38
C HIS A 534 9.16 10.73 -23.50
N LYS A 535 9.10 10.13 -24.69
CA LYS A 535 8.25 10.60 -25.78
C LYS A 535 8.47 12.08 -26.06
N LYS A 536 7.41 12.88 -25.93
CA LYS A 536 7.47 14.31 -26.26
C LYS A 536 8.20 15.04 -25.14
N VAL A 537 9.45 15.37 -25.42
CA VAL A 537 10.25 16.25 -24.59
C VAL A 537 10.56 17.48 -25.42
N GLU A 538 10.41 18.66 -24.81
CA GLU A 538 10.41 19.91 -25.56
C GLU A 538 11.67 20.06 -26.42
N LYS A 539 12.84 19.92 -25.80
CA LYS A 539 14.09 20.14 -26.51
C LYS A 539 15.21 19.35 -25.86
N ARG A 540 16.36 19.34 -26.52
CA ARG A 540 17.55 18.74 -25.90
C ARG A 540 17.97 19.50 -24.66
N THR A 541 17.86 20.84 -24.69
CA THR A 541 18.18 21.61 -23.50
C THR A 541 17.27 21.22 -22.34
N SER A 542 15.97 21.05 -22.62
CA SER A 542 15.03 20.71 -21.56
C SER A 542 15.35 19.36 -20.93
N ALA A 543 15.65 18.36 -21.76
CA ALA A 543 15.97 17.04 -21.24
C ALA A 543 17.28 17.06 -20.48
N GLU A 544 18.27 17.80 -20.98
CA GLU A 544 19.52 17.96 -20.25
C GLU A 544 19.27 18.60 -18.90
N LYS A 545 18.40 19.62 -18.84
CA LYS A 545 18.02 20.20 -17.55
C LYS A 545 17.39 19.15 -16.66
N LEU A 546 16.35 18.48 -17.16
CA LEU A 546 15.59 17.55 -16.33
C LEU A 546 16.52 16.50 -15.70
N LEU A 547 17.44 15.97 -16.50
CA LEU A 547 18.44 15.07 -15.95
C LEU A 547 19.37 15.81 -14.99
N GLN A 548 19.66 17.09 -15.24
CA GLN A 548 20.55 17.84 -14.36
C GLN A 548 19.95 18.02 -12.95
N GLU A 549 18.71 18.51 -12.85
CA GLU A 549 18.05 18.55 -11.54
C GLU A 549 17.90 17.14 -10.93
N TYR A 550 17.57 16.14 -11.75
CA TYR A 550 17.46 14.79 -11.20
C TYR A 550 18.76 14.34 -10.56
N CYS A 551 19.90 14.64 -11.19
CA CYS A 551 21.19 14.25 -10.62
C CYS A 551 21.51 15.06 -9.37
N MET A 552 21.33 16.39 -9.43
CA MET A 552 21.78 17.22 -8.33
C MET A 552 20.94 17.06 -7.07
N GLU A 553 19.65 16.76 -7.18
CA GLU A 553 18.87 16.59 -5.96
C GLU A 553 19.24 15.28 -5.25
N THR A 554 19.57 14.24 -6.00
CA THR A 554 20.10 13.01 -5.41
C THR A 554 20.65 12.13 -6.52
N GLY A 555 21.45 11.14 -6.11
CA GLY A 555 21.92 10.11 -7.04
C GLY A 555 22.76 10.61 -8.19
N GLY A 556 23.74 11.46 -7.93
CA GLY A 556 24.62 11.94 -8.97
C GLY A 556 25.51 10.82 -9.46
N LYS A 557 25.33 10.39 -10.70
CA LYS A 557 26.11 9.29 -11.25
C LYS A 557 26.88 9.73 -12.48
N ASP A 558 27.81 8.91 -12.96
CA ASP A 558 28.59 9.23 -14.14
C ASP A 558 27.97 8.55 -15.36
N GLY A 559 27.83 9.31 -16.43
CA GLY A 559 27.30 8.73 -17.65
C GLY A 559 25.82 8.45 -17.61
N THR A 560 25.11 8.90 -16.58
CA THR A 560 23.70 8.59 -16.48
C THR A 560 22.92 9.18 -17.64
N PHE A 561 21.82 8.53 -17.98
CA PHE A 561 21.16 8.74 -19.26
C PHE A 561 19.77 9.32 -19.09
N LEU A 562 19.19 9.66 -20.25
CA LEU A 562 17.82 10.11 -20.36
C LEU A 562 17.40 9.89 -21.81
N VAL A 563 16.36 9.09 -22.04
CA VAL A 563 15.93 8.78 -23.40
C VAL A 563 14.83 9.74 -23.81
N ARG A 564 15.06 10.44 -24.92
CA ARG A 564 14.15 11.46 -25.40
C ARG A 564 14.07 11.37 -26.92
N GLU A 565 13.45 12.39 -27.53
CA GLU A 565 13.27 12.44 -28.97
C GLU A 565 13.96 13.69 -29.52
N SER A 566 14.73 13.51 -30.58
CA SER A 566 15.47 14.61 -31.17
C SER A 566 14.54 15.56 -31.90
N GLU A 567 14.58 16.84 -31.51
CA GLU A 567 13.84 17.88 -32.21
C GLU A 567 14.52 18.31 -33.50
N THR A 568 15.71 17.79 -33.77
CA THR A 568 16.53 18.16 -34.91
C THR A 568 16.72 17.01 -35.89
N PHE A 569 16.89 15.80 -35.39
CA PHE A 569 17.15 14.67 -36.26
C PHE A 569 15.89 13.83 -36.47
N PRO A 570 15.46 13.60 -37.70
CA PRO A 570 14.25 12.81 -37.94
C PRO A 570 14.44 11.35 -37.58
N ASN A 571 13.32 10.70 -37.24
CA ASN A 571 13.20 9.25 -37.05
C ASN A 571 14.31 8.66 -36.20
N ASP A 572 14.92 9.48 -35.35
CA ASP A 572 16.01 9.01 -34.50
C ASP A 572 15.77 9.33 -33.04
N TYR A 573 16.00 8.36 -32.16
CA TYR A 573 15.86 8.60 -30.74
C TYR A 573 17.06 9.37 -30.24
N THR A 574 17.07 9.70 -28.95
CA THR A 574 18.20 10.45 -28.39
C THR A 574 18.53 10.04 -26.97
N LEU A 575 19.72 9.48 -26.78
CA LEU A 575 20.17 9.13 -25.43
C LEU A 575 20.96 10.32 -24.92
N SER A 576 20.26 11.31 -24.38
CA SER A 576 20.89 12.48 -23.82
C SER A 576 21.46 12.10 -22.46
N PHE A 577 22.78 12.13 -22.33
CA PHE A 577 23.44 11.55 -21.16
C PHE A 577 24.24 12.61 -20.42
N TRP A 578 24.04 12.67 -19.11
CA TRP A 578 24.99 13.31 -18.23
C TRP A 578 26.35 12.64 -18.38
N ARG A 579 27.42 13.43 -18.22
CA ARG A 579 28.79 12.92 -18.33
C ARG A 579 29.60 13.32 -17.09
N SER A 580 29.56 12.46 -16.07
CA SER A 580 30.48 12.47 -14.94
C SER A 580 30.76 13.89 -14.44
N GLY A 581 29.69 14.53 -13.95
CA GLY A 581 29.73 15.91 -13.54
C GLY A 581 29.28 16.89 -14.58
N ARG A 582 28.86 16.34 -15.73
CA ARG A 582 28.39 17.18 -16.81
C ARG A 582 27.24 16.54 -17.52
N VAL A 583 26.71 17.22 -18.52
CA VAL A 583 25.64 16.66 -19.33
C VAL A 583 25.98 16.85 -20.80
N GLN A 584 25.80 15.80 -21.60
CA GLN A 584 25.99 15.94 -23.02
C GLN A 584 24.80 15.36 -23.77
N HIS A 585 24.76 15.51 -25.09
CA HIS A 585 23.64 15.00 -25.87
C HIS A 585 24.17 14.22 -27.05
N CYS A 586 23.62 13.03 -27.26
CA CYS A 586 23.92 12.25 -28.45
C CYS A 586 22.67 11.49 -28.84
N ARG A 587 22.32 11.55 -30.12
CA ARG A 587 21.10 10.92 -30.57
C ARG A 587 21.32 9.42 -30.67
N ILE A 588 20.28 8.65 -30.37
CA ILE A 588 20.29 7.21 -30.59
C ILE A 588 20.26 6.96 -32.08
N ARG A 589 21.34 6.39 -32.64
CA ARG A 589 21.35 6.27 -34.09
C ARG A 589 20.33 5.24 -34.54
N SER A 590 19.78 5.44 -35.72
CA SER A 590 18.77 4.51 -36.22
C SER A 590 19.05 4.25 -37.70
N THR A 591 18.97 2.98 -38.07
CA THR A 591 19.10 2.58 -39.47
C THR A 591 18.15 1.41 -39.72
N MET A 592 17.78 1.22 -40.98
CA MET A 592 16.98 0.07 -41.35
C MET A 592 17.89 -1.07 -41.80
N GLU A 593 17.56 -2.29 -41.38
CA GLU A 593 18.32 -3.46 -41.79
C GLU A 593 17.40 -4.67 -41.72
N GLY A 594 17.48 -5.52 -42.73
CA GLY A 594 16.57 -6.65 -42.81
C GLY A 594 15.12 -6.23 -42.89
N GLY A 595 14.85 -5.04 -43.41
CA GLY A 595 13.50 -4.50 -43.44
C GLY A 595 12.99 -4.05 -42.10
N THR A 596 13.77 -4.17 -41.04
CA THR A 596 13.34 -3.90 -39.70
C THR A 596 14.13 -2.73 -39.13
N LEU A 597 13.58 -2.11 -38.09
CA LEU A 597 14.31 -1.06 -37.40
C LEU A 597 15.53 -1.65 -36.72
N LYS A 598 16.64 -0.95 -36.81
CA LYS A 598 17.83 -1.43 -36.14
C LYS A 598 18.13 -0.27 -35.28
N TYR A 599 17.62 -0.27 -34.08
CA TYR A 599 18.00 0.76 -33.14
C TYR A 599 19.43 0.40 -32.81
N TYR A 600 20.39 0.96 -33.55
CA TYR A 600 21.79 0.59 -33.37
C TYR A 600 22.61 1.70 -32.71
N LEU A 601 23.97 1.59 -32.67
CA LEU A 601 24.75 2.69 -32.14
C LEU A 601 26.19 2.54 -32.58
N THR A 602 26.59 3.25 -33.64
CA THR A 602 27.97 3.19 -34.16
C THR A 602 28.39 1.81 -34.65
N ASP A 603 27.44 0.89 -34.76
CA ASP A 603 27.69 -0.43 -35.34
C ASP A 603 28.40 -1.39 -34.39
N ASN A 604 28.95 -0.85 -33.31
CA ASN A 604 29.59 -1.70 -32.31
C ASN A 604 28.48 -2.45 -31.62
N LEU A 605 27.35 -1.79 -31.42
CA LEU A 605 26.22 -2.42 -30.73
C LEU A 605 24.90 -2.06 -31.40
N THR A 606 24.11 -3.08 -31.75
CA THR A 606 22.81 -2.84 -32.38
C THR A 606 21.78 -3.81 -31.84
N PHE A 607 20.57 -3.31 -31.58
CA PHE A 607 19.53 -4.17 -31.00
C PHE A 607 18.15 -3.79 -31.52
N SER A 608 17.12 -4.51 -31.06
CA SER A 608 15.76 -4.22 -31.49
C SER A 608 14.96 -3.57 -30.36
N SER A 609 15.01 -4.17 -29.17
CA SER A 609 14.31 -3.59 -28.02
C SER A 609 15.25 -2.67 -27.28
N ILE A 610 14.85 -1.42 -27.09
CA ILE A 610 15.75 -0.46 -26.46
C ILE A 610 16.31 -1.03 -25.16
N TYR A 611 15.60 -1.97 -24.55
CA TYR A 611 16.05 -2.57 -23.30
C TYR A 611 17.42 -3.19 -23.44
N ALA A 612 17.67 -3.89 -24.55
CA ALA A 612 18.94 -4.59 -24.72
C ALA A 612 20.11 -3.62 -24.68
N LEU A 613 20.04 -2.54 -25.46
CA LEU A 613 21.11 -1.56 -25.46
C LEU A 613 21.22 -0.87 -24.11
N ILE A 614 20.08 -0.50 -23.51
CA ILE A 614 20.14 0.20 -22.22
C ILE A 614 20.86 -0.65 -21.18
N GLN A 615 20.50 -1.94 -21.10
CA GLN A 615 21.14 -2.80 -20.12
C GLN A 615 22.61 -3.02 -20.45
N HIS A 616 22.91 -3.46 -21.68
CA HIS A 616 24.29 -3.74 -22.04
C HIS A 616 25.16 -2.49 -21.91
N TYR A 617 24.56 -1.32 -21.89
CA TYR A 617 25.32 -0.09 -21.59
C TYR A 617 25.38 0.17 -20.10
N ARG A 618 24.41 -0.31 -19.34
CA ARG A 618 24.47 -0.19 -17.89
C ARG A 618 25.60 -1.03 -17.31
N GLU A 619 25.59 -2.33 -17.60
CA GLU A 619 26.69 -3.17 -17.11
C GLU A 619 27.99 -2.89 -17.83
N THR A 620 27.96 -2.81 -19.16
CA THR A 620 29.16 -2.62 -19.96
C THR A 620 29.18 -1.21 -20.51
N HIS A 621 30.23 -0.47 -20.18
CA HIS A 621 30.30 0.93 -20.60
C HIS A 621 30.34 1.04 -22.11
N LEU A 622 29.61 2.03 -22.64
CA LEU A 622 29.81 2.44 -24.02
C LEU A 622 31.18 3.07 -24.18
N ARG A 623 31.83 2.76 -25.29
CA ARG A 623 33.22 3.14 -25.54
C ARG A 623 33.27 4.08 -26.73
N CYS A 624 33.58 5.34 -26.47
CA CYS A 624 33.95 6.27 -27.51
C CYS A 624 35.44 6.55 -27.44
N ALA A 625 35.98 7.07 -28.55
CA ALA A 625 37.38 7.49 -28.59
C ALA A 625 37.65 8.52 -27.50
N GLU A 626 36.59 9.02 -26.86
CA GLU A 626 36.70 9.95 -25.75
C GLU A 626 36.67 9.28 -24.38
N PHE A 627 35.85 8.26 -24.18
CA PHE A 627 35.70 7.72 -22.83
C PHE A 627 35.05 6.34 -22.85
N GLU A 628 34.72 5.88 -21.65
CA GLU A 628 34.16 4.55 -21.38
C GLU A 628 33.15 4.74 -20.24
N LEU A 629 31.88 4.97 -20.58
CA LEU A 629 30.89 5.36 -19.57
C LEU A 629 29.62 4.54 -19.71
N ARG A 630 28.97 4.28 -18.58
CA ARG A 630 27.77 3.46 -18.48
C ARG A 630 26.56 4.33 -18.20
N LEU A 631 25.41 3.68 -18.02
CA LEU A 631 24.14 4.35 -17.81
C LEU A 631 23.55 3.94 -16.46
N THR A 632 23.00 4.90 -15.72
CA THR A 632 22.45 4.59 -14.41
C THR A 632 20.98 4.92 -14.26
N ASP A 633 20.60 6.18 -14.45
CA ASP A 633 19.21 6.58 -14.16
C ASP A 633 18.22 6.59 -15.30
N PRO A 634 17.22 5.69 -15.25
CA PRO A 634 16.16 5.71 -16.25
C PRO A 634 15.04 6.59 -15.75
N VAL A 635 15.27 7.90 -15.66
CA VAL A 635 14.27 8.79 -15.12
C VAL A 635 12.91 8.58 -15.78
N PRO A 636 11.83 8.75 -15.02
CA PRO A 636 10.50 8.57 -15.58
C PRO A 636 10.01 9.81 -16.30
N ASN A 637 8.76 9.80 -16.77
CA ASN A 637 8.20 10.96 -17.45
C ASN A 637 7.96 12.10 -16.49
N PRO A 638 8.06 13.35 -16.99
CA PRO A 638 7.78 14.51 -16.14
C PRO A 638 6.32 14.51 -15.71
N ASN A 639 5.42 14.28 -16.67
CA ASN A 639 3.99 14.26 -16.35
C ASN A 639 3.33 13.02 -16.91
N PRO A 640 3.69 11.85 -16.38
CA PRO A 640 3.04 10.60 -16.82
C PRO A 640 1.57 10.65 -16.46
N HIS A 641 1.25 11.30 -15.35
CA HIS A 641 -0.14 11.43 -14.93
C HIS A 641 -1.02 11.93 -16.07
N GLU A 642 -0.43 12.64 -17.02
CA GLU A 642 -1.22 13.08 -18.17
C GLU A 642 -1.92 11.93 -18.86
N SER A 643 -1.18 10.85 -19.14
CA SER A 643 -1.77 9.69 -19.79
C SER A 643 -2.80 8.99 -18.91
N LYS A 644 -2.85 9.36 -17.64
CA LYS A 644 -3.83 8.79 -16.72
C LYS A 644 -5.18 9.48 -16.89
N PRO A 645 -6.25 8.70 -17.07
CA PRO A 645 -7.58 9.27 -17.28
C PRO A 645 -8.10 10.04 -16.07
N TRP A 646 -7.83 9.55 -14.88
CA TRP A 646 -8.30 10.21 -13.67
C TRP A 646 -7.73 11.61 -13.53
N TYR A 647 -6.61 11.87 -14.20
CA TYR A 647 -5.99 13.19 -14.13
C TYR A 647 -6.59 14.16 -15.14
N TYR A 648 -7.09 15.29 -14.65
CA TYR A 648 -7.64 16.31 -15.56
C TYR A 648 -6.56 17.34 -15.84
N ASP A 649 -6.62 17.98 -17.01
CA ASP A 649 -5.53 18.91 -17.33
C ASP A 649 -5.71 20.25 -16.62
N SER A 650 -6.88 20.87 -16.77
CA SER A 650 -7.13 22.17 -16.17
C SER A 650 -8.62 22.23 -15.83
N LEU A 651 -8.93 21.98 -14.56
CA LEU A 651 -10.31 21.85 -14.12
C LEU A 651 -10.55 22.86 -12.99
N SER A 652 -11.46 23.79 -13.22
CA SER A 652 -11.72 24.80 -12.20
C SER A 652 -12.43 24.17 -11.01
N ARG A 653 -12.46 24.91 -9.90
CA ARG A 653 -13.00 24.36 -8.66
C ARG A 653 -14.50 24.08 -8.78
N GLY A 654 -15.26 25.03 -9.35
CA GLY A 654 -16.71 24.88 -9.36
C GLY A 654 -17.17 23.69 -10.17
N GLU A 655 -16.62 23.53 -11.37
CA GLU A 655 -16.96 22.38 -12.20
C GLU A 655 -16.52 21.08 -11.53
N ALA A 656 -15.36 21.09 -10.87
CA ALA A 656 -14.92 19.91 -10.15
C ALA A 656 -15.93 19.53 -9.09
N GLU A 657 -16.38 20.52 -8.31
CA GLU A 657 -17.45 20.28 -7.34
C GLU A 657 -18.69 19.74 -8.03
N ASP A 658 -18.97 20.21 -9.23
CA ASP A 658 -20.15 19.76 -9.96
C ASP A 658 -20.05 18.26 -10.23
N MET A 659 -18.93 17.82 -10.79
CA MET A 659 -18.80 16.39 -11.07
C MET A 659 -18.72 15.58 -9.79
N LEU A 660 -18.16 16.16 -8.73
CA LEU A 660 -18.15 15.47 -7.45
C LEU A 660 -19.56 15.27 -6.91
N MET A 661 -20.41 16.28 -7.03
CA MET A 661 -21.76 16.11 -6.50
C MET A 661 -22.60 15.21 -7.39
N ARG A 662 -22.32 15.20 -8.70
CA ARG A 662 -22.99 14.26 -9.59
C ARG A 662 -22.70 12.82 -9.22
N ILE A 663 -21.51 12.54 -8.71
CA ILE A 663 -21.09 11.19 -8.42
C ILE A 663 -21.43 10.90 -6.96
N PRO A 664 -22.25 9.88 -6.68
CA PRO A 664 -22.64 9.62 -5.28
C PRO A 664 -21.65 8.78 -4.52
N ARG A 665 -20.82 8.00 -5.21
CA ARG A 665 -20.03 6.99 -4.52
C ARG A 665 -18.99 7.63 -3.61
N ASP A 666 -18.74 6.97 -2.49
CA ASP A 666 -17.64 7.34 -1.61
C ASP A 666 -16.45 6.43 -1.88
N GLY A 667 -15.25 7.00 -1.84
CA GLY A 667 -14.09 6.39 -2.43
C GLY A 667 -13.73 6.96 -3.78
N ALA A 668 -14.43 8.00 -4.22
CA ALA A 668 -14.16 8.63 -5.50
C ALA A 668 -13.12 9.73 -5.35
N PHE A 669 -12.33 9.93 -6.41
CA PHE A 669 -11.23 10.87 -6.38
C PHE A 669 -10.94 11.36 -7.79
N LEU A 670 -10.47 12.59 -7.89
CA LEU A 670 -9.91 13.07 -9.14
C LEU A 670 -8.89 14.15 -8.85
N ILE A 671 -7.82 14.16 -9.62
CA ILE A 671 -6.74 15.12 -9.47
C ILE A 671 -6.84 16.16 -10.58
N ARG A 672 -6.52 17.41 -10.26
CA ARG A 672 -6.69 18.53 -11.16
C ARG A 672 -5.58 19.54 -10.96
N LYS A 673 -5.02 20.03 -12.05
CA LYS A 673 -3.98 21.05 -11.96
C LYS A 673 -4.63 22.38 -11.62
N ARG A 674 -4.23 22.97 -10.51
CA ARG A 674 -4.78 24.24 -10.08
C ARG A 674 -4.38 25.35 -11.05
N GLU A 675 -5.35 26.13 -11.49
CA GLU A 675 -5.08 27.16 -12.50
C GLU A 675 -4.18 28.25 -11.94
N GLY A 676 -3.29 28.75 -12.78
CA GLY A 676 -2.43 29.85 -12.43
C GLY A 676 -1.31 29.49 -11.47
N SER A 677 -1.26 28.25 -11.00
CA SER A 677 -0.26 27.82 -10.03
C SER A 677 0.24 26.43 -10.40
N ASP A 678 1.52 26.20 -10.18
CA ASP A 678 2.09 24.87 -10.40
C ASP A 678 1.49 23.83 -9.48
N SER A 679 0.88 24.25 -8.37
CA SER A 679 0.34 23.32 -7.40
C SER A 679 -0.84 22.54 -7.98
N TYR A 680 -1.14 21.42 -7.34
CA TYR A 680 -2.20 20.54 -7.76
C TYR A 680 -3.28 20.49 -6.68
N ALA A 681 -4.42 19.90 -7.03
CA ALA A 681 -5.46 19.65 -6.05
C ALA A 681 -6.08 18.30 -6.33
N ILE A 682 -6.48 17.61 -5.26
CA ILE A 682 -7.20 16.36 -5.36
C ILE A 682 -8.55 16.52 -4.68
N THR A 683 -9.61 16.17 -5.39
CA THR A 683 -10.97 16.37 -4.91
C THR A 683 -11.63 15.01 -4.75
N PHE A 684 -12.45 14.89 -3.71
CA PHE A 684 -13.01 13.60 -3.36
C PHE A 684 -14.29 13.75 -2.55
N ARG A 685 -15.19 12.79 -2.70
CA ARG A 685 -16.40 12.74 -1.89
C ARG A 685 -16.21 11.71 -0.79
N ALA A 686 -16.34 12.16 0.46
CA ALA A 686 -16.31 11.28 1.63
C ALA A 686 -17.32 11.81 2.64
N ARG A 687 -18.04 10.89 3.30
CA ARG A 687 -19.16 11.22 4.17
C ARG A 687 -20.32 11.81 3.36
N GLY A 688 -20.16 11.84 2.04
CA GLY A 688 -21.08 12.57 1.21
C GLY A 688 -20.75 14.04 1.07
N LYS A 689 -19.62 14.48 1.60
CA LYS A 689 -19.14 15.84 1.44
C LYS A 689 -18.00 15.86 0.44
N VAL A 690 -18.01 16.86 -0.42
CA VAL A 690 -16.90 17.09 -1.34
C VAL A 690 -15.79 17.79 -0.58
N LYS A 691 -14.55 17.41 -0.87
CA LYS A 691 -13.41 18.01 -0.19
C LYS A 691 -12.24 18.13 -1.15
N HIS A 692 -11.58 19.29 -1.08
CA HIS A 692 -10.44 19.63 -1.90
C HIS A 692 -9.19 19.62 -1.04
N CYS A 693 -8.13 18.98 -1.52
CA CYS A 693 -6.86 18.96 -0.82
C CYS A 693 -5.79 19.47 -1.76
N ARG A 694 -5.00 20.42 -1.28
CA ARG A 694 -3.99 21.07 -2.09
C ARG A 694 -2.66 20.34 -1.91
N ILE A 695 -1.99 20.07 -3.02
CA ILE A 695 -0.69 19.39 -3.02
C ILE A 695 0.31 20.33 -3.66
N ASN A 696 1.45 20.52 -3.00
CA ASN A 696 2.49 21.37 -3.54
C ASN A 696 3.62 20.51 -4.09
N ARG A 697 4.68 21.17 -4.56
CA ARG A 697 5.78 20.49 -5.21
C ARG A 697 7.09 21.10 -4.72
N ASP A 698 8.01 20.25 -4.27
CA ASP A 698 9.36 20.67 -3.95
C ASP A 698 10.32 19.80 -4.73
N GLY A 699 11.20 20.44 -5.51
CA GLY A 699 12.05 19.68 -6.41
C GLY A 699 11.19 18.88 -7.38
N ARG A 700 11.57 17.64 -7.61
CA ARG A 700 10.71 16.74 -8.37
C ARG A 700 9.68 16.04 -7.51
N HIS A 701 9.77 16.17 -6.19
CA HIS A 701 8.83 15.49 -5.32
C HIS A 701 7.55 16.30 -5.15
N PHE A 702 6.45 15.58 -5.00
CA PHE A 702 5.14 16.18 -4.75
C PHE A 702 4.83 16.00 -3.27
N VAL A 703 4.57 17.11 -2.59
CA VAL A 703 4.39 17.12 -1.15
C VAL A 703 2.92 17.30 -0.83
N LEU A 704 2.43 16.46 0.07
CA LEU A 704 1.03 16.47 0.49
C LEU A 704 0.96 17.08 1.87
N GLY A 705 0.12 18.10 2.02
CA GLY A 705 0.05 18.83 3.27
C GLY A 705 1.36 19.53 3.54
N THR A 706 2.10 19.03 4.52
CA THR A 706 3.44 19.53 4.79
C THR A 706 4.43 18.43 5.12
N SER A 707 4.05 17.16 5.03
CA SER A 707 4.90 16.09 5.51
C SER A 707 5.22 15.00 4.51
N ALA A 708 4.25 14.48 3.77
CA ALA A 708 4.47 13.31 2.93
C ALA A 708 5.02 13.73 1.58
N TYR A 709 6.15 13.12 1.21
CA TYR A 709 6.82 13.42 -0.05
C TYR A 709 6.73 12.19 -0.95
N PHE A 710 6.07 12.34 -2.10
CA PHE A 710 5.88 11.26 -3.04
C PHE A 710 6.48 11.66 -4.38
N GLU A 711 7.18 10.74 -5.03
CA GLU A 711 7.85 11.11 -6.27
C GLU A 711 6.85 11.50 -7.34
N SER A 712 5.86 10.65 -7.60
CA SER A 712 4.99 10.82 -8.76
C SER A 712 3.54 10.76 -8.33
N LEU A 713 2.69 11.48 -9.06
CA LEU A 713 1.27 11.45 -8.74
C LEU A 713 0.71 10.05 -8.92
N VAL A 714 1.20 9.31 -9.92
CA VAL A 714 0.82 7.92 -10.05
C VAL A 714 1.18 7.17 -8.77
N GLU A 715 2.34 7.46 -8.20
CA GLU A 715 2.71 6.85 -6.93
C GLU A 715 1.78 7.31 -5.82
N LEU A 716 1.39 8.59 -5.83
CA LEU A 716 0.46 9.10 -4.83
C LEU A 716 -0.82 8.28 -4.82
N VAL A 717 -1.44 8.13 -5.98
CA VAL A 717 -2.70 7.40 -6.03
C VAL A 717 -2.50 5.93 -5.73
N SER A 718 -1.43 5.32 -6.25
CA SER A 718 -1.18 3.91 -6.01
C SER A 718 -1.03 3.63 -4.53
N TYR A 719 -0.34 4.51 -3.81
CA TYR A 719 -0.20 4.35 -2.37
C TYR A 719 -1.54 4.54 -1.67
N TYR A 720 -2.23 5.66 -1.92
CA TYR A 720 -3.44 5.94 -1.18
C TYR A 720 -4.58 5.00 -1.51
N GLU A 721 -4.45 4.20 -2.57
CA GLU A 721 -5.43 3.15 -2.80
C GLU A 721 -5.35 2.08 -1.72
N LYS A 722 -4.14 1.74 -1.26
CA LYS A 722 -3.95 0.70 -0.27
C LYS A 722 -3.89 1.23 1.15
N HIS A 723 -4.14 2.52 1.34
CA HIS A 723 -4.14 3.11 2.67
C HIS A 723 -5.29 4.10 2.73
N SER A 724 -5.40 4.79 3.86
CA SER A 724 -6.48 5.76 4.07
C SER A 724 -5.89 7.15 4.13
N LEU A 725 -6.63 8.12 3.60
CA LEU A 725 -6.23 9.51 3.68
C LEU A 725 -7.05 10.29 4.70
N TYR A 726 -8.37 10.26 4.55
CA TYR A 726 -9.24 11.02 5.44
C TYR A 726 -10.08 10.05 6.24
N ARG A 727 -10.26 10.31 7.53
CA ARG A 727 -10.99 9.38 8.36
C ARG A 727 -10.43 8.00 8.06
N LYS A 728 -11.29 7.08 7.64
CA LYS A 728 -10.82 5.75 7.26
C LYS A 728 -11.07 5.55 5.77
N MET A 729 -11.39 6.63 5.07
CA MET A 729 -11.69 6.51 3.64
C MET A 729 -10.45 6.29 2.80
N ARG A 730 -10.56 5.46 1.77
CA ARG A 730 -9.45 5.20 0.88
C ARG A 730 -9.85 5.55 -0.54
N LEU A 731 -8.88 6.01 -1.31
CA LEU A 731 -9.12 6.49 -2.67
C LEU A 731 -9.28 5.28 -3.58
N ARG A 732 -10.52 4.86 -3.78
CA ARG A 732 -10.81 3.64 -4.54
C ARG A 732 -11.36 3.91 -5.93
N TYR A 733 -12.23 4.91 -6.09
CA TYR A 733 -12.96 5.09 -7.33
C TYR A 733 -12.40 6.25 -8.16
N PRO A 734 -11.77 5.97 -9.30
CA PRO A 734 -11.34 7.07 -10.18
C PRO A 734 -12.53 7.71 -10.87
N VAL A 735 -12.39 9.00 -11.15
CA VAL A 735 -13.46 9.80 -11.73
C VAL A 735 -13.05 10.23 -13.12
N THR A 736 -13.40 9.44 -14.11
CA THR A 736 -13.08 9.76 -15.49
C THR A 736 -14.36 9.99 -16.27
N PRO A 737 -14.34 10.89 -17.26
CA PRO A 737 -15.60 11.19 -17.97
C PRO A 737 -16.23 9.97 -18.59
N GLU A 738 -15.43 9.04 -19.13
CA GLU A 738 -15.97 7.83 -19.71
C GLU A 738 -16.73 7.00 -18.69
N LEU A 739 -16.29 7.00 -17.43
CA LEU A 739 -17.12 6.41 -16.39
C LEU A 739 -18.13 7.43 -15.86
N LEU A 740 -17.94 8.72 -16.16
CA LEU A 740 -18.87 9.71 -15.66
C LEU A 740 -20.20 9.66 -16.41
N GLU A 741 -20.20 9.31 -17.69
CA GLU A 741 -21.49 9.07 -18.36
C GLU A 741 -22.21 7.91 -17.70
N ARG A 742 -21.48 6.84 -17.36
CA ARG A 742 -22.13 5.68 -16.76
C ARG A 742 -22.63 5.99 -15.35
N TYR A 743 -21.92 6.87 -14.63
CA TYR A 743 -22.50 7.50 -13.45
C TYR A 743 -23.82 8.18 -13.75
N ASN A 744 -23.84 9.05 -14.77
CA ASN A 744 -25.06 9.79 -15.07
C ASN A 744 -26.18 8.86 -15.52
N MET A 745 -25.82 7.67 -15.99
CA MET A 745 -26.83 6.69 -16.40
C MET A 745 -27.66 6.20 -15.21
N GLU A 746 -26.99 5.91 -14.09
CA GLU A 746 -27.66 5.45 -12.88
C GLU A 746 -27.02 6.13 -11.68
N ARG A 747 -27.80 6.92 -10.95
CA ARG A 747 -27.25 7.77 -9.90
C ARG A 747 -27.87 7.52 -8.53
N ASP A 748 -28.48 6.36 -8.31
CA ASP A 748 -29.16 6.08 -7.04
C ASP A 748 -28.64 4.78 -6.44
N ILE A 749 -27.96 4.88 -5.31
CA ILE A 749 -27.59 3.74 -4.48
C ILE A 749 -28.14 4.01 -3.08
N ASN A 750 -28.95 3.09 -2.58
CA ASN A 750 -29.51 3.25 -1.24
C ASN A 750 -28.38 3.30 -0.23
N SER A 751 -28.53 4.14 0.79
CA SER A 751 -27.43 4.45 1.69
C SER A 751 -27.86 4.15 3.11
N LEU A 752 -27.00 4.51 4.07
CA LEU A 752 -27.29 4.27 5.48
C LEU A 752 -28.42 5.14 6.00
N TYR A 753 -28.86 6.13 5.23
CA TYR A 753 -29.88 7.08 5.68
C TYR A 753 -31.23 6.40 5.90
N GLU A 834 -27.35 11.46 16.34
CA GLU A 834 -27.12 10.06 16.67
C GLU A 834 -28.26 9.18 16.20
N LEU A 835 -29.14 9.76 15.37
CA LEU A 835 -30.18 8.96 14.75
C LEU A 835 -29.57 7.89 13.85
N GLU A 836 -28.49 8.24 13.14
CA GLU A 836 -27.76 7.26 12.36
C GLU A 836 -27.23 6.14 13.25
N LYS A 837 -26.70 6.49 14.42
CA LYS A 837 -26.26 5.48 15.37
C LYS A 837 -27.43 4.61 15.84
N GLN A 838 -28.61 5.22 15.98
CA GLN A 838 -29.80 4.44 16.28
C GLN A 838 -30.09 3.42 15.18
N ILE A 839 -29.96 3.84 13.92
CA ILE A 839 -30.15 2.89 12.82
C ILE A 839 -29.08 1.80 12.89
N ILE A 840 -27.85 2.19 13.21
CA ILE A 840 -26.75 1.23 13.31
C ILE A 840 -27.07 0.15 14.33
N GLU A 841 -27.47 0.57 15.53
CA GLU A 841 -27.79 -0.40 16.57
C GLU A 841 -29.05 -1.19 16.23
N ASP A 842 -29.94 -0.61 15.43
CA ASP A 842 -31.13 -1.33 15.03
C ASP A 842 -30.78 -2.50 14.10
N ASN A 843 -30.00 -2.24 13.06
CA ASN A 843 -29.70 -3.29 12.11
C ASN A 843 -28.78 -4.32 12.74
N PRO A 844 -28.99 -5.60 12.45
CA PRO A 844 -28.14 -6.63 13.02
C PRO A 844 -26.69 -6.53 12.59
N LEU A 845 -26.39 -5.89 11.47
CA LEU A 845 -25.01 -5.83 11.03
C LEU A 845 -24.25 -4.71 11.72
N GLY A 846 -24.94 -3.87 12.49
CA GLY A 846 -24.26 -2.91 13.33
C GLY A 846 -23.46 -1.90 12.54
N SER A 847 -22.32 -1.51 13.08
CA SER A 847 -21.48 -0.49 12.46
C SER A 847 -20.92 -0.94 11.13
N LEU A 848 -21.01 -2.23 10.81
CA LEU A 848 -20.60 -2.71 9.50
C LEU A 848 -21.67 -2.54 8.44
N CYS A 849 -22.89 -2.16 8.81
CA CYS A 849 -23.96 -2.04 7.83
C CYS A 849 -23.76 -0.76 7.01
N ARG A 850 -23.09 -0.89 5.87
CA ARG A 850 -22.98 0.23 4.96
C ARG A 850 -24.27 0.49 4.21
N GLY A 851 -24.94 -0.55 3.75
CA GLY A 851 -26.16 -0.38 2.99
C GLY A 851 -27.31 -1.11 3.66
N ILE A 852 -28.40 -0.37 3.85
CA ILE A 852 -29.63 -0.91 4.42
C ILE A 852 -30.73 -0.72 3.40
N LEU A 853 -31.52 -1.76 3.17
CA LEU A 853 -32.61 -1.65 2.21
C LEU A 853 -33.82 -2.39 2.73
N ASP A 854 -34.96 -1.70 2.69
CA ASP A 854 -36.22 -2.33 3.08
C ASP A 854 -36.59 -3.36 2.03
N LEU A 855 -36.56 -4.62 2.41
CA LEU A 855 -36.89 -5.71 1.52
C LEU A 855 -38.38 -5.79 1.24
N ASN A 856 -39.19 -5.03 1.98
CA ASN A 856 -40.61 -4.87 1.67
C ASN A 856 -40.80 -4.25 0.29
N THR A 857 -39.97 -3.27 -0.06
CA THR A 857 -40.11 -2.56 -1.32
C THR A 857 -39.73 -3.40 -2.54
N TYR A 858 -39.13 -4.58 -2.35
CA TYR A 858 -38.67 -5.41 -3.47
C TYR A 858 -39.48 -6.71 -3.48
N ASN A 859 -39.83 -7.16 -4.68
CA ASN A 859 -40.48 -8.44 -4.88
C ASN A 859 -39.50 -9.35 -5.61
N VAL A 860 -38.76 -10.17 -4.86
CA VAL A 860 -37.69 -10.96 -5.46
C VAL A 860 -38.24 -11.97 -6.47
N VAL A 861 -37.55 -12.08 -7.59
CA VAL A 861 -37.74 -13.18 -8.52
C VAL A 861 -36.37 -13.79 -8.77
N LYS A 862 -36.28 -15.12 -8.68
CA LYS A 862 -35.00 -15.78 -8.82
C LYS A 862 -34.58 -15.76 -10.27
N ALA A 863 -33.38 -15.25 -10.54
CA ALA A 863 -32.86 -15.30 -11.89
C ALA A 863 -32.49 -16.73 -12.22
N PRO A 864 -33.10 -17.34 -13.26
CA PRO A 864 -32.74 -18.73 -13.58
C PRO A 864 -31.30 -18.88 -14.03
N GLN A 865 -30.90 -18.14 -15.06
CA GLN A 865 -29.53 -18.18 -15.57
C GLN A 865 -28.67 -17.09 -14.97
N GLY A 866 -29.26 -16.18 -14.21
CA GLY A 866 -28.44 -15.10 -13.73
C GLY A 866 -28.06 -14.16 -14.85
N LYS A 867 -27.05 -13.34 -14.56
CA LYS A 867 -26.62 -12.30 -15.47
C LYS A 867 -25.25 -11.83 -15.01
N ASN A 868 -24.63 -10.99 -15.85
CA ASN A 868 -23.32 -10.41 -15.54
C ASN A 868 -22.34 -11.49 -15.14
N GLN A 869 -22.15 -12.48 -16.03
CA GLN A 869 -21.05 -13.43 -15.97
C GLN A 869 -20.90 -14.08 -14.59
N LYS A 870 -22.04 -14.49 -14.04
CA LYS A 870 -22.03 -15.20 -12.75
C LYS A 870 -22.97 -16.39 -12.83
N SER A 871 -22.66 -17.42 -12.04
CA SER A 871 -23.37 -18.68 -12.14
C SER A 871 -24.76 -18.60 -11.52
N PHE A 872 -24.86 -18.10 -10.29
CA PHE A 872 -26.12 -18.08 -9.56
C PHE A 872 -26.38 -16.67 -9.05
N VAL A 873 -27.39 -16.01 -9.60
CA VAL A 873 -27.82 -14.69 -9.14
C VAL A 873 -29.34 -14.72 -9.07
N PHE A 874 -29.92 -13.76 -8.35
CA PHE A 874 -31.37 -13.65 -8.28
C PHE A 874 -31.77 -12.17 -8.35
N ILE A 875 -32.97 -11.93 -8.84
CA ILE A 875 -33.43 -10.58 -9.19
C ILE A 875 -34.21 -10.01 -8.03
N LEU A 876 -33.88 -8.76 -7.67
CA LEU A 876 -34.64 -8.06 -6.63
C LEU A 876 -36.05 -7.70 -7.10
N GLU A 877 -36.16 -7.10 -8.29
CA GLU A 877 -37.44 -6.62 -8.83
C GLU A 877 -38.17 -5.76 -7.82
N PRO A 878 -37.78 -4.50 -7.66
CA PRO A 878 -38.47 -3.62 -6.70
C PRO A 878 -39.94 -3.43 -7.06
N LYS A 879 -40.71 -3.03 -6.05
CA LYS A 879 -42.13 -2.74 -6.27
C LYS A 879 -42.30 -1.62 -7.28
N GLN A 880 -41.58 -0.52 -7.10
CA GLN A 880 -41.60 0.59 -8.04
C GLN A 880 -40.64 0.28 -9.18
N GLN A 881 -41.16 0.17 -10.40
CA GLN A 881 -40.39 -0.35 -11.53
C GLN A 881 -39.18 0.51 -11.86
N GLY A 882 -39.21 1.80 -11.53
CA GLY A 882 -38.07 2.65 -11.82
C GLY A 882 -36.87 2.40 -10.93
N ASP A 883 -37.08 1.81 -9.76
CA ASP A 883 -35.97 1.51 -8.86
C ASP A 883 -35.04 0.49 -9.51
N PRO A 884 -33.74 0.77 -9.53
CA PRO A 884 -32.79 -0.19 -10.11
C PRO A 884 -32.77 -1.48 -9.32
N PRO A 885 -32.58 -2.61 -9.98
CA PRO A 885 -32.39 -3.87 -9.25
C PRO A 885 -31.04 -3.89 -8.56
N VAL A 886 -30.82 -4.96 -7.79
CA VAL A 886 -29.59 -5.12 -7.04
C VAL A 886 -28.87 -6.41 -7.42
N GLU A 887 -29.59 -7.52 -7.53
CA GLU A 887 -29.09 -8.78 -8.07
C GLU A 887 -27.93 -9.34 -7.24
N PHE A 888 -28.27 -9.74 -6.01
CA PHE A 888 -27.32 -10.49 -5.20
C PHE A 888 -27.04 -11.84 -5.83
N ALA A 889 -25.79 -12.28 -5.72
CA ALA A 889 -25.36 -13.57 -6.22
C ALA A 889 -24.73 -14.37 -5.10
N THR A 890 -24.79 -15.70 -5.19
CA THR A 890 -24.24 -16.59 -4.19
C THR A 890 -23.06 -17.37 -4.75
N ASP A 891 -22.55 -18.27 -3.92
CA ASP A 891 -21.55 -19.22 -4.37
C ASP A 891 -22.19 -20.53 -4.79
N ARG A 892 -23.27 -20.92 -4.12
CA ARG A 892 -23.90 -22.22 -4.30
C ARG A 892 -25.34 -22.04 -4.76
N VAL A 893 -25.77 -22.90 -5.68
CA VAL A 893 -27.15 -22.87 -6.15
C VAL A 893 -28.11 -23.11 -4.98
N GLU A 894 -27.77 -24.04 -4.08
CA GLU A 894 -28.61 -24.29 -2.92
C GLU A 894 -28.66 -23.05 -2.03
N GLU A 895 -27.54 -22.35 -1.90
CA GLU A 895 -27.53 -21.08 -1.18
C GLU A 895 -28.48 -20.09 -1.83
N LEU A 896 -28.49 -20.05 -3.16
CA LEU A 896 -29.40 -19.16 -3.88
C LEU A 896 -30.84 -19.50 -3.57
N PHE A 897 -31.17 -20.80 -3.59
CA PHE A 897 -32.54 -21.23 -3.30
C PHE A 897 -32.94 -20.87 -1.87
N GLU A 898 -32.06 -21.11 -0.92
CA GLU A 898 -32.33 -20.77 0.46
C GLU A 898 -32.60 -19.28 0.61
N TRP A 899 -31.74 -18.46 0.02
CA TRP A 899 -31.91 -17.02 0.11
C TRP A 899 -33.22 -16.59 -0.53
N PHE A 900 -33.51 -17.11 -1.72
CA PHE A 900 -34.70 -16.68 -2.45
C PHE A 900 -35.96 -17.01 -1.65
N GLN A 901 -36.07 -18.26 -1.18
CA GLN A 901 -37.25 -18.60 -0.40
C GLN A 901 -37.30 -17.80 0.89
N SER A 902 -36.14 -17.46 1.45
CA SER A 902 -36.11 -16.64 2.66
C SER A 902 -36.76 -15.28 2.43
N ILE A 903 -36.28 -14.55 1.42
CA ILE A 903 -36.94 -13.30 1.08
C ILE A 903 -38.40 -13.54 0.71
N ARG A 904 -38.71 -14.73 0.19
CA ARG A 904 -40.10 -15.02 -0.13
C ARG A 904 -40.99 -14.95 1.10
N GLU A 905 -40.63 -15.68 2.17
CA GLU A 905 -41.55 -15.56 3.31
C GLU A 905 -41.42 -14.18 3.94
N ILE A 906 -40.30 -13.50 3.72
CA ILE A 906 -40.19 -12.13 4.22
C ILE A 906 -41.25 -11.25 3.56
N THR A 907 -41.44 -11.39 2.25
CA THR A 907 -42.47 -10.64 1.56
C THR A 907 -43.86 -11.05 2.01
N TRP A 908 -44.02 -12.30 2.43
CA TRP A 908 -45.30 -12.75 2.98
C TRP A 908 -45.20 -12.96 4.48
N LYS A 922 -35.38 -37.69 32.52
CA LYS A 922 -34.06 -37.56 33.11
C LYS A 922 -33.34 -36.33 32.58
N ASN A 923 -33.12 -36.29 31.26
CA ASN A 923 -32.47 -35.19 30.59
C ASN A 923 -33.25 -34.77 29.36
N GLN A 924 -33.16 -33.49 29.02
CA GLN A 924 -33.83 -32.96 27.84
C GLN A 924 -32.86 -32.37 26.83
N SER A 925 -31.85 -31.62 27.27
CA SER A 925 -30.91 -31.02 26.33
C SER A 925 -29.45 -31.11 26.75
N ILE A 926 -29.14 -31.53 27.98
CA ILE A 926 -27.77 -31.56 28.49
C ILE A 926 -27.42 -32.98 28.89
N ALA A 927 -26.24 -33.42 28.46
CA ALA A 927 -25.73 -34.72 28.89
C ALA A 927 -25.48 -34.72 30.39
N ILE A 928 -25.71 -35.88 31.02
CA ILE A 928 -25.64 -35.95 32.48
C ILE A 928 -24.21 -35.75 32.97
N GLU A 929 -23.23 -36.31 32.25
CA GLU A 929 -21.86 -36.28 32.76
C GLU A 929 -21.36 -34.85 32.90
N LEU A 930 -21.42 -34.08 31.82
CA LEU A 930 -20.85 -32.74 31.86
C LEU A 930 -21.57 -31.90 32.90
N SER A 931 -22.89 -32.06 33.01
CA SER A 931 -23.62 -31.36 34.05
C SER A 931 -23.16 -31.77 35.43
N ASP A 932 -22.69 -33.02 35.58
CA ASP A 932 -22.06 -33.37 36.84
C ASP A 932 -20.75 -32.63 37.01
N LEU A 933 -20.06 -32.35 35.89
CA LEU A 933 -18.75 -31.74 35.99
C LEU A 933 -18.80 -30.34 36.57
N VAL A 934 -19.85 -29.57 36.29
CA VAL A 934 -19.94 -28.24 36.88
C VAL A 934 -20.11 -28.40 38.38
N VAL A 935 -19.35 -27.62 39.15
CA VAL A 935 -19.42 -27.68 40.60
C VAL A 935 -19.67 -26.28 41.15
N TYR A 936 -19.24 -25.27 40.39
CA TYR A 936 -19.40 -23.89 40.82
C TYR A 936 -19.98 -23.09 39.67
N CYS A 937 -20.29 -21.82 39.95
CA CYS A 937 -20.72 -20.87 38.92
C CYS A 937 -21.97 -21.37 38.20
N LYS A 938 -22.96 -21.76 38.97
CA LYS A 938 -24.12 -22.38 38.34
C LYS A 938 -24.94 -21.34 37.58
N PRO A 939 -25.39 -21.66 36.38
CA PRO A 939 -26.26 -20.73 35.66
C PRO A 939 -27.71 -20.88 36.11
N THR A 940 -28.27 -19.84 36.73
CA THR A 940 -29.64 -19.87 37.19
C THR A 940 -30.37 -18.62 36.72
N SER A 941 -31.41 -18.81 35.93
CA SER A 941 -32.34 -17.75 35.57
C SER A 941 -33.66 -17.89 36.30
N LYS A 942 -33.72 -18.79 37.28
CA LYS A 942 -34.96 -19.00 38.02
C LYS A 942 -35.35 -17.76 38.80
N THR A 943 -34.37 -17.09 39.39
CA THR A 943 -34.61 -15.81 40.04
C THR A 943 -34.99 -14.71 39.05
N LYS A 944 -34.70 -14.91 37.77
CA LYS A 944 -34.99 -13.92 36.73
C LYS A 944 -34.26 -12.62 37.10
N ASP A 945 -34.91 -11.47 36.97
CA ASP A 945 -34.25 -10.21 37.30
C ASP A 945 -34.09 -10.01 38.80
N ASN A 946 -34.80 -10.77 39.63
CA ASN A 946 -34.65 -10.63 41.07
C ASN A 946 -33.29 -11.16 41.50
N LEU A 947 -32.64 -10.41 42.39
CA LEU A 947 -31.34 -10.78 42.91
C LEU A 947 -31.45 -11.49 44.26
N GLU A 948 -32.67 -11.68 44.74
CA GLU A 948 -32.87 -12.09 46.12
C GLU A 948 -32.30 -13.49 46.34
N ASN A 949 -31.83 -13.72 47.57
CA ASN A 949 -31.19 -14.97 47.97
C ASN A 949 -29.97 -15.24 47.09
N PRO A 950 -28.91 -14.45 47.21
CA PRO A 950 -27.67 -14.78 46.49
C PRO A 950 -27.01 -15.99 47.12
N ASP A 951 -26.74 -17.01 46.32
CA ASP A 951 -26.00 -18.17 46.77
C ASP A 951 -24.65 -18.20 46.06
N PHE A 952 -23.66 -18.77 46.72
CA PHE A 952 -22.29 -18.65 46.23
C PHE A 952 -22.04 -19.46 44.97
N ARG A 953 -22.89 -20.46 44.69
CA ARG A 953 -22.59 -21.36 43.59
C ARG A 953 -23.14 -20.89 42.24
N GLU A 954 -23.83 -19.76 42.18
CA GLU A 954 -24.54 -19.39 40.96
C GLU A 954 -23.80 -18.31 40.18
N ILE A 955 -24.17 -18.18 38.91
CA ILE A 955 -23.67 -17.13 38.03
C ILE A 955 -24.86 -16.46 37.34
N ARG A 956 -24.77 -15.14 37.18
CA ARG A 956 -25.73 -14.36 36.41
C ARG A 956 -25.07 -13.95 35.11
N SER A 957 -25.61 -14.40 33.99
CA SER A 957 -25.09 -14.04 32.67
C SER A 957 -25.92 -12.88 32.13
N PHE A 958 -25.31 -11.71 32.05
CA PHE A 958 -26.02 -10.49 31.69
C PHE A 958 -25.55 -9.99 30.33
N VAL A 959 -26.45 -9.31 29.65
CA VAL A 959 -26.08 -8.57 28.45
C VAL A 959 -26.05 -7.10 28.81
N GLU A 960 -25.24 -6.33 28.06
CA GLU A 960 -24.88 -4.99 28.48
C GLU A 960 -26.09 -4.09 28.67
N THR A 961 -27.12 -4.25 27.84
CA THR A 961 -28.31 -3.42 27.99
C THR A 961 -29.01 -3.69 29.31
N LYS A 962 -29.33 -4.96 29.58
CA LYS A 962 -30.01 -5.29 30.82
C LYS A 962 -29.09 -5.11 32.02
N ALA A 963 -27.80 -5.37 31.82
CA ALA A 963 -26.85 -5.13 32.89
C ALA A 963 -26.84 -3.66 33.29
N ASP A 964 -26.80 -2.77 32.30
CA ASP A 964 -26.82 -1.33 32.59
C ASP A 964 -28.15 -0.91 33.19
N SER A 965 -29.25 -1.51 32.73
CA SER A 965 -30.53 -1.18 33.32
C SER A 965 -30.55 -1.53 34.80
N ILE A 966 -30.05 -2.71 35.15
CA ILE A 966 -29.97 -3.12 36.54
C ILE A 966 -29.06 -2.18 37.31
N ILE A 967 -27.92 -1.81 36.73
CA ILE A 967 -26.99 -0.92 37.41
C ILE A 967 -27.64 0.43 37.68
N ARG A 968 -28.39 0.97 36.71
CA ARG A 968 -29.09 2.22 36.93
C ARG A 968 -30.18 2.07 37.97
N GLN A 969 -30.86 0.92 38.00
CA GLN A 969 -32.00 0.77 38.90
C GLN A 969 -31.58 0.37 40.30
N LYS A 970 -30.91 -0.76 40.44
CA LYS A 970 -30.60 -1.34 41.76
C LYS A 970 -29.11 -1.64 41.84
N PRO A 971 -28.27 -0.60 41.93
CA PRO A 971 -26.83 -0.85 42.04
C PRO A 971 -26.44 -1.44 43.37
N VAL A 972 -27.01 -0.94 44.47
CA VAL A 972 -26.69 -1.48 45.79
C VAL A 972 -27.06 -2.95 45.86
N ASP A 973 -28.23 -3.30 45.30
CA ASP A 973 -28.61 -4.71 45.27
C ASP A 973 -27.66 -5.53 44.43
N LEU A 974 -27.15 -4.97 43.33
CA LEU A 974 -26.16 -5.70 42.55
C LEU A 974 -24.89 -5.94 43.38
N LEU A 975 -24.46 -4.92 44.12
CA LEU A 975 -23.31 -5.07 44.99
C LEU A 975 -23.54 -6.16 46.03
N LYS A 976 -24.71 -6.14 46.65
CA LYS A 976 -25.01 -7.10 47.71
C LYS A 976 -25.05 -8.52 47.15
N TYR A 977 -25.65 -8.70 45.98
CA TYR A 977 -25.59 -10.01 45.36
C TYR A 977 -24.16 -10.41 45.06
N ASN A 978 -23.37 -9.46 44.58
CA ASN A 978 -22.03 -9.79 44.11
C ASN A 978 -21.15 -10.33 45.24
N GLN A 979 -21.22 -9.70 46.42
CA GLN A 979 -20.33 -10.09 47.50
C GLN A 979 -20.54 -11.54 47.91
N LYS A 980 -21.65 -12.13 47.52
CA LYS A 980 -21.87 -13.56 47.64
C LYS A 980 -21.89 -14.27 46.29
N GLY A 981 -22.46 -13.64 45.26
CA GLY A 981 -22.76 -14.30 44.01
C GLY A 981 -21.87 -13.86 42.86
N LEU A 982 -21.91 -14.66 41.80
CA LEU A 982 -21.08 -14.47 40.62
C LEU A 982 -21.89 -13.79 39.52
N THR A 983 -21.29 -12.78 38.91
CA THR A 983 -21.95 -11.94 37.92
C THR A 983 -21.12 -11.94 36.65
N ARG A 984 -21.67 -12.48 35.57
CA ARG A 984 -20.95 -12.54 34.30
C ARG A 984 -21.66 -11.67 33.28
N VAL A 985 -20.90 -10.80 32.61
CA VAL A 985 -21.45 -9.86 31.66
C VAL A 985 -20.77 -10.07 30.32
N TYR A 986 -21.55 -10.13 29.25
CA TYR A 986 -21.01 -10.23 27.92
C TYR A 986 -21.67 -9.22 27.00
N PRO A 987 -20.95 -8.72 26.01
CA PRO A 987 -21.52 -7.76 25.08
C PRO A 987 -22.58 -8.37 24.19
N LYS A 988 -23.46 -7.51 23.69
CA LYS A 988 -24.59 -7.92 22.89
C LYS A 988 -24.13 -8.41 21.52
N GLY A 989 -25.04 -9.13 20.85
CA GLY A 989 -24.78 -9.53 19.48
C GLY A 989 -24.84 -8.39 18.50
N GLN A 990 -25.37 -7.24 18.91
CA GLN A 990 -25.43 -6.09 18.03
C GLN A 990 -24.07 -5.43 17.86
N ARG A 991 -23.07 -5.86 18.62
CA ARG A 991 -21.69 -5.41 18.42
C ARG A 991 -20.91 -6.49 17.68
N VAL A 992 -21.30 -6.73 16.44
CA VAL A 992 -20.56 -7.66 15.61
C VAL A 992 -19.23 -7.09 15.15
N ASP A 993 -18.95 -5.82 15.46
CA ASP A 993 -17.67 -5.20 15.15
C ASP A 993 -16.60 -5.50 16.18
N SER A 994 -16.88 -6.36 17.16
CA SER A 994 -15.95 -6.72 18.22
C SER A 994 -15.54 -5.51 19.05
N SER A 995 -16.28 -4.40 18.92
CA SER A 995 -15.97 -3.22 19.70
C SER A 995 -16.28 -3.43 21.17
N ASN A 996 -15.28 -3.27 22.02
CA ASN A 996 -15.50 -3.42 23.46
C ASN A 996 -16.41 -2.34 24.00
N TYR A 997 -17.27 -2.70 24.95
CA TYR A 997 -18.22 -1.74 25.51
C TYR A 997 -17.64 -1.00 26.71
N ASP A 998 -18.47 -0.22 27.40
CA ASP A 998 -18.03 0.49 28.59
C ASP A 998 -18.29 -0.36 29.82
N PRO A 999 -17.22 -0.93 30.40
CA PRO A 999 -17.40 -1.81 31.56
C PRO A 999 -16.92 -1.22 32.88
N PHE A 1000 -16.42 0.02 32.90
CA PHE A 1000 -15.89 0.57 34.14
C PHE A 1000 -16.95 0.57 35.24
N ARG A 1001 -18.15 1.04 34.90
CA ARG A 1001 -19.22 1.09 35.89
C ARG A 1001 -19.49 -0.29 36.46
N LEU A 1002 -19.29 -1.33 35.63
CA LEU A 1002 -19.53 -2.69 36.06
C LEU A 1002 -18.57 -3.09 37.17
N TRP A 1003 -17.29 -2.72 37.05
CA TRP A 1003 -16.41 -3.00 38.18
C TRP A 1003 -16.76 -2.14 39.37
N LEU A 1004 -17.18 -0.89 39.13
CA LEU A 1004 -17.50 -0.04 40.27
C LEU A 1004 -18.62 -0.65 41.11
N CYS A 1005 -19.52 -1.39 40.47
CA CYS A 1005 -20.48 -2.21 41.20
C CYS A 1005 -19.94 -3.59 41.50
N GLY A 1006 -18.77 -3.94 40.97
CA GLY A 1006 -18.11 -5.17 41.34
C GLY A 1006 -18.37 -6.36 40.45
N SER A 1007 -18.87 -6.16 39.24
CA SER A 1007 -19.16 -7.29 38.36
C SER A 1007 -17.90 -8.13 38.16
N GLN A 1008 -18.05 -9.45 38.15
CA GLN A 1008 -16.89 -10.31 38.35
C GLN A 1008 -16.34 -10.85 37.04
N MET A 1009 -17.21 -11.25 36.14
CA MET A 1009 -16.80 -11.80 34.86
C MET A 1009 -17.07 -10.71 33.82
N VAL A 1010 -16.18 -9.73 33.76
CA VAL A 1010 -16.30 -8.63 32.81
C VAL A 1010 -15.65 -9.12 31.52
N ALA A 1011 -16.42 -9.83 30.70
CA ALA A 1011 -15.88 -10.50 29.53
C ALA A 1011 -15.86 -9.54 28.35
N LEU A 1012 -14.71 -9.46 27.70
CA LEU A 1012 -14.50 -8.52 26.61
C LEU A 1012 -13.97 -9.26 25.39
N ASN A 1013 -13.82 -8.53 24.29
CA ASN A 1013 -13.11 -9.08 23.14
C ASN A 1013 -11.66 -8.62 23.14
N PHE A 1014 -10.74 -9.55 23.39
CA PHE A 1014 -9.32 -9.25 23.31
C PHE A 1014 -8.82 -8.95 21.90
N GLN A 1015 -9.58 -9.29 20.87
CA GLN A 1015 -9.05 -9.09 19.52
C GLN A 1015 -9.19 -7.66 19.04
N THR A 1016 -9.86 -6.79 19.80
CA THR A 1016 -9.97 -5.40 19.42
C THR A 1016 -8.97 -4.56 20.20
N ALA A 1017 -9.07 -3.25 20.03
CA ALA A 1017 -8.26 -2.29 20.79
C ALA A 1017 -9.06 -1.01 20.91
N ASP A 1018 -9.74 -0.83 22.02
CA ASP A 1018 -10.47 0.39 22.29
C ASP A 1018 -10.08 0.90 23.67
N LYS A 1019 -10.29 2.21 23.88
CA LYS A 1019 -9.98 2.83 25.17
C LYS A 1019 -10.37 1.92 26.32
N TYR A 1020 -11.55 1.31 26.24
CA TYR A 1020 -12.01 0.47 27.31
C TYR A 1020 -11.16 -0.79 27.43
N MET A 1021 -10.67 -1.29 26.30
CA MET A 1021 -9.82 -2.47 26.33
C MET A 1021 -8.50 -2.17 27.03
N GLN A 1022 -7.92 -1.00 26.78
CA GLN A 1022 -6.71 -0.65 27.53
C GLN A 1022 -7.03 -0.40 29.00
N MET A 1023 -8.25 0.02 29.32
CA MET A 1023 -8.63 0.02 30.72
C MET A 1023 -8.59 -1.39 31.30
N ASN A 1024 -9.05 -2.37 30.52
CA ASN A 1024 -8.97 -3.75 30.96
C ASN A 1024 -7.53 -4.15 31.24
N HIS A 1025 -6.62 -3.89 30.30
CA HIS A 1025 -5.23 -4.27 30.52
C HIS A 1025 -4.63 -3.54 31.70
N ALA A 1026 -4.98 -2.26 31.90
CA ALA A 1026 -4.50 -1.54 33.06
C ALA A 1026 -4.93 -2.24 34.34
N LEU A 1027 -6.21 -2.56 34.45
CA LEU A 1027 -6.70 -3.20 35.67
C LEU A 1027 -6.05 -4.55 35.89
N PHE A 1028 -5.89 -5.33 34.83
CA PHE A 1028 -5.45 -6.71 34.99
C PHE A 1028 -3.94 -6.87 34.84
N SER A 1029 -3.21 -5.77 34.69
CA SER A 1029 -1.77 -5.85 34.86
C SER A 1029 -1.40 -6.18 36.30
N LEU A 1030 -2.09 -5.58 37.26
CA LEU A 1030 -1.77 -5.75 38.67
C LEU A 1030 -1.81 -7.22 39.06
N ASN A 1031 -1.20 -7.53 40.20
CA ASN A 1031 -1.05 -8.90 40.66
C ASN A 1031 -0.41 -9.77 39.59
N GLY A 1032 0.68 -9.28 39.00
CA GLY A 1032 1.49 -10.08 38.11
C GLY A 1032 0.74 -10.66 36.94
N ARG A 1033 -0.15 -9.87 36.33
CA ARG A 1033 -1.04 -10.30 35.25
C ARG A 1033 -1.54 -11.72 35.51
N THR A 1034 -1.91 -12.01 36.75
CA THR A 1034 -2.48 -13.30 37.09
C THR A 1034 -3.99 -13.36 36.88
N GLY A 1035 -4.60 -12.26 36.44
CA GLY A 1035 -5.99 -12.24 36.11
C GLY A 1035 -6.93 -11.98 37.28
N TYR A 1036 -6.40 -12.06 38.48
CA TYR A 1036 -7.24 -11.75 39.60
C TYR A 1036 -6.82 -10.48 40.25
N VAL A 1037 -7.77 -9.72 40.68
CA VAL A 1037 -7.50 -8.48 41.40
C VAL A 1037 -8.45 -8.42 42.59
N LEU A 1038 -7.89 -8.44 43.79
CA LEU A 1038 -8.72 -8.36 44.98
C LEU A 1038 -9.41 -7.02 45.06
N GLN A 1039 -10.73 -7.05 45.22
CA GLN A 1039 -11.47 -5.83 45.43
C GLN A 1039 -11.06 -5.22 46.77
N PRO A 1040 -11.04 -3.89 46.86
CA PRO A 1040 -10.76 -3.24 48.15
C PRO A 1040 -11.82 -3.59 49.18
N GLU A 1041 -11.38 -3.68 50.44
CA GLU A 1041 -12.28 -4.06 51.52
C GLU A 1041 -13.39 -3.02 51.70
N SER A 1042 -13.06 -1.74 51.62
CA SER A 1042 -14.03 -0.70 51.90
C SER A 1042 -15.24 -0.81 50.98
N MET A 1043 -15.01 -1.11 49.71
CA MET A 1043 -16.11 -1.32 48.78
C MET A 1043 -16.88 -2.60 49.12
N ARG A 1044 -16.22 -3.55 49.76
CA ARG A 1044 -16.87 -4.77 50.23
C ARG A 1044 -17.67 -4.59 51.51
N THR A 1045 -17.53 -3.43 52.17
CA THR A 1045 -18.26 -3.20 53.39
C THR A 1045 -19.75 -3.01 53.12
N GLU A 1046 -20.56 -3.38 54.13
CA GLU A 1046 -22.00 -3.21 54.02
C GLU A 1046 -22.39 -1.74 53.92
N LYS A 1047 -21.69 -0.87 54.66
CA LYS A 1047 -22.08 0.53 54.73
C LYS A 1047 -21.90 1.23 53.38
N TYR A 1048 -20.82 0.94 52.68
CA TYR A 1048 -20.48 1.71 51.47
C TYR A 1048 -21.44 1.41 50.33
N ASP A 1049 -21.77 2.47 49.58
CA ASP A 1049 -22.65 2.41 48.41
C ASP A 1049 -21.82 2.53 47.14
N PRO A 1050 -22.11 1.74 46.10
CA PRO A 1050 -21.35 1.86 44.86
C PRO A 1050 -21.48 3.23 44.21
N MET A 1051 -22.72 3.65 43.96
CA MET A 1051 -22.96 4.87 43.21
C MET A 1051 -23.27 5.98 44.20
N PRO A 1052 -22.34 6.88 44.49
CA PRO A 1052 -22.63 7.94 45.43
C PRO A 1052 -23.11 9.19 44.71
N PRO A 1053 -24.11 9.86 45.25
CA PRO A 1053 -24.59 11.10 44.62
C PRO A 1053 -23.63 12.24 44.85
N GLU A 1054 -24.00 13.43 44.38
CA GLU A 1054 -23.12 14.59 44.47
C GLU A 1054 -22.79 14.91 45.93
N SER A 1055 -23.80 14.85 46.81
CA SER A 1055 -23.58 15.23 48.20
C SER A 1055 -22.58 14.31 48.88
N GLN A 1056 -22.71 12.99 48.69
CA GLN A 1056 -21.83 12.05 49.36
C GLN A 1056 -20.42 12.06 48.78
N ARG A 1057 -20.25 12.54 47.56
CA ARG A 1057 -18.94 12.56 46.94
C ARG A 1057 -18.04 13.57 47.64
N LYS A 1058 -16.86 13.12 48.04
CA LYS A 1058 -15.89 13.97 48.70
C LYS A 1058 -14.52 13.73 48.09
N ILE A 1059 -13.93 14.79 47.54
CA ILE A 1059 -12.65 14.69 46.87
C ILE A 1059 -11.64 13.97 47.77
N LEU A 1060 -10.91 13.03 47.19
CA LEU A 1060 -10.03 12.20 48.01
C LEU A 1060 -8.55 12.41 47.74
N MET A 1061 -8.13 12.66 46.50
CA MET A 1061 -6.71 12.83 46.22
C MET A 1061 -6.55 13.73 45.00
N THR A 1062 -5.77 14.79 45.14
CA THR A 1062 -5.48 15.65 44.00
C THR A 1062 -4.25 15.11 43.29
N LEU A 1063 -4.23 15.28 41.97
CA LEU A 1063 -3.20 14.69 41.14
C LEU A 1063 -2.82 15.69 40.07
N THR A 1064 -1.62 16.25 40.18
CA THR A 1064 -1.13 17.24 39.24
C THR A 1064 -0.26 16.53 38.21
N VAL A 1065 -0.51 16.81 36.95
CA VAL A 1065 0.22 16.21 35.84
C VAL A 1065 0.75 17.32 34.93
N LYS A 1066 2.02 17.21 34.54
CA LYS A 1066 2.58 18.04 33.50
C LYS A 1066 3.47 17.17 32.61
N VAL A 1067 2.97 16.83 31.44
CA VAL A 1067 3.78 16.14 30.45
C VAL A 1067 4.78 17.13 29.87
N LEU A 1068 5.91 16.63 29.41
CA LEU A 1068 6.92 17.51 28.83
C LEU A 1068 7.34 17.16 27.42
N GLY A 1069 7.76 15.91 27.19
CA GLY A 1069 8.29 15.54 25.89
C GLY A 1069 8.21 14.04 25.71
N ALA A 1070 8.51 13.61 24.49
CA ALA A 1070 8.32 12.21 24.13
C ALA A 1070 9.53 11.74 23.33
N ARG A 1071 9.45 10.50 22.87
CA ARG A 1071 10.57 9.85 22.20
C ARG A 1071 10.03 8.71 21.37
N HIS A 1072 10.39 8.71 20.09
CA HIS A 1072 10.22 7.52 19.23
C HIS A 1072 8.76 7.19 18.99
N LEU A 1073 7.93 8.20 18.76
CA LEU A 1073 6.57 7.90 18.35
C LEU A 1073 6.62 7.18 17.02
N PRO A 1074 5.96 6.03 16.89
CA PRO A 1074 5.98 5.31 15.61
C PRO A 1074 5.36 6.12 14.49
N LYS A 1075 5.45 5.57 13.30
CA LYS A 1075 4.96 6.21 12.08
C LYS A 1075 3.75 5.43 11.59
N LEU A 1076 2.64 6.12 11.37
CA LEU A 1076 1.45 5.46 10.86
C LEU A 1076 1.56 5.19 9.36
N GLY A 1077 1.60 6.25 8.56
CA GLY A 1077 1.71 6.12 7.12
C GLY A 1077 2.85 6.96 6.59
N ARG A 1078 2.76 7.38 5.33
CA ARG A 1078 3.84 8.16 4.75
C ARG A 1078 3.92 9.56 5.36
N SER A 1079 2.84 10.03 5.97
CA SER A 1079 2.86 11.36 6.56
C SER A 1079 3.63 11.35 7.88
N ILE A 1080 4.52 12.34 8.03
CA ILE A 1080 5.26 12.48 9.29
C ILE A 1080 4.34 13.09 10.32
N ALA A 1081 4.36 12.52 11.53
CA ALA A 1081 3.39 12.89 12.55
C ALA A 1081 3.59 14.32 13.04
N CYS A 1082 2.47 14.97 13.35
CA CYS A 1082 2.43 16.25 14.08
C CYS A 1082 1.73 15.93 15.39
N PRO A 1083 2.47 15.62 16.45
CA PRO A 1083 1.85 15.01 17.62
C PRO A 1083 1.38 15.99 18.69
N PHE A 1084 0.31 15.57 19.37
CA PHE A 1084 -0.11 16.14 20.64
C PHE A 1084 -0.52 15.00 21.55
N VAL A 1085 -0.83 15.33 22.81
CA VAL A 1085 -1.05 14.33 23.84
C VAL A 1085 -2.33 14.66 24.59
N GLU A 1086 -3.12 13.64 24.89
CA GLU A 1086 -4.29 13.74 25.74
C GLU A 1086 -4.07 12.92 27.00
N VAL A 1087 -4.17 13.57 28.15
CA VAL A 1087 -4.05 12.93 29.45
C VAL A 1087 -5.41 13.01 30.12
N GLU A 1088 -5.97 11.88 30.52
CA GLU A 1088 -7.30 11.94 31.09
C GLU A 1088 -7.51 10.84 32.12
N ILE A 1089 -8.64 10.93 32.81
CA ILE A 1089 -8.95 10.03 33.92
C ILE A 1089 -10.08 9.10 33.49
N CYS A 1090 -9.72 7.91 33.04
CA CYS A 1090 -10.72 6.89 32.77
C CYS A 1090 -11.34 6.43 34.07
N GLY A 1091 -12.65 6.62 34.19
CA GLY A 1091 -13.31 6.27 35.43
C GLY A 1091 -14.77 6.65 35.40
N ALA A 1092 -15.24 7.19 36.51
CA ALA A 1092 -16.64 7.54 36.64
C ALA A 1092 -16.91 8.91 36.04
N GLU A 1093 -18.19 9.24 35.89
CA GLU A 1093 -18.56 10.51 35.27
C GLU A 1093 -18.03 11.69 36.06
N TYR A 1094 -18.16 11.65 37.38
CA TYR A 1094 -17.53 12.66 38.22
C TYR A 1094 -16.02 12.57 38.15
N ASP A 1095 -15.50 11.37 37.88
CA ASP A 1095 -14.06 11.18 37.76
C ASP A 1095 -13.54 11.52 36.38
N ASN A 1096 -14.42 11.78 35.41
CA ASN A 1096 -14.00 11.95 34.03
C ASN A 1096 -13.55 13.38 33.79
N ASN A 1097 -12.24 13.56 33.60
CA ASN A 1097 -11.68 14.83 33.16
C ASN A 1097 -10.58 14.57 32.16
N LYS A 1098 -10.45 15.48 31.19
CA LYS A 1098 -9.52 15.36 30.08
C LYS A 1098 -8.59 16.56 30.07
N PHE A 1099 -7.46 16.39 29.40
CA PHE A 1099 -6.56 17.50 29.12
C PHE A 1099 -5.84 17.25 27.81
N LYS A 1100 -5.88 18.24 26.93
CA LYS A 1100 -5.15 18.18 25.68
C LYS A 1100 -3.87 19.00 25.82
N THR A 1101 -2.87 18.62 25.04
CA THR A 1101 -1.60 19.33 25.04
C THR A 1101 -1.42 20.01 23.69
N THR A 1102 -0.83 21.20 23.71
CA THR A 1102 -0.63 21.94 22.47
C THR A 1102 0.12 21.08 21.46
N VAL A 1103 -0.49 20.87 20.31
CA VAL A 1103 0.14 20.04 19.29
C VAL A 1103 1.38 20.74 18.77
N VAL A 1104 2.39 19.96 18.39
CA VAL A 1104 3.59 20.51 17.82
C VAL A 1104 3.64 20.07 16.36
N ASN A 1105 4.41 20.74 15.53
CA ASN A 1105 4.42 20.42 14.10
C ASN A 1105 5.69 19.75 13.60
N ASP A 1106 5.53 18.71 12.79
CA ASP A 1106 6.69 18.04 12.20
C ASP A 1106 7.79 17.70 13.20
N ASN A 1107 7.43 17.07 14.30
CA ASN A 1107 8.43 16.65 15.28
C ASN A 1107 8.00 15.33 15.89
N GLY A 1108 8.47 14.22 15.33
CA GLY A 1108 8.04 12.93 15.80
C GLY A 1108 8.98 12.31 16.81
N LEU A 1109 10.27 12.22 16.47
CA LEU A 1109 11.20 11.54 17.36
C LEU A 1109 11.39 12.30 18.66
N SER A 1110 11.71 13.59 18.58
CA SER A 1110 12.10 14.37 19.75
C SER A 1110 11.22 15.60 19.87
N PRO A 1111 9.99 15.41 20.30
CA PRO A 1111 9.08 16.54 20.42
C PRO A 1111 9.14 17.20 21.79
N ILE A 1112 8.93 18.51 21.83
CA ILE A 1112 8.83 19.27 23.07
C ILE A 1112 7.42 19.83 23.17
N TRP A 1113 6.70 19.40 24.19
CA TRP A 1113 5.48 20.12 24.52
C TRP A 1113 5.84 21.35 25.31
N ALA A 1114 4.92 22.31 25.31
CA ALA A 1114 5.18 23.64 25.83
C ALA A 1114 5.90 23.58 27.17
N PRO A 1115 7.16 23.94 27.23
CA PRO A 1115 7.80 24.13 28.54
C PRO A 1115 7.10 25.18 29.35
N THR A 1116 6.36 26.07 28.69
CA THR A 1116 5.64 27.14 29.35
C THR A 1116 4.26 26.74 29.85
N GLN A 1117 3.63 25.73 29.24
CA GLN A 1117 2.27 25.37 29.63
C GLN A 1117 2.24 24.87 31.07
N GLU A 1118 1.16 25.18 31.77
CA GLU A 1118 1.07 24.93 33.19
C GLU A 1118 0.75 23.46 33.49
N LYS A 1119 0.69 23.14 34.78
CA LYS A 1119 0.31 21.82 35.24
C LYS A 1119 -1.21 21.72 35.36
N VAL A 1120 -1.74 20.53 35.14
CA VAL A 1120 -3.17 20.31 35.22
C VAL A 1120 -3.52 19.62 36.54
N THR A 1121 -4.68 19.97 37.07
CA THR A 1121 -5.20 19.44 38.33
C THR A 1121 -6.28 18.42 38.02
N PHE A 1122 -6.13 17.23 38.59
CA PHE A 1122 -7.18 16.23 38.64
C PHE A 1122 -7.66 16.08 40.07
N GLU A 1123 -8.96 15.94 40.23
CA GLU A 1123 -9.53 15.53 41.51
C GLU A 1123 -9.95 14.07 41.40
N ILE A 1124 -9.54 13.25 42.35
CA ILE A 1124 -9.87 11.84 42.35
C ILE A 1124 -10.72 11.55 43.57
N TYR A 1125 -11.93 11.05 43.33
CA TYR A 1125 -12.84 10.64 44.38
C TYR A 1125 -12.62 9.19 44.79
N ASP A 1126 -12.37 8.31 43.82
CA ASP A 1126 -12.24 6.87 44.06
C ASP A 1126 -10.90 6.41 43.52
N PRO A 1127 -9.83 6.58 44.29
CA PRO A 1127 -8.50 6.19 43.80
C PRO A 1127 -8.31 4.71 43.68
N ASN A 1128 -8.94 3.90 44.54
CA ASN A 1128 -8.68 2.48 44.52
C ASN A 1128 -9.10 1.86 43.19
N LEU A 1129 -9.93 2.56 42.42
CA LEU A 1129 -10.25 2.14 41.06
C LEU A 1129 -10.47 3.40 40.24
N ALA A 1130 -9.43 3.81 39.51
CA ALA A 1130 -9.48 4.90 38.55
C ALA A 1130 -8.21 4.82 37.73
N PHE A 1131 -8.29 5.21 36.47
CA PHE A 1131 -7.21 4.97 35.53
C PHE A 1131 -6.62 6.25 34.98
N LEU A 1132 -5.30 6.36 35.06
CA LEU A 1132 -4.55 7.38 34.35
C LEU A 1132 -4.34 6.91 32.91
N ARG A 1133 -4.78 7.70 31.95
CA ARG A 1133 -4.64 7.33 30.54
C ARG A 1133 -3.93 8.44 29.80
N PHE A 1134 -2.70 8.19 29.40
CA PHE A 1134 -2.00 9.03 28.44
C PHE A 1134 -2.24 8.44 27.07
N VAL A 1135 -2.52 9.29 26.09
CA VAL A 1135 -2.57 8.88 24.70
C VAL A 1135 -1.88 9.94 23.86
N VAL A 1136 -1.33 9.52 22.73
CA VAL A 1136 -0.66 10.43 21.81
C VAL A 1136 -1.38 10.35 20.48
N TYR A 1137 -1.77 11.50 19.95
CA TYR A 1137 -2.42 11.59 18.66
C TYR A 1137 -1.58 12.45 17.73
N GLU A 1138 -1.89 12.38 16.44
CA GLU A 1138 -1.24 13.18 15.42
C GLU A 1138 -2.29 13.92 14.61
N GLU A 1139 -2.06 15.20 14.39
CA GLU A 1139 -2.98 16.03 13.63
C GLU A 1139 -2.68 15.88 12.15
N ASP A 1140 -3.60 15.28 11.41
CA ASP A 1140 -3.41 15.07 9.98
C ASP A 1140 -3.53 16.39 9.23
N MET A 1141 -3.33 16.31 7.92
CA MET A 1141 -3.56 17.46 7.05
C MET A 1141 -5.02 17.90 7.09
N PHE A 1142 -5.92 17.01 7.51
CA PHE A 1142 -7.32 17.36 7.73
C PHE A 1142 -7.61 17.70 9.17
N SER A 1143 -6.58 17.86 10.00
CA SER A 1143 -6.75 18.24 11.40
C SER A 1143 -7.64 17.24 12.14
N ASP A 1144 -7.42 15.96 11.88
CA ASP A 1144 -8.18 14.89 12.49
C ASP A 1144 -7.27 14.08 13.42
N PRO A 1145 -7.52 14.05 14.71
CA PRO A 1145 -6.73 13.22 15.61
C PRO A 1145 -6.85 11.75 15.28
N ASN A 1146 -5.71 11.05 15.32
CA ASN A 1146 -5.65 9.62 15.10
C ASN A 1146 -4.81 8.96 16.19
N PHE A 1147 -5.03 7.65 16.35
CA PHE A 1147 -4.44 6.88 17.43
C PHE A 1147 -2.98 6.52 17.12
N LEU A 1148 -2.08 6.98 17.99
CA LEU A 1148 -0.67 6.63 17.88
C LEU A 1148 -0.25 5.61 18.94
N ALA A 1149 -0.45 5.94 20.21
CA ALA A 1149 -0.12 5.02 21.28
C ALA A 1149 -0.82 5.45 22.56
N HIS A 1150 -0.90 4.51 23.49
CA HIS A 1150 -1.66 4.66 24.71
C HIS A 1150 -0.84 4.19 25.90
N ALA A 1151 -1.33 4.54 27.08
CA ALA A 1151 -0.76 4.06 28.33
C ALA A 1151 -1.85 4.22 29.39
N THR A 1152 -2.34 3.10 29.90
CA THR A 1152 -3.39 3.10 30.90
C THR A 1152 -2.87 2.42 32.17
N TYR A 1153 -3.06 3.07 33.32
CA TYR A 1153 -2.50 2.58 34.55
C TYR A 1153 -3.47 2.75 35.72
N PRO A 1154 -3.57 1.77 36.61
CA PRO A 1154 -4.29 1.99 37.86
C PRO A 1154 -3.60 3.05 38.69
N ILE A 1155 -4.36 4.04 39.13
CA ILE A 1155 -3.77 5.16 39.84
C ILE A 1155 -3.07 4.71 41.10
N LYS A 1156 -3.47 3.58 41.67
CA LYS A 1156 -2.72 3.03 42.80
C LYS A 1156 -1.30 2.66 42.41
N ALA A 1157 -1.05 2.38 41.13
CA ALA A 1157 0.27 2.00 40.64
C ALA A 1157 1.09 3.18 40.13
N VAL A 1158 0.50 4.36 40.05
CA VAL A 1158 1.22 5.55 39.62
C VAL A 1158 2.25 5.88 40.68
N LYS A 1159 3.48 6.10 40.24
CA LYS A 1159 4.51 6.67 41.11
C LYS A 1159 4.56 8.17 40.89
N SER A 1160 5.35 8.86 41.69
CA SER A 1160 5.42 10.30 41.53
C SER A 1160 6.74 10.70 40.88
N GLY A 1161 6.96 12.00 40.77
CA GLY A 1161 8.18 12.52 40.22
C GLY A 1161 8.14 12.65 38.71
N PHE A 1162 9.33 12.81 38.14
CA PHE A 1162 9.50 12.86 36.70
C PHE A 1162 9.74 11.44 36.22
N ARG A 1163 8.74 10.86 35.58
CA ARG A 1163 8.85 9.48 35.15
C ARG A 1163 8.41 9.36 33.69
N SER A 1164 8.92 8.32 33.04
CA SER A 1164 8.75 8.11 31.61
C SER A 1164 7.69 7.04 31.41
N VAL A 1165 6.54 7.45 30.91
CA VAL A 1165 5.54 6.45 30.54
C VAL A 1165 6.03 5.71 29.30
N PRO A 1166 6.14 4.39 29.36
CA PRO A 1166 6.54 3.60 28.19
C PRO A 1166 5.32 3.36 27.32
N LEU A 1167 5.38 3.78 26.07
CA LEU A 1167 4.19 3.79 25.25
C LEU A 1167 3.94 2.41 24.65
N LYS A 1168 2.70 2.22 24.20
CA LYS A 1168 2.17 0.90 23.92
C LYS A 1168 1.13 1.00 22.82
N ASN A 1169 1.18 0.05 21.90
CA ASN A 1169 0.27 0.08 20.76
C ASN A 1169 -1.13 -0.28 21.26
N GLY A 1170 -2.11 -0.17 20.38
CA GLY A 1170 -3.49 -0.43 20.77
C GLY A 1170 -3.70 -1.82 21.34
N TYR A 1171 -2.94 -2.81 20.86
CA TYR A 1171 -3.09 -4.18 21.31
C TYR A 1171 -2.28 -4.46 22.56
N SER A 1172 -2.07 -3.45 23.41
CA SER A 1172 -1.40 -3.61 24.70
C SER A 1172 -0.01 -4.19 24.57
N GLU A 1173 0.72 -3.82 23.51
CA GLU A 1173 2.11 -4.20 23.38
C GLU A 1173 2.99 -2.96 23.33
N ASP A 1174 4.06 -2.99 24.12
CA ASP A 1174 4.97 -1.85 24.20
C ASP A 1174 5.69 -1.65 22.88
N ILE A 1175 6.06 -0.39 22.62
CA ILE A 1175 6.82 -0.02 21.43
C ILE A 1175 8.20 0.46 21.85
N GLU A 1176 9.22 -0.03 21.15
CA GLU A 1176 10.60 0.25 21.50
C GLU A 1176 10.83 1.74 21.66
N LEU A 1177 11.43 2.12 22.78
CA LEU A 1177 11.85 3.49 23.04
C LEU A 1177 10.69 4.46 23.08
N ALA A 1178 9.47 3.97 23.00
CA ALA A 1178 8.32 4.85 23.04
C ALA A 1178 8.07 5.29 24.47
N SER A 1179 8.07 6.60 24.69
CA SER A 1179 7.95 7.09 26.06
C SER A 1179 7.62 8.57 26.04
N LEU A 1180 6.85 9.00 27.03
CA LEU A 1180 6.63 10.41 27.32
C LEU A 1180 7.12 10.75 28.71
N LEU A 1181 7.86 11.83 28.83
CA LEU A 1181 8.26 12.35 30.13
C LEU A 1181 7.08 13.05 30.74
N VAL A 1182 6.80 12.77 32.02
CA VAL A 1182 5.74 13.46 32.72
C VAL A 1182 6.12 13.63 34.18
N PHE A 1183 5.86 14.82 34.71
CA PHE A 1183 6.00 15.09 36.14
C PHE A 1183 4.62 14.93 36.78
N CYS A 1184 4.50 13.96 37.69
CA CYS A 1184 3.25 13.62 38.35
C CYS A 1184 3.41 13.78 39.85
N GLU A 1185 2.47 14.50 40.47
CA GLU A 1185 2.46 14.65 41.92
C GLU A 1185 1.11 14.23 42.45
N MET A 1186 1.09 13.26 43.35
CA MET A 1186 -0.13 12.73 43.94
C MET A 1186 -0.21 13.20 45.39
N ARG A 1187 -1.06 14.16 45.66
CA ARG A 1187 -1.22 14.64 47.03
C ARG A 1187 -2.54 14.12 47.59
N PRO A 1188 -2.52 13.25 48.58
CA PRO A 1188 -3.78 12.84 49.22
C PRO A 1188 -4.44 14.01 49.89
N VAL A 1189 -5.76 14.00 49.87
CA VAL A 1189 -6.54 15.05 50.52
C VAL A 1189 -6.55 14.80 52.02
N LEU A 1190 -6.12 15.80 52.78
CA LEU A 1190 -6.08 15.69 54.24
C LEU A 1190 -6.91 16.80 54.89
N TYR B 463 -20.88 -9.75 -54.32
CA TYR B 463 -19.62 -10.39 -53.99
C TYR B 463 -19.46 -10.61 -52.48
N GLU B 464 -18.44 -11.36 -52.11
CA GLU B 464 -18.14 -11.68 -50.72
C GLU B 464 -16.66 -11.49 -50.46
N LEU B 465 -16.30 -11.12 -49.23
CA LEU B 465 -14.90 -11.02 -48.88
C LEU B 465 -14.61 -11.81 -47.60
N PRO B 466 -13.64 -12.72 -47.64
CA PRO B 466 -13.21 -13.38 -46.39
C PRO B 466 -12.69 -12.35 -45.40
N GLU B 467 -13.01 -12.56 -44.13
CA GLU B 467 -12.61 -11.60 -43.11
C GLU B 467 -11.25 -11.95 -42.51
N ASP B 468 -10.45 -10.93 -42.27
CA ASP B 468 -9.18 -11.05 -41.57
C ASP B 468 -9.27 -10.31 -40.23
N PRO B 469 -9.25 -11.02 -39.10
CA PRO B 469 -9.40 -10.35 -37.81
C PRO B 469 -8.32 -9.32 -37.49
N ARG B 470 -7.14 -9.44 -38.10
CA ARG B 470 -6.04 -8.53 -37.77
C ARG B 470 -6.21 -7.13 -38.35
N TRP B 471 -6.84 -7.00 -39.52
CA TRP B 471 -7.08 -5.70 -40.12
C TRP B 471 -8.52 -5.22 -40.04
N GLU B 472 -9.48 -6.10 -39.77
CA GLU B 472 -10.88 -5.72 -39.81
C GLU B 472 -11.23 -4.79 -38.66
N LEU B 473 -11.82 -3.64 -38.99
CA LEU B 473 -12.24 -2.65 -38.02
C LEU B 473 -13.74 -2.41 -38.16
N PRO B 474 -14.47 -2.21 -37.07
CA PRO B 474 -15.91 -1.96 -37.18
C PRO B 474 -16.21 -0.74 -38.02
N ARG B 475 -17.27 -0.85 -38.85
CA ARG B 475 -17.65 0.26 -39.71
C ARG B 475 -18.22 1.43 -38.91
N ASP B 476 -19.00 1.12 -37.86
CA ASP B 476 -19.63 2.15 -37.06
C ASP B 476 -18.64 2.99 -36.25
N ARG B 477 -17.42 2.49 -36.04
CA ARG B 477 -16.39 3.27 -35.34
C ARG B 477 -15.70 4.27 -36.24
N LEU B 478 -15.99 4.25 -37.54
CA LEU B 478 -15.40 5.17 -38.51
C LEU B 478 -16.47 6.15 -38.96
N VAL B 479 -16.17 7.44 -38.84
CA VAL B 479 -17.06 8.49 -39.33
C VAL B 479 -16.36 9.19 -40.49
N LEU B 480 -16.98 9.16 -41.65
CA LEU B 480 -16.40 9.77 -42.84
C LEU B 480 -16.49 11.29 -42.74
N GLY B 481 -15.59 11.97 -43.46
CA GLY B 481 -15.56 13.42 -43.43
C GLY B 481 -15.44 14.02 -44.82
N LYS B 482 -14.62 15.05 -44.96
CA LYS B 482 -14.50 15.75 -46.23
C LYS B 482 -13.50 15.03 -47.13
N PRO B 483 -13.90 14.67 -48.35
CA PRO B 483 -13.01 13.95 -49.24
C PRO B 483 -11.76 14.75 -49.58
N LEU B 484 -10.65 14.03 -49.76
CA LEU B 484 -9.33 14.64 -49.95
C LEU B 484 -8.87 14.63 -51.40
N GLY B 485 -9.03 13.51 -52.09
CA GLY B 485 -8.61 13.43 -53.47
C GLY B 485 -9.29 12.27 -54.17
N GLU B 486 -9.50 12.45 -55.46
CA GLU B 486 -10.24 11.49 -56.28
C GLU B 486 -9.37 11.04 -57.44
N GLY B 487 -9.22 9.72 -57.58
CA GLY B 487 -8.51 9.14 -58.69
C GLY B 487 -9.44 8.89 -59.87
N CYS B 488 -8.97 8.02 -60.77
CA CYS B 488 -9.79 7.63 -61.91
C CYS B 488 -10.93 6.71 -61.50
N PHE B 489 -10.67 5.84 -60.51
CA PHE B 489 -11.64 4.83 -60.12
C PHE B 489 -12.01 4.87 -58.64
N GLY B 490 -11.15 5.39 -57.76
CA GLY B 490 -11.42 5.35 -56.35
C GLY B 490 -11.28 6.72 -55.72
N GLN B 491 -11.88 6.87 -54.55
CA GLN B 491 -11.88 8.12 -53.82
C GLN B 491 -11.23 7.89 -52.46
N VAL B 492 -10.62 8.97 -51.95
CA VAL B 492 -9.99 8.98 -50.63
C VAL B 492 -10.60 10.12 -49.84
N VAL B 493 -10.91 9.86 -48.58
CA VAL B 493 -11.59 10.83 -47.72
C VAL B 493 -10.83 10.92 -46.40
N LEU B 494 -10.86 12.10 -45.79
CA LEU B 494 -10.40 12.22 -44.42
C LEU B 494 -11.50 11.82 -43.45
N ALA B 495 -11.22 10.82 -42.63
CA ALA B 495 -12.22 10.29 -41.72
C ALA B 495 -11.63 10.16 -40.33
N GLU B 496 -12.50 9.93 -39.35
CA GLU B 496 -12.09 9.75 -37.97
C GLU B 496 -12.44 8.34 -37.54
N ALA B 497 -11.43 7.60 -37.07
CA ALA B 497 -11.61 6.22 -36.62
C ALA B 497 -11.51 6.19 -35.09
N ILE B 498 -12.46 5.52 -34.47
CA ILE B 498 -12.56 5.45 -33.02
C ILE B 498 -12.04 4.10 -32.56
N GLY B 499 -11.13 4.12 -31.59
CA GLY B 499 -10.55 2.90 -31.06
C GLY B 499 -9.64 2.15 -32.01
N LEU B 500 -8.81 2.87 -32.78
CA LEU B 500 -7.79 2.19 -33.58
C LEU B 500 -6.80 1.48 -32.67
N ASP B 501 -6.42 2.10 -31.56
CA ASP B 501 -5.64 1.44 -30.52
C ASP B 501 -6.58 0.52 -29.75
N LYS B 502 -6.32 -0.78 -29.79
CA LYS B 502 -7.16 -1.72 -29.05
C LYS B 502 -7.03 -1.52 -27.55
N ASP B 503 -5.91 -0.96 -27.09
CA ASP B 503 -5.77 -0.59 -25.68
C ASP B 503 -6.47 0.72 -25.36
N LYS B 504 -6.81 1.52 -26.37
CA LYS B 504 -7.48 2.81 -26.19
C LYS B 504 -8.70 2.87 -27.09
N PRO B 505 -9.79 2.20 -26.71
CA PRO B 505 -10.97 2.14 -27.58
C PRO B 505 -11.65 3.48 -27.80
N ASN B 506 -11.39 4.48 -26.96
CA ASN B 506 -12.05 5.77 -27.07
C ASN B 506 -11.21 6.81 -27.79
N ARG B 507 -10.08 6.42 -28.36
CA ARG B 507 -9.18 7.38 -29.00
C ARG B 507 -9.58 7.59 -30.46
N VAL B 508 -9.58 8.85 -30.89
CA VAL B 508 -9.98 9.22 -32.24
C VAL B 508 -8.73 9.50 -33.06
N THR B 509 -8.64 8.88 -34.24
CA THR B 509 -7.48 9.01 -35.11
C THR B 509 -7.93 9.51 -36.48
N LYS B 510 -7.23 10.52 -36.98
CA LYS B 510 -7.50 11.01 -38.33
C LYS B 510 -6.83 10.09 -39.35
N VAL B 511 -7.63 9.54 -40.27
CA VAL B 511 -7.18 8.53 -41.21
C VAL B 511 -7.64 8.92 -42.61
N ALA B 512 -7.02 8.27 -43.60
CA ALA B 512 -7.44 8.37 -44.98
C ALA B 512 -8.15 7.08 -45.37
N VAL B 513 -9.40 7.19 -45.79
CA VAL B 513 -10.23 6.03 -46.13
C VAL B 513 -10.46 6.05 -47.63
N LYS B 514 -10.11 4.96 -48.29
CA LYS B 514 -10.33 4.80 -49.72
C LYS B 514 -11.55 3.92 -49.95
N MET B 515 -12.38 4.34 -50.90
CA MET B 515 -13.58 3.58 -51.23
C MET B 515 -13.87 3.70 -52.73
N LEU B 516 -14.51 2.69 -53.29
CA LEU B 516 -14.83 2.68 -54.72
C LEU B 516 -15.93 3.69 -55.01
N LYS B 517 -16.08 4.02 -56.28
CA LYS B 517 -17.18 4.87 -56.70
C LYS B 517 -18.48 4.07 -56.76
N SER B 518 -19.60 4.80 -56.88
CA SER B 518 -20.89 4.13 -56.97
C SER B 518 -21.03 3.33 -58.25
N ASP B 519 -20.45 3.80 -59.35
CA ASP B 519 -20.47 3.08 -60.62
C ASP B 519 -19.19 2.27 -60.84
N ALA B 520 -18.50 1.89 -59.76
CA ALA B 520 -17.27 1.14 -59.89
C ALA B 520 -17.55 -0.26 -60.44
N THR B 521 -16.58 -0.79 -61.18
CA THR B 521 -16.70 -2.10 -61.80
C THR B 521 -16.03 -3.17 -60.93
N GLU B 522 -16.23 -4.43 -61.32
CA GLU B 522 -15.66 -5.55 -60.57
C GLU B 522 -14.14 -5.56 -60.64
N LYS B 523 -13.56 -5.13 -61.77
CA LYS B 523 -12.11 -5.10 -61.90
C LYS B 523 -11.49 -4.10 -60.93
N ASP B 524 -12.16 -2.97 -60.70
CA ASP B 524 -11.69 -2.00 -59.70
C ASP B 524 -11.76 -2.60 -58.30
N LEU B 525 -12.81 -3.37 -58.03
CA LEU B 525 -12.92 -4.06 -56.74
C LEU B 525 -11.76 -5.04 -56.55
N SER B 526 -11.45 -5.82 -57.58
CA SER B 526 -10.30 -6.71 -57.53
C SER B 526 -9.00 -5.93 -57.35
N ASP B 527 -8.89 -4.79 -58.03
CA ASP B 527 -7.69 -3.97 -57.91
C ASP B 527 -7.50 -3.44 -56.49
N LEU B 528 -8.59 -3.00 -55.85
CA LEU B 528 -8.48 -2.56 -54.46
C LEU B 528 -8.19 -3.73 -53.53
N ILE B 529 -8.77 -4.90 -53.80
CA ILE B 529 -8.45 -6.08 -53.00
C ILE B 529 -6.95 -6.37 -53.09
N SER B 530 -6.40 -6.35 -54.30
CA SER B 530 -4.98 -6.55 -54.49
C SER B 530 -4.17 -5.47 -53.80
N GLU B 531 -4.67 -4.23 -53.82
CA GLU B 531 -3.94 -3.11 -53.24
C GLU B 531 -3.84 -3.25 -51.72
N MET B 532 -4.96 -3.57 -51.07
CA MET B 532 -4.93 -3.81 -49.63
C MET B 532 -4.05 -5.00 -49.30
N GLU B 533 -4.10 -6.05 -50.12
CA GLU B 533 -3.25 -7.21 -49.86
C GLU B 533 -1.77 -6.85 -50.00
N MET B 534 -1.42 -6.01 -50.97
CA MET B 534 -0.03 -5.59 -51.12
C MET B 534 0.43 -4.76 -49.94
N MET B 535 -0.43 -3.86 -49.44
CA MET B 535 -0.09 -3.17 -48.20
C MET B 535 0.13 -4.14 -47.05
N LYS B 536 -0.69 -5.19 -46.99
CA LYS B 536 -0.56 -6.16 -45.91
C LYS B 536 0.74 -6.94 -46.00
N MET B 537 1.13 -7.36 -47.20
CA MET B 537 2.37 -8.15 -47.34
C MET B 537 3.63 -7.29 -47.21
N ILE B 538 3.62 -6.06 -47.74
CA ILE B 538 4.85 -5.26 -47.67
C ILE B 538 5.20 -4.95 -46.22
N GLY B 539 4.20 -4.59 -45.41
CA GLY B 539 4.43 -4.35 -44.00
C GLY B 539 4.24 -2.89 -43.60
N LYS B 540 4.99 -2.50 -42.57
CA LYS B 540 4.92 -1.15 -42.02
C LYS B 540 6.30 -0.50 -42.09
N HIS B 541 6.32 0.79 -42.42
CA HIS B 541 7.54 1.57 -42.45
C HIS B 541 7.16 3.04 -42.35
N LYS B 542 8.01 3.82 -41.68
CA LYS B 542 7.70 5.23 -41.45
C LYS B 542 7.61 6.00 -42.76
N ASN B 543 8.49 5.69 -43.72
CA ASN B 543 8.63 6.46 -44.94
C ASN B 543 7.67 6.03 -46.05
N ILE B 544 6.66 5.24 -45.70
CA ILE B 544 5.62 4.84 -46.65
C ILE B 544 4.27 5.05 -45.97
N ILE B 545 3.22 5.14 -46.78
CA ILE B 545 1.88 5.21 -46.22
C ILE B 545 1.51 3.81 -45.72
N ASN B 546 1.05 3.72 -44.48
CA ASN B 546 0.86 2.43 -43.85
C ASN B 546 -0.62 2.11 -43.70
N LEU B 547 -1.00 0.93 -44.19
CA LEU B 547 -2.35 0.45 -44.00
C LEU B 547 -2.65 0.25 -42.52
N LEU B 548 -3.80 0.74 -42.09
CA LEU B 548 -4.23 0.59 -40.70
C LEU B 548 -5.30 -0.48 -40.54
N GLY B 549 -6.11 -0.72 -41.57
CA GLY B 549 -7.12 -1.74 -41.51
C GLY B 549 -8.06 -1.63 -42.68
N ALA B 550 -9.11 -2.45 -42.64
CA ALA B 550 -10.11 -2.43 -43.70
C ALA B 550 -11.46 -2.84 -43.13
N CYS B 551 -12.51 -2.29 -43.75
CA CYS B 551 -13.89 -2.65 -43.46
C CYS B 551 -14.42 -3.35 -44.71
N THR B 552 -14.54 -4.68 -44.63
CA THR B 552 -14.88 -5.51 -45.78
C THR B 552 -16.27 -6.13 -45.68
N GLN B 553 -16.82 -6.27 -44.48
CA GLN B 553 -18.09 -6.94 -44.28
C GLN B 553 -19.22 -5.93 -44.15
N ASP B 554 -20.39 -6.29 -44.69
CA ASP B 554 -21.65 -5.58 -44.46
C ASP B 554 -21.58 -4.13 -44.91
N GLY B 555 -20.98 -3.88 -46.08
CA GLY B 555 -20.92 -2.54 -46.62
C GLY B 555 -19.84 -2.41 -47.67
N PRO B 556 -19.71 -1.22 -48.26
CA PRO B 556 -18.69 -1.00 -49.29
C PRO B 556 -17.28 -1.14 -48.72
N LEU B 557 -16.39 -1.63 -49.57
CA LEU B 557 -15.02 -1.94 -49.15
C LEU B 557 -14.27 -0.66 -48.80
N TYR B 558 -13.89 -0.53 -47.53
CA TYR B 558 -13.22 0.66 -47.03
C TYR B 558 -11.79 0.31 -46.64
N VAL B 559 -10.84 1.13 -47.08
CA VAL B 559 -9.43 0.93 -46.76
C VAL B 559 -8.99 2.07 -45.86
N ILE B 560 -8.66 1.76 -44.61
CA ILE B 560 -8.27 2.75 -43.63
C ILE B 560 -6.74 2.75 -43.54
N VAL B 561 -6.12 3.85 -43.96
CA VAL B 561 -4.68 4.02 -43.91
C VAL B 561 -4.37 5.33 -43.20
N GLU B 562 -3.08 5.60 -43.05
CA GLU B 562 -2.64 6.80 -42.35
C GLU B 562 -3.04 8.05 -43.13
N TYR B 563 -3.21 9.15 -42.42
CA TYR B 563 -3.61 10.42 -43.01
C TYR B 563 -2.45 11.41 -42.98
N ALA B 564 -2.25 12.10 -44.09
CA ALA B 564 -1.23 13.14 -44.21
C ALA B 564 -1.94 14.49 -44.23
N SER B 565 -1.68 15.31 -43.21
CA SER B 565 -2.33 16.61 -43.11
C SER B 565 -1.77 17.63 -44.09
N LYS B 566 -0.52 17.48 -44.51
CA LYS B 566 0.13 18.44 -45.38
C LYS B 566 0.18 17.99 -46.84
N GLY B 567 -0.46 16.86 -47.17
CA GLY B 567 -0.57 16.45 -48.55
C GLY B 567 0.74 15.94 -49.15
N ASN B 568 0.76 15.88 -50.47
CA ASN B 568 1.93 15.40 -51.19
C ASN B 568 3.05 16.44 -51.15
N LEU B 569 4.27 15.96 -51.39
CA LEU B 569 5.44 16.80 -51.18
C LEU B 569 5.59 17.84 -52.29
N ARG B 570 5.04 17.59 -53.47
CA ARG B 570 5.12 18.58 -54.54
C ARG B 570 4.44 19.88 -54.13
N GLU B 571 3.17 19.80 -53.70
CA GLU B 571 2.43 20.99 -53.32
C GLU B 571 2.97 21.58 -52.02
N TYR B 572 3.40 20.71 -51.10
CA TYR B 572 4.01 21.19 -49.86
C TYR B 572 5.26 22.01 -50.14
N LEU B 573 6.13 21.51 -51.02
CA LEU B 573 7.32 22.26 -51.40
C LEU B 573 6.95 23.54 -52.14
N GLN B 574 5.96 23.46 -53.02
CA GLN B 574 5.56 24.64 -53.78
C GLN B 574 5.01 25.72 -52.87
N ALA B 575 4.37 25.30 -51.78
CA ALA B 575 3.79 26.23 -50.82
C ALA B 575 4.84 26.84 -49.90
N ARG B 576 6.08 26.36 -49.97
CA ARG B 576 7.17 26.84 -49.13
C ARG B 576 8.27 27.54 -49.93
N ARG B 577 8.03 27.75 -51.22
CA ARG B 577 9.03 28.44 -52.02
C ARG B 577 9.29 29.84 -51.47
N PRO B 578 10.56 30.22 -51.31
CA PRO B 578 10.91 31.55 -50.78
C PRO B 578 10.48 32.66 -51.71
N PRO B 579 10.37 33.88 -51.22
CA PRO B 579 10.00 35.01 -52.08
C PRO B 579 11.02 35.24 -53.19
N GLY B 580 10.53 35.78 -54.31
CA GLY B 580 11.31 35.92 -55.52
C GLY B 580 11.29 34.69 -56.39
N LEU B 581 10.86 33.57 -55.83
CA LEU B 581 10.78 32.29 -56.52
C LEU B 581 9.33 31.94 -56.84
N GLU B 582 8.38 32.68 -56.27
CA GLU B 582 6.97 32.34 -56.45
C GLU B 582 6.49 32.76 -57.83
N TYR B 583 5.62 31.93 -58.41
CA TYR B 583 4.92 32.33 -59.62
C TYR B 583 3.84 33.34 -59.31
N CYS B 584 3.22 33.20 -58.13
CA CYS B 584 2.17 34.10 -57.67
C CYS B 584 2.35 34.30 -56.18
N TYR B 585 1.78 35.37 -55.64
CA TYR B 585 1.95 35.69 -54.23
C TYR B 585 1.20 34.71 -53.35
N ASN B 586 1.88 34.20 -52.32
CA ASN B 586 1.27 33.29 -51.36
C ASN B 586 1.02 34.01 -50.05
N PRO B 587 -0.22 34.34 -49.73
CA PRO B 587 -0.50 34.92 -48.40
C PRO B 587 -0.24 33.97 -47.26
N SER B 588 -0.28 32.65 -47.50
CA SER B 588 -0.04 31.67 -46.46
C SER B 588 1.44 31.43 -46.20
N HIS B 589 2.31 32.33 -46.64
CA HIS B 589 3.74 32.23 -46.38
C HIS B 589 4.05 32.43 -44.90
N ASN B 590 4.67 31.42 -44.28
CA ASN B 590 5.11 31.52 -42.90
C ASN B 590 6.64 31.54 -42.86
N PRO B 591 7.27 32.63 -42.42
CA PRO B 591 8.75 32.66 -42.37
C PRO B 591 9.35 31.63 -41.42
N GLU B 592 8.56 31.07 -40.50
CA GLU B 592 9.10 30.11 -39.54
C GLU B 592 9.19 28.69 -40.08
N GLU B 593 8.57 28.39 -41.21
CA GLU B 593 8.55 27.03 -41.74
C GLU B 593 9.51 26.83 -42.92
N GLN B 594 10.27 27.85 -43.30
CA GLN B 594 11.10 27.76 -44.49
C GLN B 594 12.08 26.60 -44.38
N LEU B 595 12.11 25.77 -45.41
CA LEU B 595 12.97 24.59 -45.39
C LEU B 595 14.39 24.98 -45.77
N SER B 596 15.33 24.76 -44.85
CA SER B 596 16.73 24.94 -45.16
C SER B 596 17.19 23.82 -46.09
N SER B 597 18.46 23.90 -46.51
CA SER B 597 19.02 22.82 -47.32
C SER B 597 19.00 21.50 -46.56
N LYS B 598 19.23 21.55 -45.25
CA LYS B 598 19.12 20.35 -44.43
C LYS B 598 17.74 19.73 -44.54
N ASP B 599 16.70 20.57 -44.63
CA ASP B 599 15.35 20.05 -44.73
C ASP B 599 15.14 19.30 -46.03
N LEU B 600 15.62 19.85 -47.15
CA LEU B 600 15.51 19.15 -48.43
C LEU B 600 16.28 17.84 -48.42
N VAL B 601 17.51 17.87 -47.89
CA VAL B 601 18.32 16.65 -47.85
C VAL B 601 17.68 15.62 -46.94
N SER B 602 17.07 16.06 -45.84
CA SER B 602 16.38 15.13 -44.94
C SER B 602 15.16 14.53 -45.61
N CYS B 603 14.38 15.33 -46.33
CA CYS B 603 13.21 14.80 -47.04
C CYS B 603 13.65 13.77 -48.07
N ALA B 604 14.72 14.07 -48.81
CA ALA B 604 15.24 13.12 -49.78
C ALA B 604 15.71 11.85 -49.11
N TYR B 605 16.37 11.97 -47.95
CA TYR B 605 16.80 10.79 -47.21
C TYR B 605 15.60 9.95 -46.79
N GLN B 606 14.54 10.60 -46.32
CA GLN B 606 13.36 9.86 -45.86
C GLN B 606 12.74 9.08 -47.02
N VAL B 607 12.60 9.74 -48.18
CA VAL B 607 12.03 9.05 -49.34
C VAL B 607 12.93 7.90 -49.77
N ALA B 608 14.25 8.11 -49.77
CA ALA B 608 15.17 7.05 -50.16
C ALA B 608 15.05 5.85 -49.22
N ARG B 609 14.92 6.12 -47.92
CA ARG B 609 14.67 5.04 -46.96
C ARG B 609 13.38 4.32 -47.29
N GLY B 610 12.36 5.05 -47.73
CA GLY B 610 11.13 4.40 -48.14
C GLY B 610 11.32 3.44 -49.31
N MET B 611 12.02 3.89 -50.35
CA MET B 611 12.26 2.96 -51.47
C MET B 611 13.16 1.81 -51.07
N GLU B 612 14.07 2.02 -50.12
CA GLU B 612 14.88 0.91 -49.64
C GLU B 612 13.99 -0.13 -48.94
N TYR B 613 13.03 0.33 -48.15
CA TYR B 613 12.09 -0.60 -47.54
C TYR B 613 11.27 -1.33 -48.60
N LEU B 614 10.81 -0.60 -49.62
CA LEU B 614 9.98 -1.23 -50.65
C LEU B 614 10.77 -2.26 -51.45
N ALA B 615 11.98 -1.90 -51.90
CA ALA B 615 12.80 -2.83 -52.65
C ALA B 615 13.24 -4.00 -51.79
N SER B 616 13.43 -3.76 -50.50
CA SER B 616 13.65 -4.87 -49.57
C SER B 616 12.47 -5.83 -49.57
N LYS B 617 11.27 -5.32 -49.85
CA LYS B 617 10.09 -6.14 -50.00
C LYS B 617 9.78 -6.44 -51.47
N LYS B 618 10.77 -6.25 -52.36
CA LYS B 618 10.64 -6.44 -53.80
C LYS B 618 9.54 -5.58 -54.41
N CYS B 619 9.42 -4.33 -53.97
CA CYS B 619 8.40 -3.43 -54.51
C CYS B 619 9.01 -2.44 -55.49
N ILE B 620 8.42 -2.37 -56.68
CA ILE B 620 8.75 -1.37 -57.66
C ILE B 620 7.57 -0.39 -57.72
N HIS B 621 7.83 0.86 -57.33
CA HIS B 621 6.79 1.88 -57.25
C HIS B 621 6.17 2.17 -58.62
N ARG B 622 7.02 2.27 -59.64
CA ARG B 622 6.67 2.46 -61.04
C ARG B 622 6.07 3.83 -61.32
N ASP B 623 5.79 4.60 -60.29
CA ASP B 623 5.28 5.96 -60.47
C ASP B 623 5.85 6.88 -59.39
N LEU B 624 7.15 6.75 -59.13
CA LEU B 624 7.78 7.57 -58.11
C LEU B 624 7.67 9.04 -58.52
N ALA B 625 7.07 9.85 -57.66
CA ALA B 625 6.89 11.26 -57.97
C ALA B 625 6.65 12.03 -56.68
N ALA B 626 6.90 13.35 -56.75
CA ALA B 626 6.63 14.23 -55.63
C ALA B 626 5.13 14.31 -55.34
N ARG B 627 4.30 14.21 -56.36
CA ARG B 627 2.87 14.00 -56.15
C ARG B 627 2.60 12.69 -55.43
N ASN B 628 3.51 11.72 -55.53
CA ASN B 628 3.29 10.36 -55.06
C ASN B 628 3.92 10.08 -53.71
N VAL B 629 4.40 11.13 -53.02
CA VAL B 629 4.83 11.04 -51.63
C VAL B 629 4.13 12.15 -50.85
N LEU B 630 3.56 11.79 -49.71
CA LEU B 630 2.80 12.70 -48.86
C LEU B 630 3.68 13.24 -47.73
N VAL B 631 3.25 14.37 -47.18
CA VAL B 631 3.89 15.02 -46.04
C VAL B 631 2.96 14.89 -44.85
N THR B 632 3.45 14.35 -43.76
CA THR B 632 2.64 14.25 -42.55
C THR B 632 2.62 15.60 -41.87
N GLU B 633 1.85 15.73 -40.81
CA GLU B 633 1.86 16.97 -40.06
C GLU B 633 3.26 17.14 -39.52
N ASP B 634 3.94 16.02 -39.25
CA ASP B 634 5.31 16.07 -38.76
C ASP B 634 6.26 16.17 -39.94
N ASN B 635 5.71 16.43 -41.12
CA ASN B 635 6.54 16.58 -42.33
C ASN B 635 7.20 15.28 -42.74
N VAL B 636 7.09 14.24 -41.91
CA VAL B 636 7.73 12.98 -42.23
C VAL B 636 7.23 12.52 -43.59
N MET B 637 8.16 12.34 -44.53
CA MET B 637 7.81 11.83 -45.85
C MET B 637 7.17 10.46 -45.71
N LYS B 638 6.12 10.22 -46.49
CA LYS B 638 5.51 8.88 -46.55
C LYS B 638 5.15 8.58 -47.99
N ILE B 639 5.76 7.53 -48.54
CA ILE B 639 5.46 7.17 -49.92
C ILE B 639 4.01 6.77 -50.04
N ALA B 640 3.34 7.34 -51.04
CA ALA B 640 1.97 6.99 -51.35
C ALA B 640 1.94 6.25 -52.68
N ASP B 641 0.83 5.55 -52.91
CA ASP B 641 0.52 4.95 -54.20
C ASP B 641 1.50 3.82 -54.54
N PHE B 642 2.21 3.31 -53.55
CA PHE B 642 3.11 2.20 -53.81
C PHE B 642 2.33 0.89 -53.77
N GLY B 643 2.94 -0.17 -54.29
CA GLY B 643 2.29 -1.46 -54.32
C GLY B 643 1.14 -1.55 -55.28
N LEU B 644 0.99 -0.58 -56.18
CA LEU B 644 -0.10 -0.59 -57.15
C LEU B 644 0.24 -1.57 -58.26
N ALA B 645 -0.38 -2.74 -58.24
CA ALA B 645 -0.16 -3.74 -59.28
C ALA B 645 -0.88 -3.32 -60.54
N ARG B 646 -0.51 -2.16 -61.09
CA ARG B 646 -1.26 -1.58 -62.18
C ARG B 646 -0.76 -2.13 -63.51
N ASP B 647 -1.68 -2.72 -64.28
CA ASP B 647 -1.32 -3.37 -65.53
C ASP B 647 -0.67 -2.39 -66.48
N ILE B 648 0.39 -2.84 -67.15
CA ILE B 648 1.15 -2.01 -68.08
C ILE B 648 0.65 -2.33 -69.48
N HIS B 649 -0.59 -2.85 -69.54
CA HIS B 649 -1.16 -3.29 -70.82
C HIS B 649 -1.11 -2.18 -71.87
N HIS B 650 -1.80 -1.07 -71.61
CA HIS B 650 -1.88 0.04 -72.57
C HIS B 650 -2.04 1.34 -71.78
N ILE B 651 -0.93 2.04 -71.57
CA ILE B 651 -0.98 3.38 -70.99
C ILE B 651 -0.45 4.37 -72.01
N ASP B 652 -1.28 5.32 -72.40
CA ASP B 652 -0.95 6.25 -73.48
C ASP B 652 0.07 7.28 -73.01
N TYR B 653 0.98 7.66 -73.90
CA TYR B 653 1.94 8.70 -73.60
C TYR B 653 1.35 10.10 -73.78
N TYR B 654 0.18 10.21 -74.41
CA TYR B 654 -0.38 11.48 -74.82
C TYR B 654 -1.80 11.70 -74.28
N LYS B 655 -2.01 11.42 -72.99
CA LYS B 655 -3.31 11.62 -72.33
C LYS B 655 -3.04 11.88 -70.86
N LYS B 656 -3.08 13.15 -70.45
CA LYS B 656 -2.63 13.62 -69.15
C LYS B 656 -3.14 12.80 -67.98
N THR B 657 -2.38 12.81 -66.88
CA THR B 657 -2.71 12.07 -65.66
C THR B 657 -4.13 12.35 -65.19
N THR B 658 -4.70 11.41 -64.42
CA THR B 658 -6.10 11.37 -64.00
C THR B 658 -6.94 10.96 -65.21
N ASN B 659 -6.29 10.88 -66.37
CA ASN B 659 -6.85 10.28 -67.58
C ASN B 659 -5.91 9.23 -68.16
N GLY B 660 -4.78 9.00 -67.52
CA GLY B 660 -3.90 7.91 -67.92
C GLY B 660 -2.61 8.28 -68.61
N ARG B 661 -1.90 9.30 -68.13
CA ARG B 661 -0.54 9.52 -68.62
C ARG B 661 0.48 8.88 -67.71
N LEU B 662 1.39 8.13 -68.32
CA LEU B 662 2.51 7.60 -67.57
C LEU B 662 3.41 8.75 -67.11
N PRO B 663 4.14 8.58 -66.02
CA PRO B 663 5.10 9.61 -65.64
C PRO B 663 6.28 9.61 -66.59
N VAL B 664 6.06 10.02 -67.85
CA VAL B 664 7.10 9.95 -68.86
C VAL B 664 8.29 10.82 -68.46
N LYS B 665 8.04 11.90 -67.73
CA LYS B 665 9.12 12.74 -67.23
C LYS B 665 9.74 12.16 -65.97
N TRP B 666 9.25 11.01 -65.50
CA TRP B 666 9.77 10.34 -64.32
C TRP B 666 10.41 9.00 -64.64
N MET B 667 10.14 8.43 -65.81
CA MET B 667 10.60 7.08 -66.12
C MET B 667 12.00 7.09 -66.72
N ALA B 668 12.69 5.96 -66.57
CA ALA B 668 13.98 5.77 -67.21
C ALA B 668 13.79 5.23 -68.62
N PRO B 669 14.79 5.39 -69.50
CA PRO B 669 14.61 4.95 -70.90
C PRO B 669 14.23 3.49 -71.08
N GLU B 670 14.72 2.60 -70.22
CA GLU B 670 14.36 1.18 -70.38
C GLU B 670 12.88 0.95 -70.13
N ALA B 671 12.29 1.69 -69.19
CA ALA B 671 10.84 1.60 -68.99
C ALA B 671 10.10 2.42 -70.03
N LEU B 672 10.76 3.43 -70.60
CA LEU B 672 10.09 4.28 -71.58
C LEU B 672 9.95 3.58 -72.93
N PHE B 673 10.98 2.85 -73.35
CA PHE B 673 11.00 2.24 -74.67
C PHE B 673 10.66 0.76 -74.63
N ASP B 674 11.31 0.00 -73.76
CA ASP B 674 11.03 -1.42 -73.60
C ASP B 674 10.14 -1.72 -72.41
N ARG B 675 9.59 -0.69 -71.77
CA ARG B 675 8.68 -0.85 -70.63
C ARG B 675 9.34 -1.62 -69.48
N ILE B 676 10.67 -1.53 -69.38
CA ILE B 676 11.41 -2.27 -68.38
C ILE B 676 11.31 -1.49 -67.07
N TYR B 677 10.41 -1.90 -66.21
CA TYR B 677 10.26 -1.30 -64.89
C TYR B 677 11.10 -2.11 -63.91
N THR B 678 11.96 -1.43 -63.18
CA THR B 678 12.84 -2.08 -62.21
C THR B 678 13.01 -1.17 -61.00
N HIS B 679 13.79 -1.65 -60.03
CA HIS B 679 14.24 -0.79 -58.96
C HIS B 679 15.23 0.26 -59.46
N GLN B 680 15.91 -0.02 -60.58
CA GLN B 680 16.76 0.99 -61.19
C GLN B 680 15.94 2.07 -61.88
N SER B 681 14.81 1.70 -62.48
CA SER B 681 13.83 2.71 -62.89
C SER B 681 13.35 3.50 -61.68
N ASP B 682 13.22 2.83 -60.53
CA ASP B 682 12.88 3.53 -59.30
C ASP B 682 13.96 4.54 -58.92
N VAL B 683 15.22 4.16 -59.10
CA VAL B 683 16.33 5.07 -58.81
C VAL B 683 16.29 6.26 -59.75
N TRP B 684 16.02 6.02 -61.04
CA TRP B 684 15.89 7.11 -61.99
C TRP B 684 14.77 8.06 -61.57
N SER B 685 13.63 7.51 -61.19
CA SER B 685 12.50 8.35 -60.78
C SER B 685 12.81 9.09 -59.49
N PHE B 686 13.62 8.50 -58.62
CA PHE B 686 14.01 9.20 -57.39
C PHE B 686 15.01 10.31 -57.69
N GLY B 687 15.84 10.12 -58.72
CA GLY B 687 16.65 11.24 -59.20
C GLY B 687 15.79 12.36 -59.75
N VAL B 688 14.73 12.01 -60.47
CA VAL B 688 13.74 13.01 -60.87
C VAL B 688 13.14 13.69 -59.65
N LEU B 689 12.90 12.91 -58.59
CA LEU B 689 12.39 13.49 -57.34
C LEU B 689 13.38 14.49 -56.77
N LEU B 690 14.66 14.15 -56.76
CA LEU B 690 15.67 15.08 -56.26
C LEU B 690 15.70 16.36 -57.10
N TRP B 691 15.62 16.22 -58.42
CA TRP B 691 15.54 17.39 -59.28
C TRP B 691 14.34 18.25 -58.92
N GLU B 692 13.19 17.62 -58.71
CA GLU B 692 11.99 18.38 -58.36
C GLU B 692 12.12 19.05 -57.01
N ILE B 693 12.71 18.34 -56.04
CA ILE B 693 12.84 18.86 -54.68
C ILE B 693 13.77 20.07 -54.66
N PHE B 694 14.90 19.97 -55.37
CA PHE B 694 15.81 21.10 -55.43
C PHE B 694 15.44 22.11 -56.51
N THR B 695 14.39 21.85 -57.29
CA THR B 695 13.64 22.91 -57.94
C THR B 695 12.41 23.28 -57.13
N LEU B 696 12.29 22.74 -55.92
CA LEU B 696 11.18 23.02 -55.01
C LEU B 696 9.85 22.56 -55.61
N GLY B 697 9.78 21.26 -55.89
CA GLY B 697 8.61 20.70 -56.53
C GLY B 697 8.50 21.02 -58.00
N GLY B 698 9.62 21.31 -58.66
CA GLY B 698 9.58 21.79 -60.02
C GLY B 698 9.09 20.75 -61.00
N SER B 699 8.54 21.24 -62.11
CA SER B 699 8.07 20.34 -63.16
C SER B 699 9.26 19.79 -63.92
N PRO B 700 9.42 18.47 -64.00
CA PRO B 700 10.55 17.91 -64.73
C PRO B 700 10.53 18.35 -66.18
N TYR B 701 11.72 18.63 -66.73
CA TYR B 701 11.87 19.06 -68.09
C TYR B 701 10.97 20.25 -68.42
N PRO B 702 11.26 21.42 -67.88
CA PRO B 702 10.42 22.60 -68.16
C PRO B 702 10.50 23.00 -69.62
N GLY B 703 9.34 23.09 -70.26
CA GLY B 703 9.27 23.46 -71.66
C GLY B 703 9.59 22.37 -72.64
N VAL B 704 9.84 21.15 -72.18
CA VAL B 704 10.16 20.02 -73.05
C VAL B 704 8.86 19.29 -73.37
N PRO B 705 8.44 19.22 -74.64
CA PRO B 705 7.27 18.42 -74.99
C PRO B 705 7.56 16.93 -74.77
N VAL B 706 6.48 16.17 -74.54
CA VAL B 706 6.61 14.73 -74.36
C VAL B 706 7.18 14.08 -75.61
N GLU B 707 6.79 14.57 -76.80
CA GLU B 707 7.29 13.99 -78.04
C GLU B 707 8.81 14.14 -78.16
N GLU B 708 9.33 15.30 -77.75
CA GLU B 708 10.77 15.53 -77.84
C GLU B 708 11.54 14.83 -76.72
N LEU B 709 10.82 14.38 -75.69
CA LEU B 709 11.48 13.68 -74.57
C LEU B 709 12.16 12.41 -75.04
N PHE B 710 11.54 11.69 -75.98
CA PHE B 710 12.13 10.47 -76.50
C PHE B 710 13.52 10.73 -77.09
N LYS B 711 13.61 11.70 -78.00
CA LYS B 711 14.89 11.96 -78.65
C LYS B 711 15.88 12.59 -77.68
N LEU B 712 15.40 13.37 -76.71
CA LEU B 712 16.30 13.98 -75.76
C LEU B 712 16.94 12.93 -74.85
N LEU B 713 16.14 12.01 -74.31
CA LEU B 713 16.70 10.96 -73.47
C LEU B 713 17.54 9.99 -74.30
N LYS B 714 17.11 9.68 -75.52
CA LYS B 714 17.92 8.82 -76.38
C LYS B 714 19.25 9.48 -76.72
N GLU B 715 19.24 10.79 -76.97
CA GLU B 715 20.51 11.50 -77.17
C GLU B 715 21.26 11.72 -75.86
N GLY B 716 20.78 11.17 -74.75
CA GLY B 716 21.48 11.26 -73.49
C GLY B 716 21.32 12.57 -72.75
N HIS B 717 20.37 13.41 -73.17
CA HIS B 717 20.20 14.70 -72.53
C HIS B 717 19.61 14.55 -71.13
N ARG B 718 20.10 15.36 -70.20
CA ARG B 718 19.68 15.30 -68.81
C ARG B 718 19.40 16.72 -68.32
N MET B 719 18.51 16.84 -67.34
CA MET B 719 18.10 18.15 -66.86
C MET B 719 19.24 18.85 -66.14
N ASP B 720 19.18 20.19 -66.15
CA ASP B 720 20.31 21.01 -65.71
C ASP B 720 20.46 20.99 -64.19
N LYS B 721 21.43 21.76 -63.73
CA LYS B 721 21.69 21.87 -62.31
C LYS B 721 20.70 22.83 -61.67
N PRO B 722 19.94 22.39 -60.65
CA PRO B 722 19.11 23.34 -59.90
C PRO B 722 19.96 24.41 -59.26
N SER B 723 19.39 25.62 -59.20
CA SER B 723 20.18 26.81 -58.82
C SER B 723 20.75 26.66 -57.42
N ASN B 724 19.95 26.17 -56.48
CA ASN B 724 20.35 26.12 -55.07
C ASN B 724 20.71 24.70 -54.63
N CYS B 725 21.22 23.89 -55.55
CA CYS B 725 21.57 22.51 -55.28
C CYS B 725 23.08 22.32 -55.38
N THR B 726 23.65 21.59 -54.43
CA THR B 726 25.09 21.43 -54.38
C THR B 726 25.56 20.49 -55.48
N ASN B 727 26.89 20.39 -55.61
CA ASN B 727 27.46 19.57 -56.68
C ASN B 727 27.41 18.08 -56.34
N GLU B 728 27.55 17.73 -55.06
CA GLU B 728 27.50 16.32 -54.69
C GLU B 728 26.14 15.72 -54.98
N LEU B 729 25.08 16.41 -54.57
CA LEU B 729 23.74 15.94 -54.87
C LEU B 729 23.48 15.94 -56.38
N TYR B 730 24.07 16.91 -57.09
CA TYR B 730 23.95 16.94 -58.55
C TYR B 730 24.57 15.69 -59.18
N MET B 731 25.74 15.28 -58.70
CA MET B 731 26.35 14.05 -59.21
C MET B 731 25.51 12.84 -58.82
N MET B 732 24.84 12.90 -57.66
CA MET B 732 23.89 11.85 -57.31
C MET B 732 22.77 11.77 -58.34
N MET B 733 22.24 12.92 -58.77
CA MET B 733 21.23 12.94 -59.81
C MET B 733 21.76 12.39 -61.13
N ARG B 734 23.01 12.72 -61.46
CA ARG B 734 23.64 12.13 -62.64
C ARG B 734 23.69 10.61 -62.53
N ASP B 735 24.08 10.11 -61.34
CA ASP B 735 24.17 8.67 -61.12
C ASP B 735 22.82 8.00 -61.30
N CYS B 736 21.78 8.58 -60.71
CA CYS B 736 20.44 8.02 -60.85
C CYS B 736 20.00 8.01 -62.31
N TRP B 737 20.48 8.98 -63.10
CA TRP B 737 20.13 9.10 -64.51
C TRP B 737 21.20 8.52 -65.42
N HIS B 738 21.93 7.49 -64.98
CA HIS B 738 22.83 6.79 -65.88
C HIS B 738 22.02 5.98 -66.89
N ALA B 739 22.51 5.95 -68.13
CA ALA B 739 21.78 5.27 -69.19
C ALA B 739 21.64 3.78 -68.90
N VAL B 740 22.69 3.15 -68.37
CA VAL B 740 22.68 1.72 -68.07
C VAL B 740 22.08 1.53 -66.70
N PRO B 741 21.00 0.75 -66.55
CA PRO B 741 20.41 0.55 -65.22
C PRO B 741 21.33 -0.18 -64.25
N SER B 742 22.13 -1.12 -64.74
CA SER B 742 22.98 -1.90 -63.85
C SER B 742 24.05 -1.07 -63.18
N GLN B 743 24.56 -0.03 -63.85
CA GLN B 743 25.53 0.88 -63.25
C GLN B 743 24.88 1.96 -62.42
N ARG B 744 23.56 2.10 -62.49
CA ARG B 744 22.88 3.03 -61.61
C ARG B 744 23.00 2.56 -60.16
N PRO B 745 23.22 3.49 -59.24
CA PRO B 745 23.43 3.10 -57.84
C PRO B 745 22.16 2.52 -57.23
N THR B 746 22.35 1.62 -56.28
CA THR B 746 21.23 0.99 -55.61
C THR B 746 20.83 1.81 -54.38
N PHE B 747 19.55 1.67 -54.00
CA PHE B 747 18.94 2.58 -53.04
C PHE B 747 19.66 2.56 -51.69
N LYS B 748 20.28 1.45 -51.31
CA LYS B 748 21.01 1.41 -50.04
C LYS B 748 22.17 2.40 -50.04
N GLN B 749 22.90 2.46 -51.15
CA GLN B 749 24.03 3.37 -51.23
C GLN B 749 23.55 4.82 -51.28
N LEU B 750 22.41 5.06 -51.93
CA LEU B 750 21.83 6.39 -51.88
C LEU B 750 21.44 6.75 -50.45
N VAL B 751 20.91 5.78 -49.71
CA VAL B 751 20.55 6.00 -48.31
C VAL B 751 21.76 6.40 -47.50
N GLU B 752 22.86 5.65 -47.65
CA GLU B 752 24.03 5.95 -46.83
C GLU B 752 24.66 7.29 -47.22
N ASP B 753 24.73 7.58 -48.53
CA ASP B 753 25.29 8.85 -48.97
C ASP B 753 24.44 10.03 -48.49
N LEU B 754 23.11 9.89 -48.58
CA LEU B 754 22.23 10.95 -48.11
C LEU B 754 22.32 11.13 -46.60
N ASP B 755 22.50 10.03 -45.86
CA ASP B 755 22.69 10.15 -44.42
C ASP B 755 23.98 10.90 -44.10
N ARG B 756 25.04 10.63 -44.88
CA ARG B 756 26.29 11.35 -44.67
C ARG B 756 26.14 12.84 -44.97
N ILE B 757 25.46 13.16 -46.06
CA ILE B 757 25.21 14.56 -46.38
C ILE B 757 24.37 15.22 -45.29
N VAL B 758 23.41 14.48 -44.73
CA VAL B 758 22.60 14.98 -43.63
C VAL B 758 23.46 15.24 -42.41
N ALA B 759 24.34 14.30 -42.07
CA ALA B 759 25.19 14.46 -40.89
C ALA B 759 26.14 15.65 -41.05
N LEU B 760 26.58 15.89 -42.29
CA LEU B 760 27.44 17.04 -42.54
C LEU B 760 26.65 18.35 -42.49
N THR B 761 25.42 18.35 -43.01
CA THR B 761 24.61 19.56 -43.05
C THR B 761 24.05 19.96 -41.69
N SER B 762 23.72 18.98 -40.84
CA SER B 762 23.07 19.25 -39.57
C SER B 762 23.99 19.91 -38.57
N ASN B 763 25.28 20.03 -38.89
CA ASN B 763 26.29 20.77 -38.12
C ASN B 763 26.11 20.62 -36.61
N GLN B 764 25.73 19.42 -36.19
CA GLN B 764 25.62 19.07 -34.78
C GLN B 764 26.67 18.05 -34.42
N GLU B 765 27.33 18.25 -33.29
CA GLU B 765 28.33 17.30 -32.81
C GLU B 765 27.65 15.96 -32.52
N TYR B 766 28.34 14.88 -32.83
CA TYR B 766 27.91 13.55 -32.42
C TYR B 766 29.11 12.69 -32.10
N LEU B 767 28.93 11.80 -31.14
CA LEU B 767 30.03 11.13 -30.49
C LEU B 767 30.36 9.83 -31.22
N ASP B 768 31.42 9.86 -32.01
CA ASP B 768 31.81 8.73 -32.86
C ASP B 768 32.27 7.59 -31.97
N LEU B 769 31.41 6.59 -31.81
CA LEU B 769 31.68 5.47 -30.93
C LEU B 769 32.46 4.38 -31.64
#